data_3HI1
#
_entry.id   3HI1
#
_cell.length_a   412.403
_cell.length_b   412.403
_cell.length_c   83.206
_cell.angle_alpha   90.00
_cell.angle_beta   90.00
_cell.angle_gamma   120.00
#
_symmetry.space_group_name_H-M   'H 3 2'
#
loop_
_entity.id
_entity.type
_entity.pdbx_description
1 polymer 'Glycoprotein 120'
2 polymer 'F105 Light Chain'
3 polymer 'F105 Heavy Chain'
4 non-polymer 2-acetamido-2-deoxy-beta-D-glucopyranose
5 water water
#
loop_
_entity_poly.entity_id
_entity_poly.type
_entity_poly.pdbx_seq_one_letter_code
_entity_poly.pdbx_strand_id
1 'polypeptide(L)'
;TENFNMWKNNMVEQMHEDIISLWDQSLKPCVKLTGGSVITQACPKVSFEPIPIHYCAPAGFAILKCNDKKFNGTGPCTNV
STVQCTHGIRPVVSTQLLLNGSLAEEEIVIRSENFTNNAKTIIVQLNESVVINCTRPNNNTRKSINIGPGRALYTTGEII
GDIRQAHCNLSKTQWENTLEQIAIKLKEQFGNNKTIIFNPSSGGDPEIVTHSFNCGGEFFYCNSTQLFTWNDTRKLNNTG
RNITLPCRIKQIINMWQEVGKAMYAPPIRGQIRCSSNITGLLLTRDGGKDTNGTEIFRPGGGDMRDNWRSELYKYKVVKI
E
;
G,J
2 'polypeptide(L)'
;EIVLTQSPGTLSLSAGERATLSCRASQSVSSRYLAWYQQKPGQAPRLLIYGASSRATGIPDRFSGSGSGTDFTLTISRVE
PEDFAVYYCQQYDNSVCTFGQGTKLEIKRTVAAPSVFIFPPSDEQLKSGTASVVCLLNNFYPREAKVQWKVDNALQSGNS
QESVTEQDSKDSTYSLSSTLTLSKADYEKHKVYACEVTHQGLSSPVTKSFNRGEC
;
L,A
3 'polypeptide(L)'
;QVQLQESGPGLVKPSETLSLTCTVSGGSISSHYWSWIRQSPGKGLQWIGYIYYSGSTNYSPSLKSRVTISVETAKNQFSL
KLTSMTAADTAVYYCARGPVPAVFYGDYRLDPWGQGTLVTVSSASTKGPSVFPLAPSSKSTSGGTAALGCLVKDYFPEPV
TVSWNSGALTSGVHTFPAVLQSSGLYSLSSVVTVPSSSLGTQTYICNVNHKPSNTKVDKKVEPKS
;
H,B
#
loop_
_chem_comp.id
_chem_comp.type
_chem_comp.name
_chem_comp.formula
NAG D-saccharide, beta linking 2-acetamido-2-deoxy-beta-D-glucopyranose 'C8 H15 N O6'
#
# COMPACT_ATOMS: atom_id res chain seq x y z
N THR A 1 -6.12 -36.17 8.64
CA THR A 1 -5.01 -36.61 7.74
C THR A 1 -4.38 -35.43 7.02
N GLU A 2 -4.58 -34.23 7.55
CA GLU A 2 -4.10 -33.01 6.89
C GLU A 2 -2.75 -32.50 7.39
N ASN A 3 -1.85 -32.23 6.45
CA ASN A 3 -0.48 -31.85 6.79
C ASN A 3 -0.18 -30.36 6.82
N PHE A 4 0.59 -29.96 7.81
CA PHE A 4 1.05 -28.58 7.95
C PHE A 4 2.53 -28.58 8.25
N ASN A 5 3.28 -27.70 7.59
CA ASN A 5 4.69 -27.50 7.89
C ASN A 5 5.07 -26.03 7.90
N MET A 6 4.96 -25.41 9.07
CA MET A 6 5.18 -23.99 9.21
C MET A 6 6.58 -23.59 8.79
N TRP A 7 7.48 -24.57 8.69
CA TRP A 7 8.86 -24.26 8.40
C TRP A 7 9.21 -24.27 6.92
N LYS A 8 8.30 -24.80 6.10
CA LYS A 8 8.40 -24.65 4.67
C LYS A 8 7.06 -24.15 4.17
N ASN A 9 6.87 -22.84 4.21
CA ASN A 9 5.59 -22.24 3.89
C ASN A 9 5.78 -20.95 3.11
N ASN A 10 5.78 -21.06 1.79
CA ASN A 10 6.07 -19.92 0.92
C ASN A 10 5.35 -18.64 1.29
N MET A 11 4.29 -18.77 2.10
CA MET A 11 3.59 -17.59 2.56
C MET A 11 4.53 -16.72 3.36
N VAL A 12 5.42 -17.36 4.11
CA VAL A 12 6.42 -16.64 4.87
C VAL A 12 7.34 -15.90 3.93
N GLU A 13 7.99 -16.63 3.03
CA GLU A 13 8.85 -16.02 2.05
C GLU A 13 8.14 -14.87 1.37
N GLN A 14 6.91 -15.13 0.93
CA GLN A 14 6.13 -14.15 0.23
C GLN A 14 5.94 -12.88 1.04
N MET A 15 5.53 -13.04 2.29
CA MET A 15 5.27 -11.88 3.14
C MET A 15 6.51 -11.05 3.29
N HIS A 16 7.62 -11.72 3.58
CA HIS A 16 8.90 -11.05 3.72
C HIS A 16 9.19 -10.17 2.52
N GLU A 17 9.06 -10.75 1.33
CA GLU A 17 9.18 -10.00 0.09
C GLU A 17 8.42 -8.68 0.16
N ASP A 18 7.14 -8.78 0.49
CA ASP A 18 6.25 -7.64 0.53
C ASP A 18 6.73 -6.57 1.49
N ILE A 19 7.05 -6.98 2.71
CA ILE A 19 7.63 -6.09 3.70
C ILE A 19 8.86 -5.37 3.15
N ILE A 20 9.76 -6.12 2.53
CA ILE A 20 10.92 -5.52 1.88
C ILE A 20 10.50 -4.45 0.89
N SER A 21 9.59 -4.80 0.00
CA SER A 21 9.08 -3.85 -0.98
C SER A 21 8.55 -2.62 -0.28
N LEU A 22 7.71 -2.84 0.74
CA LEU A 22 7.12 -1.73 1.47
C LEU A 22 8.22 -0.79 1.94
N TRP A 23 9.39 -1.35 2.16
CA TRP A 23 10.51 -0.58 2.65
C TRP A 23 11.18 0.22 1.55
N ASP A 24 11.50 -0.43 0.44
CA ASP A 24 12.08 0.28 -0.71
C ASP A 24 11.12 1.35 -1.19
N GLN A 25 9.86 0.94 -1.39
CA GLN A 25 8.81 1.87 -1.73
C GLN A 25 8.93 3.14 -0.87
N SER A 26 9.19 2.96 0.41
CA SER A 26 9.21 4.07 1.35
C SER A 26 10.49 4.91 1.22
N LEU A 27 11.40 4.50 0.36
CA LEU A 27 12.66 5.23 0.19
C LEU A 27 12.75 5.98 -1.14
N LYS A 28 12.27 5.36 -2.20
CA LYS A 28 12.27 6.01 -3.50
C LYS A 28 11.50 7.32 -3.42
N PRO A 29 11.96 8.34 -4.15
CA PRO A 29 11.23 9.59 -4.22
C PRO A 29 10.21 9.54 -5.34
N CYS A 30 9.39 10.58 -5.45
CA CYS A 30 8.39 10.63 -6.52
C CYS A 30 9.05 10.89 -7.87
N VAL A 31 8.63 10.11 -8.86
CA VAL A 31 9.04 10.37 -10.24
C VAL A 31 8.11 11.43 -10.84
N LYS A 32 8.69 12.50 -11.37
CA LYS A 32 7.87 13.57 -11.95
C LYS A 32 7.04 13.01 -13.09
N LEU A 33 5.80 13.49 -13.20
CA LEU A 33 4.88 12.97 -14.19
C LEU A 33 4.89 13.81 -15.45
N THR A 34 4.29 13.29 -16.52
CA THR A 34 4.24 13.98 -17.79
C THR A 34 2.82 13.95 -18.38
N GLY A 35 2.57 14.81 -19.37
CA GLY A 35 1.25 14.92 -19.98
C GLY A 35 0.49 16.12 -19.45
N GLY A 36 -0.37 16.70 -20.29
CA GLY A 36 -1.16 17.86 -19.91
C GLY A 36 -2.20 17.54 -18.86
N SER A 37 -2.48 16.26 -18.67
CA SER A 37 -3.50 15.80 -17.72
C SER A 37 -2.93 15.10 -16.48
N VAL A 38 -2.32 15.88 -15.60
CA VAL A 38 -1.87 15.39 -14.29
C VAL A 38 -2.38 16.33 -13.20
N ILE A 39 -3.06 15.77 -12.21
CA ILE A 39 -3.66 16.59 -11.16
C ILE A 39 -2.60 17.38 -10.40
N THR A 40 -1.79 16.69 -9.59
CA THR A 40 -0.61 17.30 -9.00
C THR A 40 0.60 16.42 -9.23
N GLN A 41 1.77 16.96 -8.92
CA GLN A 41 3.00 16.19 -9.00
C GLN A 41 3.24 15.50 -7.67
N ALA A 42 2.48 15.89 -6.66
CA ALA A 42 2.57 15.31 -5.33
C ALA A 42 2.14 13.86 -5.33
N CYS A 43 3.07 12.95 -5.06
CA CYS A 43 2.77 11.54 -5.01
C CYS A 43 2.68 11.05 -3.56
N PRO A 44 1.79 10.08 -3.29
CA PRO A 44 1.62 9.61 -1.92
C PRO A 44 2.67 8.60 -1.51
N LYS A 45 3.27 8.82 -0.35
CA LYS A 45 4.22 7.87 0.22
C LYS A 45 3.70 7.36 1.55
N VAL A 46 3.52 6.05 1.65
CA VAL A 46 3.08 5.44 2.89
C VAL A 46 4.30 5.19 3.76
N SER A 47 4.28 5.75 4.97
CA SER A 47 5.40 5.59 5.88
C SER A 47 5.61 4.13 6.29
N PHE A 48 6.83 3.80 6.67
CA PHE A 48 7.18 2.43 7.01
C PHE A 48 6.72 2.08 8.42
N GLU A 49 5.46 1.66 8.53
CA GLU A 49 4.88 1.29 9.82
C GLU A 49 4.04 0.04 9.66
N PRO A 50 3.74 -0.65 10.78
CA PRO A 50 2.96 -1.89 10.73
C PRO A 50 1.60 -1.67 10.08
N ILE A 51 1.41 -2.28 8.92
CA ILE A 51 0.16 -2.13 8.17
C ILE A 51 -0.69 -3.40 8.31
N PRO A 52 -1.98 -3.23 8.58
CA PRO A 52 -2.88 -4.38 8.66
C PRO A 52 -3.01 -5.08 7.31
N ILE A 53 -2.63 -6.34 7.26
CA ILE A 53 -2.61 -7.08 5.99
C ILE A 53 -3.15 -8.49 6.14
N HIS A 54 -4.09 -8.84 5.27
CA HIS A 54 -4.54 -10.21 5.16
C HIS A 54 -3.85 -10.85 3.96
N TYR A 55 -3.67 -12.16 4.00
CA TYR A 55 -3.23 -12.87 2.82
C TYR A 55 -4.35 -13.73 2.29
N CYS A 56 -4.47 -13.81 0.97
CA CYS A 56 -5.67 -14.36 0.37
C CYS A 56 -5.40 -15.20 -0.86
N ALA A 57 -6.23 -16.21 -1.07
CA ALA A 57 -6.07 -17.13 -2.18
C ALA A 57 -6.88 -16.68 -3.38
N PRO A 58 -6.37 -16.90 -4.59
CA PRO A 58 -7.14 -16.66 -5.81
C PRO A 58 -8.21 -17.73 -5.98
N ALA A 59 -9.12 -17.53 -6.92
CA ALA A 59 -10.13 -18.53 -7.22
C ALA A 59 -9.45 -19.83 -7.66
N GLY A 60 -10.00 -20.95 -7.22
CA GLY A 60 -9.45 -22.26 -7.57
C GLY A 60 -8.39 -22.66 -6.56
N PHE A 61 -8.19 -21.81 -5.56
CA PHE A 61 -7.25 -22.08 -4.47
C PHE A 61 -7.94 -21.74 -3.16
N ALA A 62 -7.30 -22.11 -2.06
CA ALA A 62 -7.87 -21.84 -0.75
C ALA A 62 -6.81 -21.92 0.32
N ILE A 63 -7.11 -21.34 1.47
CA ILE A 63 -6.21 -21.38 2.61
C ILE A 63 -6.78 -22.26 3.71
N LEU A 64 -5.97 -23.19 4.18
CA LEU A 64 -6.37 -24.05 5.29
C LEU A 64 -5.88 -23.46 6.59
N LYS A 65 -6.76 -23.35 7.57
CA LYS A 65 -6.39 -22.87 8.88
C LYS A 65 -6.52 -23.98 9.91
N CYS A 66 -5.39 -24.41 10.45
CA CYS A 66 -5.40 -25.40 11.50
C CYS A 66 -5.93 -24.78 12.80
N ASN A 67 -6.83 -25.48 13.47
CA ASN A 67 -7.43 -24.96 14.69
C ASN A 67 -7.21 -25.85 15.93
N ASP A 68 -6.36 -26.87 15.79
CA ASP A 68 -6.03 -27.74 16.91
C ASP A 68 -5.50 -26.93 18.08
N LYS A 69 -6.02 -27.18 19.28
CA LYS A 69 -5.49 -26.55 20.49
C LYS A 69 -4.00 -26.85 20.61
N LYS A 70 -3.22 -25.82 20.97
CA LYS A 70 -1.76 -25.96 21.09
C LYS A 70 -1.21 -26.81 19.94
N PHE A 71 -1.37 -26.31 18.72
CA PHE A 71 -0.93 -27.04 17.53
C PHE A 71 0.59 -27.06 17.41
N ASN A 72 1.12 -28.22 17.05
CA ASN A 72 2.56 -28.44 16.91
C ASN A 72 3.20 -27.52 15.88
N GLY A 73 2.45 -27.18 14.85
CA GLY A 73 2.97 -26.36 13.77
C GLY A 73 3.46 -27.21 12.63
N THR A 74 3.77 -28.47 12.94
CA THR A 74 4.22 -29.42 11.94
C THR A 74 3.64 -30.79 12.19
N GLY A 75 3.15 -31.42 11.13
CA GLY A 75 2.50 -32.72 11.24
C GLY A 75 1.03 -32.59 10.88
N PRO A 76 0.23 -33.60 11.26
CA PRO A 76 -1.20 -33.61 10.97
C PRO A 76 -1.98 -32.63 11.84
N CYS A 77 -3.18 -32.27 11.40
CA CYS A 77 -4.07 -31.38 12.14
C CYS A 77 -5.49 -31.90 12.00
N THR A 78 -6.25 -31.87 13.09
CA THR A 78 -7.59 -32.46 13.10
C THR A 78 -8.71 -31.47 12.81
N ASN A 79 -8.76 -30.37 13.55
CA ASN A 79 -9.80 -29.35 13.33
C ASN A 79 -9.32 -28.25 12.39
N VAL A 80 -9.41 -28.52 11.09
CA VAL A 80 -8.86 -27.63 10.08
C VAL A 80 -9.94 -26.90 9.28
N SER A 81 -10.24 -25.67 9.64
CA SER A 81 -11.20 -24.89 8.86
C SER A 81 -10.54 -24.39 7.58
N THR A 82 -11.32 -24.27 6.50
CA THR A 82 -10.79 -23.75 5.24
C THR A 82 -11.36 -22.36 4.98
N VAL A 83 -10.48 -21.41 4.71
CA VAL A 83 -10.87 -20.01 4.60
C VAL A 83 -10.33 -19.34 3.36
N GLN A 84 -10.81 -18.13 3.09
CA GLN A 84 -10.36 -17.41 1.92
C GLN A 84 -9.17 -16.52 2.23
N CYS A 85 -9.10 -16.03 3.46
CA CYS A 85 -7.99 -15.17 3.89
C CYS A 85 -7.52 -15.48 5.30
N THR A 86 -6.33 -14.99 5.62
CA THR A 86 -5.83 -15.07 6.97
C THR A 86 -6.43 -13.93 7.76
N HIS A 87 -6.27 -13.98 9.09
CA HIS A 87 -6.61 -12.86 9.92
C HIS A 87 -5.70 -11.68 9.55
N GLY A 88 -6.11 -10.47 9.90
CA GLY A 88 -5.30 -9.28 9.65
C GLY A 88 -4.08 -9.26 10.54
N ILE A 89 -2.91 -9.06 9.95
CA ILE A 89 -1.68 -9.04 10.71
C ILE A 89 -0.98 -7.71 10.52
N ARG A 90 -0.64 -7.06 11.62
CA ARG A 90 0.15 -5.84 11.57
C ARG A 90 1.56 -6.18 11.97
N PRO A 91 2.37 -6.62 11.00
CA PRO A 91 3.68 -7.21 11.26
C PRO A 91 4.65 -6.16 11.73
N VAL A 92 5.47 -6.53 12.71
CA VAL A 92 6.45 -5.61 13.25
C VAL A 92 7.86 -6.12 12.99
N VAL A 93 8.70 -5.25 12.44
CA VAL A 93 10.08 -5.62 12.18
C VAL A 93 10.88 -5.60 13.47
N SER A 94 11.41 -6.74 13.88
CA SER A 94 12.27 -6.79 15.07
C SER A 94 13.16 -8.03 15.14
N THR A 95 14.09 -8.00 16.08
CA THR A 95 14.94 -9.15 16.37
C THR A 95 14.73 -9.54 17.82
N GLN A 96 15.10 -10.78 18.15
CA GLN A 96 15.05 -11.27 19.53
C GLN A 96 13.63 -11.35 20.08
N LEU A 97 12.95 -10.21 20.16
CA LEU A 97 11.60 -10.15 20.72
C LEU A 97 10.51 -9.95 19.67
N LEU A 98 9.53 -10.84 19.68
CA LEU A 98 8.35 -10.73 18.82
C LEU A 98 7.37 -9.75 19.45
N LEU A 99 6.92 -8.79 18.65
CA LEU A 99 6.13 -7.69 19.17
C LEU A 99 4.74 -7.58 18.57
N ASN A 100 3.77 -7.19 19.38
CA ASN A 100 2.39 -6.96 18.92
C ASN A 100 1.75 -8.17 18.25
N GLY A 101 2.20 -9.37 18.60
CA GLY A 101 1.71 -10.57 17.91
C GLY A 101 0.51 -11.23 18.57
N SER A 102 0.17 -12.43 18.11
CA SER A 102 -0.90 -13.20 18.69
C SER A 102 -0.42 -13.90 19.95
N LEU A 103 -1.32 -14.04 20.91
CA LEU A 103 -0.97 -14.69 22.17
C LEU A 103 -1.37 -16.16 22.16
N ALA A 104 -0.55 -16.99 22.79
CA ALA A 104 -0.84 -18.42 22.90
C ALA A 104 -2.19 -18.61 23.56
N GLU A 105 -3.02 -19.45 22.96
CA GLU A 105 -4.41 -19.58 23.37
C GLU A 105 -4.56 -19.82 24.88
N GLU A 106 -3.81 -20.77 25.41
CA GLU A 106 -3.97 -21.18 26.79
C GLU A 106 -2.74 -20.87 27.65
N GLU A 107 -1.68 -21.66 27.49
CA GLU A 107 -0.43 -21.44 28.20
C GLU A 107 0.72 -21.25 27.21
N ILE A 108 1.89 -20.89 27.74
CA ILE A 108 3.08 -20.67 26.92
C ILE A 108 3.34 -21.83 25.98
N VAL A 109 3.56 -21.54 24.71
CA VAL A 109 3.83 -22.55 23.70
C VAL A 109 5.17 -22.29 22.99
N ILE A 110 5.97 -23.33 22.83
CA ILE A 110 7.23 -23.20 22.09
C ILE A 110 7.26 -24.11 20.88
N ARG A 111 7.98 -23.69 19.84
CA ARG A 111 8.02 -24.44 18.59
C ARG A 111 9.41 -24.41 17.96
N SER A 112 9.77 -25.53 17.32
CA SER A 112 11.05 -25.65 16.63
C SER A 112 10.95 -26.71 15.54
N GLU A 113 11.59 -26.46 14.40
CA GLU A 113 11.58 -27.41 13.30
C GLU A 113 12.16 -28.73 13.78
N ASN A 114 12.77 -28.68 14.95
CA ASN A 114 13.41 -29.85 15.55
C ASN A 114 13.92 -29.27 16.86
N PHE A 115 14.00 -30.12 17.89
CA PHE A 115 14.41 -29.62 19.18
C PHE A 115 15.75 -30.28 19.44
N THR A 116 15.92 -31.51 18.96
CA THR A 116 17.20 -32.20 19.07
C THR A 116 18.23 -31.44 18.26
N ASN A 117 17.79 -30.86 17.15
CA ASN A 117 18.65 -30.03 16.34
C ASN A 117 18.74 -28.64 16.96
N ASN A 118 19.86 -28.38 17.64
CA ASN A 118 20.04 -27.10 18.32
C ASN A 118 20.27 -25.96 17.34
N ALA A 119 20.56 -26.32 16.10
CA ALA A 119 20.72 -25.33 15.04
C ALA A 119 19.40 -24.62 14.77
N LYS A 120 18.31 -25.37 14.79
CA LYS A 120 16.98 -24.82 14.51
C LYS A 120 16.54 -23.86 15.60
N THR A 121 15.94 -22.76 15.19
CA THR A 121 15.45 -21.75 16.12
C THR A 121 14.25 -22.24 16.88
N ILE A 122 14.05 -21.70 18.07
CA ILE A 122 12.88 -21.98 18.87
C ILE A 122 12.03 -20.72 18.97
N ILE A 123 10.78 -20.81 18.55
CA ILE A 123 9.87 -19.68 18.62
C ILE A 123 8.95 -19.81 19.83
N VAL A 124 9.04 -18.83 20.72
CA VAL A 124 8.19 -18.81 21.88
C VAL A 124 6.97 -17.95 21.62
N GLN A 125 5.80 -18.47 21.96
CA GLN A 125 4.58 -17.71 21.86
C GLN A 125 3.97 -17.59 23.25
N LEU A 126 3.91 -16.38 23.76
CA LEU A 126 3.43 -16.13 25.11
C LEU A 126 1.92 -16.12 25.17
N ASN A 127 1.38 -16.64 26.28
CA ASN A 127 -0.06 -16.59 26.49
C ASN A 127 -0.44 -15.29 27.18
N GLU A 128 0.53 -14.63 27.79
CA GLU A 128 0.29 -13.36 28.45
C GLU A 128 1.28 -12.32 27.98
N SER A 129 0.75 -11.25 27.38
CA SER A 129 1.56 -10.19 26.82
C SER A 129 2.37 -9.44 27.88
N VAL A 130 3.53 -8.94 27.49
CA VAL A 130 4.35 -8.10 28.36
C VAL A 130 4.58 -6.74 27.72
N VAL A 131 4.14 -5.69 28.40
CA VAL A 131 4.21 -4.34 27.86
C VAL A 131 5.63 -3.81 27.91
N ILE A 132 5.95 -2.86 27.02
CA ILE A 132 7.28 -2.27 26.96
C ILE A 132 7.27 -0.89 26.30
N ASN A 133 7.71 0.13 27.05
CA ASN A 133 7.64 1.50 26.53
C ASN A 133 8.97 2.09 26.09
N CYS A 134 8.97 2.67 24.89
CA CYS A 134 10.17 3.27 24.32
C CYS A 134 9.87 4.63 23.71
N THR A 135 10.83 5.55 23.80
CA THR A 135 10.58 6.92 23.36
C THR A 135 11.76 7.52 22.62
N ARG A 136 11.45 8.29 21.60
CA ARG A 136 12.42 9.13 20.91
C ARG A 136 12.95 10.18 21.86
N PRO A 137 14.27 10.36 21.90
CA PRO A 137 14.86 11.49 22.61
C PRO A 137 14.19 12.79 22.19
N ASN A 138 13.60 13.51 23.15
CA ASN A 138 12.87 14.74 22.86
C ASN A 138 13.73 15.60 21.92
N ASN A 139 13.31 15.68 20.66
CA ASN A 139 14.08 16.37 19.62
C ASN A 139 13.13 17.11 18.69
N ARG A 164 17.11 12.50 28.47
CA ARG A 164 16.14 12.03 27.47
C ARG A 164 16.79 11.11 26.44
N GLN A 165 17.56 10.14 26.93
CA GLN A 165 18.29 9.23 26.07
C GLN A 165 17.46 8.00 25.71
N ALA A 166 17.30 7.74 24.41
CA ALA A 166 16.48 6.63 23.93
C ALA A 166 16.64 5.38 24.80
N HIS A 167 15.51 4.84 25.24
CA HIS A 167 15.52 3.69 26.13
C HIS A 167 14.16 3.02 26.17
N CYS A 168 14.07 1.91 26.90
CA CYS A 168 12.82 1.18 27.03
C CYS A 168 12.61 0.68 28.46
N ASN A 169 11.39 0.84 28.96
CA ASN A 169 11.06 0.32 30.29
C ASN A 169 10.15 -0.90 30.27
N LEU A 170 10.22 -1.68 31.34
CA LEU A 170 9.62 -3.00 31.38
C LEU A 170 9.34 -3.41 32.82
N SER A 171 8.20 -4.05 33.07
CA SER A 171 7.88 -4.53 34.41
C SER A 171 8.76 -5.71 34.79
N LYS A 172 9.66 -5.48 35.75
CA LYS A 172 10.67 -6.47 36.11
C LYS A 172 10.07 -7.79 36.59
N THR A 173 9.41 -7.77 37.75
CA THR A 173 8.87 -8.97 38.36
C THR A 173 7.93 -9.72 37.40
N GLN A 174 7.38 -8.98 36.45
CA GLN A 174 6.52 -9.56 35.42
C GLN A 174 7.36 -10.30 34.38
N TRP A 175 8.49 -9.72 34.01
CA TRP A 175 9.37 -10.34 33.04
C TRP A 175 10.06 -11.57 33.62
N GLU A 176 10.66 -11.41 34.80
CA GLU A 176 11.31 -12.52 35.48
C GLU A 176 10.32 -13.67 35.57
N ASN A 177 9.09 -13.33 35.93
CA ASN A 177 8.00 -14.28 35.98
C ASN A 177 7.89 -15.06 34.67
N THR A 178 7.95 -14.32 33.56
CA THR A 178 7.80 -14.92 32.24
C THR A 178 8.92 -15.91 31.96
N LEU A 179 10.15 -15.48 32.17
CA LEU A 179 11.31 -16.34 31.95
C LEU A 179 11.16 -17.67 32.68
N GLU A 180 10.72 -17.61 33.93
CA GLU A 180 10.50 -18.81 34.73
C GLU A 180 9.48 -19.70 34.04
N GLN A 181 8.38 -19.09 33.61
CA GLN A 181 7.32 -19.82 32.92
C GLN A 181 7.84 -20.51 31.67
N ILE A 182 8.75 -19.83 30.98
CA ILE A 182 9.36 -20.39 29.79
C ILE A 182 10.25 -21.56 30.17
N ALA A 183 11.14 -21.33 31.12
CA ALA A 183 12.06 -22.36 31.59
C ALA A 183 11.32 -23.66 31.82
N ILE A 184 10.17 -23.56 32.47
CA ILE A 184 9.32 -24.71 32.74
C ILE A 184 8.98 -25.45 31.46
N LYS A 185 8.50 -24.71 30.47
CA LYS A 185 8.09 -25.29 29.18
C LYS A 185 9.25 -25.97 28.46
N LEU A 186 10.47 -25.58 28.82
CA LEU A 186 11.65 -26.18 28.23
C LEU A 186 12.04 -27.45 28.98
N LYS A 187 11.94 -27.41 30.30
CA LYS A 187 12.18 -28.58 31.12
C LYS A 187 11.26 -29.71 30.66
N GLU A 188 10.01 -29.35 30.41
CA GLU A 188 9.06 -30.31 29.87
C GLU A 188 9.57 -30.89 28.56
N GLN A 189 10.15 -30.03 27.75
CA GLN A 189 10.56 -30.43 26.39
C GLN A 189 11.88 -31.18 26.38
N PHE A 190 12.75 -30.89 27.34
CA PHE A 190 14.08 -31.49 27.34
C PHE A 190 14.35 -32.35 28.56
N GLY A 191 13.29 -32.81 29.23
CA GLY A 191 13.43 -33.56 30.47
C GLY A 191 13.68 -32.57 31.60
N ASN A 192 12.73 -32.49 32.52
CA ASN A 192 12.77 -31.49 33.58
C ASN A 192 13.78 -31.76 34.70
N ASN A 193 14.70 -32.70 34.45
CA ASN A 193 15.79 -32.96 35.37
C ASN A 193 16.98 -32.06 35.04
N LYS A 194 16.75 -31.14 34.11
CA LYS A 194 17.80 -30.26 33.61
C LYS A 194 17.65 -28.82 34.14
N THR A 195 18.76 -28.10 34.19
CA THR A 195 18.73 -26.71 34.63
C THR A 195 18.78 -25.76 33.45
N ILE A 196 17.89 -24.77 33.45
CA ILE A 196 17.81 -23.82 32.34
C ILE A 196 18.48 -22.50 32.68
N ILE A 197 19.31 -22.02 31.75
CA ILE A 197 19.98 -20.73 31.91
C ILE A 197 19.85 -19.90 30.64
N PHE A 198 19.67 -18.60 30.81
CA PHE A 198 19.61 -17.69 29.69
C PHE A 198 20.86 -16.82 29.64
N ASN A 199 21.48 -16.77 28.47
CA ASN A 199 22.62 -15.91 28.24
C ASN A 199 22.31 -14.90 27.15
N PRO A 200 22.94 -13.72 27.23
CA PRO A 200 22.79 -12.78 26.13
C PRO A 200 23.30 -13.40 24.84
N SER A 201 22.93 -12.81 23.71
CA SER A 201 23.40 -13.30 22.42
C SER A 201 24.89 -13.11 22.28
N SER A 202 25.57 -14.07 21.65
CA SER A 202 27.00 -13.94 21.39
C SER A 202 27.25 -13.12 20.13
N GLY A 203 28.44 -13.22 19.56
CA GLY A 203 28.81 -12.41 18.41
C GLY A 203 27.85 -12.47 17.24
N GLY A 204 27.79 -11.38 16.47
CA GLY A 204 26.95 -11.31 15.29
C GLY A 204 26.77 -9.89 14.82
N ASP A 205 25.89 -9.68 13.84
CA ASP A 205 25.54 -8.35 13.40
C ASP A 205 24.94 -7.56 14.55
N PRO A 206 25.05 -6.23 14.50
CA PRO A 206 24.55 -5.41 15.61
C PRO A 206 23.08 -5.69 15.87
N GLU A 207 22.28 -5.68 14.81
CA GLU A 207 20.85 -5.89 14.93
C GLU A 207 20.53 -7.22 15.57
N ILE A 208 21.35 -8.23 15.27
CA ILE A 208 21.13 -9.57 15.80
C ILE A 208 21.50 -9.66 17.26
N VAL A 209 22.59 -9.00 17.63
CA VAL A 209 23.08 -9.00 19.01
C VAL A 209 22.17 -8.22 19.93
N THR A 210 21.78 -7.02 19.51
CA THR A 210 20.86 -6.22 20.28
C THR A 210 19.45 -6.66 19.96
N HIS A 211 18.49 -6.22 20.76
CA HIS A 211 17.11 -6.29 20.36
C HIS A 211 16.85 -5.02 19.57
N SER A 212 16.76 -5.16 18.27
CA SER A 212 16.50 -4.00 17.41
C SER A 212 15.08 -4.07 16.88
N PHE A 213 14.59 -2.94 16.38
CA PHE A 213 13.23 -2.90 15.84
C PHE A 213 12.89 -1.59 15.15
N ASN A 214 11.90 -1.65 14.27
CA ASN A 214 11.47 -0.48 13.51
C ASN A 214 10.57 0.44 14.33
N CYS A 215 10.64 1.73 14.03
CA CYS A 215 9.66 2.67 14.55
C CYS A 215 9.47 3.86 13.62
N GLY A 216 8.77 3.63 12.53
CA GLY A 216 8.49 4.68 11.57
C GLY A 216 9.65 4.97 10.64
N GLY A 217 10.50 3.98 10.42
CA GLY A 217 11.66 4.15 9.54
C GLY A 217 12.93 4.48 10.32
N GLU A 218 12.79 4.60 11.63
CA GLU A 218 13.93 4.74 12.50
C GLU A 218 14.07 3.46 13.32
N PHE A 219 15.29 2.99 13.49
CA PHE A 219 15.50 1.70 14.11
C PHE A 219 16.18 1.78 15.46
N PHE A 220 15.54 1.20 16.47
CA PHE A 220 16.11 1.13 17.79
C PHE A 220 17.02 -0.09 17.93
N TYR A 221 18.08 0.07 18.69
CA TYR A 221 18.96 -1.04 19.03
C TYR A 221 19.06 -1.06 20.53
N CYS A 222 18.78 -2.19 21.16
CA CYS A 222 18.71 -2.21 22.61
C CYS A 222 19.50 -3.31 23.32
N ASN A 223 20.38 -2.88 24.21
CA ASN A 223 21.19 -3.79 24.99
C ASN A 223 20.30 -4.62 25.89
N SER A 224 20.11 -5.88 25.51
CA SER A 224 19.21 -6.74 26.24
C SER A 224 19.97 -7.69 27.17
N THR A 225 21.17 -7.29 27.57
CA THR A 225 21.93 -8.10 28.51
C THR A 225 21.10 -8.39 29.75
N GLN A 226 20.36 -7.38 30.18
CA GLN A 226 19.54 -7.50 31.38
C GLN A 226 18.33 -8.40 31.17
N LEU A 227 17.99 -8.66 29.92
CA LEU A 227 16.80 -9.44 29.62
C LEU A 227 17.08 -10.93 29.60
N PHE A 228 18.35 -11.28 29.43
CA PHE A 228 18.68 -12.68 29.21
C PHE A 228 19.79 -13.19 30.10
N THR A 229 19.80 -12.71 31.33
CA THR A 229 20.70 -13.24 32.33
C THR A 229 19.85 -13.68 33.50
N TRP A 230 19.21 -14.83 33.36
CA TRP A 230 18.28 -15.30 34.39
C TRP A 230 18.65 -16.64 35.01
N ASN A 231 18.39 -16.76 36.31
CA ASN A 231 18.51 -18.01 37.08
C ASN A 231 17.89 -17.85 38.47
N ASP A 232 18.23 -18.75 39.39
CA ASP A 232 17.64 -18.74 40.73
C ASP A 232 18.65 -18.29 41.78
N ARG A 241 10.89 -1.61 40.68
CA ARG A 241 10.56 -2.96 40.22
C ARG A 241 10.31 -2.98 38.70
N ASN A 242 11.17 -2.30 37.96
CA ASN A 242 11.08 -2.29 36.50
C ASN A 242 12.47 -2.23 35.83
N ILE A 243 12.53 -2.63 34.57
CA ILE A 243 13.81 -2.74 33.85
C ILE A 243 13.98 -1.62 32.82
N THR A 244 15.21 -1.15 32.65
CA THR A 244 15.51 -0.08 31.69
C THR A 244 16.58 -0.49 30.68
N LEU A 245 16.23 -0.48 29.40
CA LEU A 245 17.16 -0.84 28.34
C LEU A 245 17.64 0.38 27.57
N PRO A 246 18.96 0.55 27.44
CA PRO A 246 19.53 1.65 26.69
C PRO A 246 19.48 1.34 25.21
N CYS A 247 19.20 2.35 24.38
CA CYS A 247 19.06 2.11 22.95
C CYS A 247 19.66 3.21 22.08
N ARG A 248 20.16 2.83 20.92
CA ARG A 248 20.65 3.79 19.94
C ARG A 248 19.60 3.94 18.85
N ILE A 249 19.69 4.99 18.06
CA ILE A 249 18.73 5.19 16.98
C ILE A 249 19.39 5.45 15.64
N LYS A 250 19.63 4.38 14.89
CA LYS A 250 20.10 4.49 13.53
C LYS A 250 18.95 5.02 12.69
N GLN A 251 19.24 5.99 11.85
CA GLN A 251 18.18 6.59 11.05
C GLN A 251 18.22 6.15 9.59
N ILE A 252 17.24 6.60 8.82
CA ILE A 252 17.16 6.26 7.40
C ILE A 252 18.50 6.46 6.71
N ILE A 253 18.96 7.71 6.66
CA ILE A 253 20.25 8.02 6.06
C ILE A 253 20.34 7.50 4.63
N ASN A 254 19.68 8.20 3.71
CA ASN A 254 19.62 7.77 2.32
C ASN A 254 18.72 6.56 2.14
N MET A 255 18.57 6.11 0.89
CA MET A 255 19.31 6.68 -0.21
C MET A 255 18.52 7.53 -1.20
N TRP A 256 19.05 7.67 -2.41
CA TRP A 256 18.44 8.53 -3.42
C TRP A 256 18.21 9.94 -2.87
N GLN A 257 19.29 10.72 -2.78
CA GLN A 257 19.23 12.03 -2.14
C GLN A 257 20.34 12.94 -2.64
N GLU A 258 21.45 12.34 -3.07
CA GLU A 258 22.62 13.10 -3.54
C GLU A 258 22.26 14.34 -4.37
N VAL A 259 22.94 15.46 -4.09
CA VAL A 259 22.68 16.74 -4.76
C VAL A 259 21.21 17.18 -4.64
N GLY A 260 20.64 16.98 -3.46
CA GLY A 260 19.24 17.37 -3.19
C GLY A 260 18.97 17.64 -1.72
N LYS A 261 19.30 18.85 -1.28
CA LYS A 261 19.12 19.25 0.12
C LYS A 261 18.74 20.72 0.21
N ALA A 262 17.49 21.02 -0.11
CA ALA A 262 17.01 22.41 -0.15
C ALA A 262 15.95 22.70 0.91
N MET A 263 15.45 21.67 1.56
CA MET A 263 14.31 21.81 2.46
C MET A 263 14.75 21.67 3.91
N TYR A 264 13.78 21.50 4.80
CA TYR A 264 14.04 21.46 6.24
C TYR A 264 14.09 20.02 6.76
N ALA A 265 13.89 19.86 8.06
CA ALA A 265 14.09 18.58 8.71
C ALA A 265 12.77 17.82 8.84
N PRO A 266 12.82 16.64 9.46
CA PRO A 266 11.71 15.69 9.41
C PRO A 266 10.44 16.27 10.02
N PRO A 267 9.32 15.58 9.83
CA PRO A 267 7.99 16.16 10.09
C PRO A 267 7.45 15.72 11.45
N ILE A 268 7.13 14.44 11.56
CA ILE A 268 6.60 13.88 12.83
C ILE A 268 7.56 12.89 13.51
N ARG A 269 8.62 13.44 14.11
CA ARG A 269 9.60 12.65 14.89
C ARG A 269 10.17 13.45 16.08
N GLY A 270 9.30 13.84 17.01
CA GLY A 270 9.71 14.54 18.23
C GLY A 270 9.81 13.62 19.43
N GLN A 271 8.72 12.90 19.71
CA GLN A 271 8.70 11.85 20.72
C GLN A 271 7.76 10.74 20.23
N ILE A 272 8.30 9.83 19.44
CA ILE A 272 7.49 8.82 18.76
C ILE A 272 6.94 7.74 19.71
N ARG A 273 5.67 7.41 19.54
CA ARG A 273 5.05 6.29 20.27
C ARG A 273 5.48 4.95 19.69
N CYS A 274 6.40 4.30 20.39
CA CYS A 274 6.94 3.02 19.96
C CYS A 274 6.52 1.88 20.89
N SER A 275 6.06 2.24 22.09
CA SER A 275 5.61 1.25 23.07
C SER A 275 4.73 0.15 22.46
N SER A 276 4.92 -1.09 22.92
CA SER A 276 4.26 -2.24 22.30
C SER A 276 4.09 -3.44 23.22
N ASN A 277 3.56 -4.53 22.64
CA ASN A 277 3.29 -5.75 23.37
C ASN A 277 4.23 -6.88 22.98
N ILE A 278 5.02 -7.36 23.93
CA ILE A 278 5.90 -8.49 23.67
C ILE A 278 5.11 -9.78 23.73
N THR A 279 4.95 -10.42 22.59
CA THR A 279 4.11 -11.61 22.50
C THR A 279 4.90 -12.86 22.11
N GLY A 280 6.23 -12.76 22.10
CA GLY A 280 7.05 -13.90 21.73
C GLY A 280 8.54 -13.64 21.67
N LEU A 281 9.31 -14.72 21.53
CA LEU A 281 10.76 -14.66 21.51
C LEU A 281 11.32 -15.60 20.46
N LEU A 282 12.51 -15.28 19.97
CA LEU A 282 13.24 -16.21 19.13
C LEU A 282 14.44 -16.65 19.94
N LEU A 283 14.61 -17.96 20.09
CA LEU A 283 15.73 -18.49 20.86
C LEU A 283 16.52 -19.54 20.11
N THR A 284 17.76 -19.72 20.52
CA THR A 284 18.58 -20.82 20.03
C THR A 284 19.33 -21.42 21.20
N ARG A 285 19.64 -22.71 21.10
CA ARG A 285 20.23 -23.43 22.21
C ARG A 285 21.69 -23.78 21.89
N ASP A 286 22.52 -23.80 22.92
CA ASP A 286 23.94 -24.12 22.76
C ASP A 286 24.20 -25.61 22.74
N GLY A 287 25.25 -26.02 22.04
CA GLY A 287 25.59 -27.43 21.94
C GLY A 287 27.08 -27.67 22.01
N GLY A 288 27.60 -27.78 23.24
CA GLY A 288 29.00 -28.13 23.46
C GLY A 288 29.11 -29.47 24.14
N LYS A 289 30.26 -30.11 24.03
CA LYS A 289 30.48 -31.41 24.67
C LYS A 289 30.22 -31.35 26.17
N ASP A 290 30.71 -30.29 26.82
CA ASP A 290 30.62 -30.18 28.27
C ASP A 290 29.47 -29.31 28.75
N THR A 291 28.24 -29.79 28.51
CA THR A 291 27.04 -29.21 29.09
C THR A 291 26.22 -30.36 29.65
N ASN A 292 25.99 -30.36 30.95
CA ASN A 292 25.38 -31.51 31.61
C ASN A 292 24.07 -31.22 32.28
N GLY A 293 23.02 -31.90 31.84
CA GLY A 293 21.68 -31.61 32.31
C GLY A 293 21.41 -30.12 32.20
N THR A 294 22.45 -29.38 31.86
CA THR A 294 22.37 -27.92 31.83
C THR A 294 22.28 -27.38 30.40
N GLU A 295 21.29 -26.52 30.17
CA GLU A 295 21.02 -25.99 28.85
C GLU A 295 21.01 -24.46 28.82
N ILE A 296 21.76 -23.90 27.88
CA ILE A 296 21.86 -22.45 27.73
C ILE A 296 21.06 -21.97 26.52
N PHE A 297 20.34 -20.87 26.71
CA PHE A 297 19.51 -20.31 25.65
C PHE A 297 19.84 -18.84 25.41
N ARG A 298 19.63 -18.38 24.18
CA ARG A 298 19.99 -17.02 23.79
C ARG A 298 19.02 -16.46 22.76
N PRO A 299 19.22 -15.20 22.39
CA PRO A 299 18.13 -14.23 22.31
C PRO A 299 17.55 -14.13 20.91
N GLY A 300 18.34 -14.53 19.91
CA GLY A 300 18.02 -14.25 18.53
C GLY A 300 18.26 -15.43 17.61
N GLY A 301 17.22 -15.86 16.92
CA GLY A 301 17.22 -17.14 16.24
C GLY A 301 16.76 -17.05 14.80
N GLY A 302 17.69 -17.24 13.88
CA GLY A 302 17.38 -17.27 12.47
C GLY A 302 17.27 -15.87 11.86
N ASP A 303 16.42 -15.74 10.84
CA ASP A 303 16.15 -14.43 10.24
C ASP A 303 14.73 -13.97 10.55
N MET A 304 14.34 -12.86 9.94
CA MET A 304 13.04 -12.28 10.20
C MET A 304 11.90 -13.05 9.60
N ARG A 305 12.20 -13.88 8.61
CA ARG A 305 11.17 -14.75 8.06
C ARG A 305 10.52 -15.44 9.24
N ASP A 306 11.32 -15.78 10.25
CA ASP A 306 10.81 -16.43 11.44
C ASP A 306 9.77 -15.61 12.21
N ASN A 307 9.83 -14.28 12.11
CA ASN A 307 8.80 -13.44 12.69
C ASN A 307 7.47 -13.74 12.03
N TRP A 308 7.42 -13.57 10.71
CA TRP A 308 6.21 -13.82 9.95
C TRP A 308 5.73 -15.23 10.24
N ARG A 309 6.69 -16.15 10.25
CA ARG A 309 6.42 -17.54 10.50
C ARG A 309 5.58 -17.73 11.77
N SER A 310 5.81 -16.88 12.77
CA SER A 310 5.14 -17.03 14.06
C SER A 310 3.66 -16.66 13.99
N GLU A 311 3.29 -15.92 12.95
CA GLU A 311 1.90 -15.52 12.76
C GLU A 311 1.19 -16.42 11.76
N LEU A 312 1.96 -16.89 10.78
CA LEU A 312 1.41 -17.68 9.67
C LEU A 312 1.45 -19.18 9.92
N TYR A 313 1.93 -19.58 11.09
CA TYR A 313 2.15 -20.99 11.35
C TYR A 313 0.89 -21.84 11.13
N LYS A 314 -0.26 -21.31 11.47
CA LYS A 314 -1.50 -22.08 11.40
C LYS A 314 -2.18 -22.05 10.03
N TYR A 315 -1.51 -21.51 9.02
CA TYR A 315 -2.11 -21.40 7.69
C TYR A 315 -1.31 -22.12 6.61
N LYS A 316 -1.98 -22.44 5.51
CA LYS A 316 -1.34 -23.06 4.36
C LYS A 316 -2.18 -22.74 3.13
N VAL A 317 -1.52 -22.53 2.00
CA VAL A 317 -2.24 -22.28 0.75
C VAL A 317 -2.26 -23.57 -0.05
N VAL A 318 -3.37 -23.85 -0.72
CA VAL A 318 -3.50 -25.12 -1.46
C VAL A 318 -4.60 -25.08 -2.53
N LYS A 319 -4.45 -25.93 -3.54
CA LYS A 319 -5.28 -25.84 -4.74
C LYS A 319 -6.57 -26.64 -4.69
N ILE A 320 -7.55 -26.18 -5.47
CA ILE A 320 -8.85 -26.82 -5.55
C ILE A 320 -9.05 -27.49 -6.91
N GLU A 321 -9.69 -28.66 -6.89
CA GLU A 321 -10.09 -29.36 -8.11
C GLU A 321 -10.62 -30.75 -7.80
N GLU B 1 28.00 -5.71 -15.25
CA GLU B 1 28.52 -5.68 -13.86
C GLU B 1 29.58 -4.61 -13.66
N ILE B 2 29.59 -4.04 -12.46
CA ILE B 2 30.39 -2.85 -12.18
C ILE B 2 31.89 -3.13 -12.10
N VAL B 3 32.67 -2.13 -12.47
CA VAL B 3 34.12 -2.21 -12.44
C VAL B 3 34.69 -1.06 -11.62
N LEU B 4 35.44 -1.39 -10.57
CA LEU B 4 36.04 -0.38 -9.71
C LEU B 4 37.49 -0.07 -10.04
N THR B 5 37.76 1.19 -10.36
CA THR B 5 39.12 1.61 -10.68
C THR B 5 39.66 2.53 -9.61
N GLN B 6 40.77 2.13 -9.00
CA GLN B 6 41.32 2.84 -7.84
C GLN B 6 42.28 3.94 -8.27
N SER B 7 42.70 4.76 -7.32
CA SER B 7 42.91 6.18 -7.56
C SER B 7 44.28 6.43 -8.20
N PRO B 8 45.34 6.22 -7.43
CA PRO B 8 46.67 5.96 -7.98
C PRO B 8 47.13 4.55 -7.68
N GLY B 9 47.60 3.84 -8.70
CA GLY B 9 48.22 2.54 -8.52
C GLY B 9 49.11 2.49 -7.29
N THR B 10 50.10 3.38 -7.24
CA THR B 10 50.94 3.50 -6.07
C THR B 10 50.90 4.94 -5.57
N LEU B 11 50.95 5.09 -4.27
CA LEU B 11 50.96 6.38 -3.64
C LEU B 11 51.98 6.36 -2.52
N SER B 12 52.91 7.31 -2.54
CA SER B 12 54.01 7.27 -1.59
C SER B 12 54.24 8.61 -0.91
N LEU B 13 54.09 8.66 0.42
CA LEU B 13 54.43 9.88 1.15
C LEU B 13 55.02 9.64 2.52
N SER B 14 55.45 10.73 3.15
CA SER B 14 56.08 10.69 4.47
C SER B 14 54.99 10.69 5.54
N ALA B 15 55.39 10.33 6.76
CA ALA B 15 54.48 10.34 7.90
C ALA B 15 54.04 11.77 8.21
N GLY B 16 52.77 11.92 8.59
CA GLY B 16 52.24 13.24 8.91
C GLY B 16 51.48 13.86 7.75
N GLU B 17 51.80 13.44 6.53
CA GLU B 17 51.13 13.96 5.34
C GLU B 17 49.72 13.40 5.20
N ARG B 18 48.93 14.01 4.33
CA ARG B 18 47.57 13.57 4.08
C ARG B 18 47.48 12.71 2.81
N ALA B 19 46.81 11.58 2.93
CA ALA B 19 46.69 10.65 1.80
C ALA B 19 45.28 10.66 1.23
N THR B 20 45.18 10.78 -0.09
CA THR B 20 43.90 10.71 -0.76
C THR B 20 43.87 9.61 -1.80
N LEU B 21 43.04 8.60 -1.54
CA LEU B 21 42.84 7.50 -2.48
C LEU B 21 41.42 7.57 -2.99
N SER B 22 41.27 7.53 -4.31
CA SER B 22 39.95 7.57 -4.90
C SER B 22 39.55 6.22 -5.47
N CYS B 23 38.26 6.07 -5.72
CA CYS B 23 37.71 4.84 -6.28
C CYS B 23 36.62 5.28 -7.23
N ARG B 24 36.72 4.86 -8.48
CA ARG B 24 35.75 5.28 -9.48
C ARG B 24 35.06 4.09 -10.14
N ALA B 25 33.74 4.10 -10.07
CA ALA B 25 32.94 3.01 -10.58
C ALA B 25 32.58 3.24 -12.04
N SER B 26 32.48 2.15 -12.80
CA SER B 26 32.08 2.21 -14.19
C SER B 26 30.67 2.76 -14.33
N GLN B 27 29.88 2.62 -13.27
CA GLN B 27 28.50 3.10 -13.24
C GLN B 27 28.20 3.86 -11.95
N SER B 28 26.94 4.21 -11.76
CA SER B 28 26.54 4.88 -10.54
C SER B 28 26.24 3.85 -9.47
N VAL B 29 26.62 4.17 -8.23
CA VAL B 29 26.54 3.22 -7.13
C VAL B 29 26.04 3.87 -5.85
N SER B 30 25.17 3.17 -5.14
CA SER B 30 24.68 3.67 -3.86
C SER B 30 25.76 3.58 -2.80
N SER B 31 25.83 4.60 -1.94
CA SER B 31 26.84 4.67 -0.92
C SER B 31 26.73 3.57 0.13
N ARG B 32 25.55 2.99 0.31
CA ARG B 32 25.39 1.95 1.31
C ARG B 32 26.29 0.77 1.01
N TYR B 33 26.65 0.62 -0.26
CA TYR B 33 27.29 -0.60 -0.73
C TYR B 33 28.78 -0.48 -0.96
N LEU B 34 29.33 0.71 -0.75
CA LEU B 34 30.75 0.92 -0.93
C LEU B 34 31.52 0.79 0.37
N ALA B 35 32.59 0.00 0.34
CA ALA B 35 33.46 -0.17 1.50
C ALA B 35 34.94 -0.09 1.12
N TRP B 36 35.78 0.19 2.11
CA TRP B 36 37.23 0.20 1.93
C TRP B 36 37.88 -0.79 2.89
N TYR B 37 38.96 -1.41 2.45
CA TYR B 37 39.69 -2.34 3.30
C TYR B 37 41.19 -2.06 3.27
N GLN B 38 41.84 -2.36 4.39
CA GLN B 38 43.28 -2.15 4.52
C GLN B 38 43.96 -3.49 4.66
N GLN B 39 44.87 -3.81 3.75
CA GLN B 39 45.63 -5.04 3.87
C GLN B 39 47.11 -4.76 4.10
N LYS B 40 47.56 -5.03 5.31
CA LYS B 40 48.97 -5.00 5.64
C LYS B 40 49.60 -6.29 5.13
N PRO B 41 50.91 -6.24 4.85
CA PRO B 41 51.61 -7.38 4.25
C PRO B 41 51.55 -8.57 5.16
N GLY B 42 51.17 -9.72 4.61
CA GLY B 42 51.17 -10.96 5.35
C GLY B 42 49.87 -11.21 6.08
N GLN B 43 48.97 -10.24 6.05
CA GLN B 43 47.70 -10.38 6.76
C GLN B 43 46.49 -10.40 5.85
N ALA B 44 45.38 -10.88 6.38
CA ALA B 44 44.09 -10.72 5.72
C ALA B 44 43.68 -9.24 5.76
N PRO B 45 42.83 -8.84 4.82
CA PRO B 45 42.29 -7.48 4.82
C PRO B 45 41.46 -7.18 6.05
N ARG B 46 41.41 -5.90 6.42
CA ARG B 46 40.63 -5.46 7.58
C ARG B 46 39.62 -4.44 7.09
N LEU B 47 38.36 -4.57 7.51
CA LEU B 47 37.37 -3.58 7.13
C LEU B 47 37.74 -2.22 7.70
N LEU B 48 37.80 -1.22 6.84
CA LEU B 48 38.17 0.13 7.23
C LEU B 48 36.94 1.03 7.30
N ILE B 49 36.25 1.14 6.17
CA ILE B 49 35.06 1.99 6.05
C ILE B 49 33.95 1.23 5.36
N TYR B 50 32.74 1.30 5.92
CA TYR B 50 31.59 0.71 5.25
C TYR B 50 30.55 1.80 5.01
N GLY B 51 29.66 1.54 4.07
CA GLY B 51 28.65 2.53 3.73
C GLY B 51 29.28 3.85 3.33
N ALA B 52 30.39 3.76 2.60
CA ALA B 52 31.05 4.94 2.02
C ALA B 52 31.80 5.78 3.06
N SER B 53 31.10 6.18 4.11
CA SER B 53 31.70 7.08 5.10
C SER B 53 31.61 6.63 6.55
N SER B 54 31.13 5.42 6.77
CA SER B 54 31.01 4.94 8.15
C SER B 54 32.28 4.22 8.56
N ARG B 55 32.86 4.68 9.66
CA ARG B 55 34.09 4.11 10.19
C ARG B 55 33.80 2.79 10.89
N ALA B 56 34.50 1.73 10.50
CA ALA B 56 34.38 0.45 11.18
C ALA B 56 34.79 0.65 12.63
N THR B 57 34.26 -0.17 13.53
CA THR B 57 34.60 -0.01 14.93
C THR B 57 36.06 -0.35 15.17
N GLY B 58 36.68 0.32 16.13
CA GLY B 58 38.09 0.07 16.43
C GLY B 58 39.05 0.79 15.52
N ILE B 59 38.57 1.28 14.39
CA ILE B 59 39.42 1.98 13.43
C ILE B 59 39.70 3.41 13.88
N PRO B 60 40.98 3.79 13.91
CA PRO B 60 41.45 5.14 14.25
C PRO B 60 40.78 6.21 13.40
N ASP B 61 40.32 7.27 14.03
CA ASP B 61 39.49 8.26 13.37
C ASP B 61 40.24 9.15 12.40
N ARG B 62 41.53 8.88 12.21
CA ARG B 62 42.28 9.62 11.20
C ARG B 62 41.96 9.12 9.79
N PHE B 63 41.08 8.12 9.72
CA PHE B 63 40.55 7.62 8.46
C PHE B 63 39.15 8.18 8.25
N SER B 64 38.85 8.61 7.04
CA SER B 64 37.49 9.04 6.72
C SER B 64 37.09 8.68 5.29
N GLY B 65 35.81 8.45 5.09
CA GLY B 65 35.30 8.10 3.77
C GLY B 65 34.38 9.19 3.25
N SER B 66 34.24 9.25 1.92
CA SER B 66 33.46 10.30 1.31
C SER B 66 33.10 9.95 -0.13
N GLY B 67 32.24 10.78 -0.73
CA GLY B 67 31.87 10.62 -2.13
C GLY B 67 30.58 9.85 -2.32
N SER B 68 30.10 9.83 -3.56
CA SER B 68 28.90 9.08 -3.91
C SER B 68 28.74 9.06 -5.42
N GLY B 69 27.74 8.31 -5.91
CA GLY B 69 27.49 8.24 -7.33
C GLY B 69 28.51 7.38 -8.04
N THR B 70 29.60 7.98 -8.49
CA THR B 70 30.64 7.23 -9.18
C THR B 70 32.00 7.39 -8.53
N ASP B 71 32.23 8.53 -7.89
CA ASP B 71 33.53 8.83 -7.31
C ASP B 71 33.53 8.80 -5.80
N PHE B 72 34.43 8.02 -5.23
CA PHE B 72 34.53 7.87 -3.78
C PHE B 72 35.94 8.03 -3.32
N THR B 73 36.12 8.48 -2.08
CA THR B 73 37.44 8.80 -1.57
C THR B 73 37.69 8.35 -0.15
N LEU B 74 38.77 7.61 0.02
CA LEU B 74 39.28 7.32 1.34
C LEU B 74 40.33 8.38 1.65
N THR B 75 40.28 8.93 2.85
CA THR B 75 41.24 9.96 3.22
C THR B 75 41.86 9.68 4.58
N ILE B 76 43.20 9.74 4.63
CA ILE B 76 43.93 9.62 5.88
C ILE B 76 44.55 10.98 6.18
N SER B 77 44.13 11.59 7.27
CA SER B 77 44.55 12.95 7.60
C SER B 77 46.04 13.04 7.94
N ARG B 78 46.48 12.16 8.83
CA ARG B 78 47.86 12.18 9.31
C ARG B 78 48.48 10.79 9.18
N VAL B 79 49.16 10.54 8.06
CA VAL B 79 49.74 9.22 7.80
C VAL B 79 50.70 8.73 8.87
N GLU B 80 50.60 7.45 9.22
CA GLU B 80 51.48 6.84 10.20
C GLU B 80 52.42 5.83 9.55
N PRO B 81 53.49 5.45 10.27
CA PRO B 81 54.47 4.54 9.71
C PRO B 81 53.83 3.19 9.36
N GLU B 82 52.83 2.80 10.15
CA GLU B 82 52.21 1.49 9.96
C GLU B 82 50.90 1.60 9.20
N ASP B 83 50.65 2.76 8.61
CA ASP B 83 49.55 2.86 7.66
C ASP B 83 50.01 2.28 6.34
N PHE B 84 51.19 1.69 6.35
CA PHE B 84 51.73 1.03 5.18
C PHE B 84 50.89 -0.19 4.86
N ALA B 85 50.18 -0.15 3.75
CA ALA B 85 49.29 -1.24 3.37
C ALA B 85 48.80 -1.07 1.93
N VAL B 86 48.11 -2.08 1.43
CA VAL B 86 47.38 -1.93 0.20
C VAL B 86 45.93 -1.64 0.57
N TYR B 87 45.28 -0.79 -0.21
CA TYR B 87 43.95 -0.33 0.13
C TYR B 87 42.96 -0.62 -0.99
N TYR B 88 41.90 -1.34 -0.65
CA TYR B 88 40.92 -1.74 -1.63
C TYR B 88 39.57 -1.15 -1.34
N CYS B 89 38.92 -0.57 -2.35
CA CYS B 89 37.51 -0.24 -2.27
C CYS B 89 36.71 -1.41 -2.84
N GLN B 90 35.54 -1.65 -2.27
CA GLN B 90 34.71 -2.77 -2.68
C GLN B 90 33.26 -2.37 -2.72
N GLN B 91 32.50 -3.01 -3.59
CA GLN B 91 31.06 -2.77 -3.65
C GLN B 91 30.29 -4.05 -3.91
N TYR B 92 29.03 -4.07 -3.48
CA TYR B 92 28.16 -5.21 -3.74
C TYR B 92 26.91 -4.76 -4.45
N ASP B 93 26.71 -5.26 -5.67
CA ASP B 93 25.58 -4.86 -6.45
C ASP B 93 25.17 -5.97 -7.37
N ASN B 94 23.87 -6.14 -7.54
CA ASN B 94 23.37 -7.07 -8.52
C ASN B 94 23.87 -8.47 -8.18
N SER B 95 23.85 -8.79 -6.90
CA SER B 95 24.20 -10.12 -6.42
C SER B 95 25.68 -10.44 -6.59
N VAL B 96 26.48 -9.42 -6.89
CA VAL B 96 27.91 -9.64 -7.10
C VAL B 96 28.78 -8.60 -6.40
N CYS B 97 29.85 -9.07 -5.79
CA CYS B 97 30.71 -8.25 -4.96
C CYS B 97 32.07 -8.07 -5.63
N THR B 98 32.39 -6.85 -6.07
CA THR B 98 33.66 -6.61 -6.73
C THR B 98 34.60 -5.69 -5.94
N PHE B 99 35.89 -5.80 -6.21
CA PHE B 99 36.90 -4.93 -5.59
C PHE B 99 37.61 -4.10 -6.65
N GLY B 100 38.19 -2.97 -6.25
CA GLY B 100 39.15 -2.27 -7.11
C GLY B 100 40.46 -3.03 -7.08
N GLN B 101 41.43 -2.66 -7.91
CA GLN B 101 42.67 -3.43 -7.88
C GLN B 101 43.63 -2.99 -6.77
N GLY B 102 43.21 -1.97 -6.03
CA GLY B 102 43.92 -1.57 -4.83
C GLY B 102 44.92 -0.46 -5.09
N THR B 103 45.29 0.23 -4.02
CA THR B 103 46.28 1.28 -4.09
C THR B 103 47.36 0.95 -3.08
N LYS B 104 48.59 0.77 -3.55
CA LYS B 104 49.69 0.52 -2.63
C LYS B 104 50.15 1.84 -2.01
N LEU B 105 50.12 1.90 -0.68
CA LEU B 105 50.61 3.07 0.02
C LEU B 105 52.00 2.79 0.56
N GLU B 106 52.96 3.58 0.10
CA GLU B 106 54.34 3.45 0.55
C GLU B 106 54.74 4.65 1.39
N ILE B 107 55.64 4.42 2.34
CA ILE B 107 56.04 5.47 3.27
C ILE B 107 57.44 6.00 2.94
N LYS B 108 57.57 7.32 2.94
CA LYS B 108 58.88 7.94 2.73
C LYS B 108 59.52 8.25 4.08
N ARG B 109 60.83 8.08 4.16
CA ARG B 109 61.54 8.34 5.41
C ARG B 109 62.97 8.80 5.15
N THR B 110 63.72 9.03 6.22
CA THR B 110 65.12 9.44 6.08
C THR B 110 65.98 8.25 5.68
N VAL B 111 67.06 8.54 4.98
CA VAL B 111 68.00 7.49 4.57
C VAL B 111 68.57 6.80 5.80
N ALA B 112 68.66 5.47 5.74
CA ALA B 112 69.21 4.69 6.83
C ALA B 112 70.16 3.62 6.31
N ALA B 113 71.33 3.54 6.93
CA ALA B 113 72.34 2.56 6.54
C ALA B 113 72.06 1.23 7.21
N PRO B 114 72.30 0.13 6.48
CA PRO B 114 72.08 -1.21 7.01
C PRO B 114 73.13 -1.59 8.03
N SER B 115 72.78 -2.51 8.91
CA SER B 115 73.77 -3.15 9.78
C SER B 115 74.04 -4.51 9.16
N VAL B 116 75.28 -4.79 8.83
CA VAL B 116 75.56 -6.01 8.10
C VAL B 116 76.12 -7.09 9.01
N PHE B 117 75.68 -8.32 8.76
CA PHE B 117 76.20 -9.48 9.48
C PHE B 117 76.41 -10.60 8.49
N ILE B 118 77.34 -11.49 8.79
CA ILE B 118 77.58 -12.63 7.92
C ILE B 118 77.53 -13.91 8.74
N PHE B 119 77.07 -14.99 8.13
CA PHE B 119 76.90 -16.26 8.82
C PHE B 119 77.54 -17.40 8.07
N PRO B 120 78.39 -18.17 8.75
CA PRO B 120 78.99 -19.35 8.14
C PRO B 120 77.97 -20.47 8.13
N PRO B 121 78.14 -21.43 7.22
CA PRO B 121 77.26 -22.61 7.26
C PRO B 121 77.50 -23.39 8.54
N SER B 122 76.44 -23.97 9.09
CA SER B 122 76.53 -24.76 10.31
C SER B 122 77.24 -26.08 10.04
N ASP B 123 77.79 -26.68 11.08
CA ASP B 123 78.42 -27.99 10.93
C ASP B 123 77.33 -28.98 10.58
N GLU B 124 76.19 -28.82 11.22
CA GLU B 124 75.03 -29.64 10.96
C GLU B 124 74.77 -29.76 9.46
N GLN B 125 74.81 -28.63 8.77
CA GLN B 125 74.50 -28.60 7.35
C GLN B 125 75.62 -29.14 6.48
N LEU B 126 76.86 -28.86 6.86
CA LEU B 126 78.03 -29.31 6.11
C LEU B 126 78.03 -30.83 6.01
N LYS B 127 77.55 -31.47 7.07
CA LYS B 127 77.34 -32.90 7.09
C LYS B 127 76.50 -33.33 5.88
N SER B 128 75.59 -32.46 5.44
CA SER B 128 74.64 -32.78 4.38
C SER B 128 75.25 -32.73 2.97
N GLY B 129 76.43 -32.14 2.84
CA GLY B 129 77.09 -32.07 1.56
C GLY B 129 76.85 -30.75 0.84
N THR B 130 76.11 -29.85 1.47
CA THR B 130 75.90 -28.50 0.94
C THR B 130 76.19 -27.43 1.98
N ALA B 131 76.63 -26.27 1.52
CA ALA B 131 76.99 -25.16 2.40
C ALA B 131 76.25 -23.89 2.01
N SER B 132 75.65 -23.25 3.00
CA SER B 132 74.92 -22.00 2.76
C SER B 132 75.54 -20.90 3.59
N VAL B 133 76.02 -19.87 2.90
CA VAL B 133 76.53 -18.72 3.59
C VAL B 133 75.50 -17.61 3.48
N VAL B 134 75.31 -16.87 4.57
CA VAL B 134 74.24 -15.88 4.61
C VAL B 134 74.73 -14.48 4.98
N CYS B 135 74.26 -13.49 4.23
CA CYS B 135 74.54 -12.10 4.53
C CYS B 135 73.27 -11.36 4.91
N LEU B 136 73.29 -10.69 6.06
CA LEU B 136 72.11 -9.98 6.51
C LEU B 136 72.33 -8.47 6.48
N LEU B 137 71.43 -7.76 5.80
CA LEU B 137 71.40 -6.30 5.81
C LEU B 137 70.20 -5.86 6.61
N ASN B 138 70.44 -5.21 7.73
CA ASN B 138 69.35 -4.99 8.67
C ASN B 138 68.85 -3.56 8.75
N ASN B 139 67.54 -3.40 8.63
CA ASN B 139 66.89 -2.10 8.79
C ASN B 139 67.59 -0.98 8.04
N PHE B 140 67.35 -0.91 6.74
CA PHE B 140 67.97 0.11 5.94
C PHE B 140 66.93 0.77 5.04
N TYR B 141 67.31 1.91 4.44
CA TYR B 141 66.42 2.67 3.57
C TYR B 141 67.23 3.68 2.78
N PRO B 142 66.90 3.86 1.49
CA PRO B 142 65.82 3.15 0.82
C PRO B 142 66.20 1.74 0.41
N ARG B 143 65.38 1.17 -0.46
CA ARG B 143 65.44 -0.24 -0.78
C ARG B 143 66.65 -0.65 -1.59
N GLU B 144 67.04 0.19 -2.54
CA GLU B 144 68.12 -0.16 -3.46
C GLU B 144 69.44 -0.32 -2.74
N ALA B 145 69.91 -1.56 -2.65
CA ALA B 145 71.22 -1.85 -2.10
C ALA B 145 71.82 -2.93 -2.99
N LYS B 146 73.07 -3.27 -2.74
CA LYS B 146 73.73 -4.25 -3.56
C LYS B 146 74.72 -5.08 -2.75
N VAL B 147 74.54 -6.39 -2.78
CA VAL B 147 75.49 -7.29 -2.14
C VAL B 147 76.42 -7.88 -3.17
N GLN B 148 77.61 -8.21 -2.70
CA GLN B 148 78.62 -8.81 -3.53
C GLN B 148 79.29 -9.88 -2.69
N TRP B 149 79.30 -11.11 -3.20
CA TRP B 149 80.03 -12.17 -2.54
C TRP B 149 81.42 -12.31 -3.16
N LYS B 150 82.44 -12.38 -2.31
CA LYS B 150 83.79 -12.65 -2.76
C LYS B 150 84.35 -13.83 -1.99
N VAL B 151 84.83 -14.82 -2.71
CA VAL B 151 85.44 -15.98 -2.09
C VAL B 151 86.91 -15.97 -2.48
N ASP B 152 87.77 -15.77 -1.50
CA ASP B 152 89.19 -15.56 -1.76
C ASP B 152 89.37 -14.43 -2.76
N ASN B 153 88.61 -13.35 -2.57
CA ASN B 153 88.66 -12.17 -3.43
C ASN B 153 88.10 -12.38 -4.83
N ALA B 154 87.65 -13.60 -5.12
CA ALA B 154 87.02 -13.87 -6.41
C ALA B 154 85.55 -13.48 -6.35
N LEU B 155 85.11 -12.65 -7.28
CA LEU B 155 83.71 -12.22 -7.30
C LEU B 155 82.79 -13.33 -7.78
N GLN B 156 81.66 -13.49 -7.08
CA GLN B 156 80.71 -14.55 -7.38
C GLN B 156 79.61 -14.09 -8.31
N SER B 157 79.00 -15.02 -9.02
CA SER B 157 77.81 -14.71 -9.80
C SER B 157 76.93 -15.96 -9.99
N GLY B 158 75.63 -15.71 -10.07
CA GLY B 158 74.65 -16.77 -10.34
C GLY B 158 74.72 -17.95 -9.40
N ASN B 159 75.13 -17.72 -8.17
CA ASN B 159 75.16 -18.78 -7.17
C ASN B 159 74.71 -18.29 -5.79
N SER B 160 73.82 -17.29 -5.82
CA SER B 160 73.27 -16.72 -4.61
C SER B 160 71.92 -16.10 -4.93
N GLN B 161 70.99 -16.23 -4.00
CA GLN B 161 69.74 -15.54 -4.14
C GLN B 161 69.54 -14.64 -2.94
N GLU B 162 68.62 -13.69 -3.04
CA GLU B 162 68.36 -12.80 -1.93
C GLU B 162 66.88 -12.49 -1.80
N SER B 163 66.50 -12.00 -0.63
CA SER B 163 65.11 -11.77 -0.32
C SER B 163 65.00 -10.53 0.53
N VAL B 164 63.94 -9.76 0.32
CA VAL B 164 63.77 -8.51 1.03
C VAL B 164 62.44 -8.46 1.75
N THR B 165 62.44 -7.85 2.93
CA THR B 165 61.21 -7.68 3.68
C THR B 165 60.43 -6.51 3.11
N GLU B 166 59.15 -6.45 3.48
CA GLU B 166 58.34 -5.29 3.17
C GLU B 166 58.74 -4.19 4.14
N GLN B 167 58.40 -2.95 3.81
CA GLN B 167 58.69 -1.85 4.72
C GLN B 167 58.19 -2.17 6.11
N ASP B 168 58.95 -1.77 7.12
CA ASP B 168 58.60 -2.05 8.50
C ASP B 168 57.39 -1.22 8.94
N SER B 169 56.64 -1.75 9.91
CA SER B 169 55.47 -1.07 10.44
C SER B 169 55.83 0.10 11.34
N LYS B 170 56.90 -0.06 12.11
CA LYS B 170 57.29 0.95 13.07
C LYS B 170 58.19 2.01 12.44
N ASP B 171 59.20 1.57 11.71
CA ASP B 171 60.24 2.47 11.24
C ASP B 171 60.31 2.58 9.72
N SER B 172 59.48 1.80 9.02
CA SER B 172 59.37 1.91 7.57
C SER B 172 60.64 1.54 6.81
N THR B 173 61.45 0.65 7.37
CA THR B 173 62.69 0.26 6.72
C THR B 173 62.62 -1.14 6.09
N TYR B 174 63.67 -1.47 5.35
CA TYR B 174 63.81 -2.77 4.72
C TYR B 174 64.92 -3.55 5.39
N SER B 175 64.83 -4.88 5.31
CA SER B 175 65.96 -5.74 5.66
C SER B 175 66.11 -6.76 4.54
N LEU B 176 67.35 -7.14 4.25
CA LEU B 176 67.59 -8.01 3.11
C LEU B 176 68.53 -9.13 3.53
N SER B 177 68.35 -10.31 2.95
CA SER B 177 69.30 -11.39 3.18
C SER B 177 69.71 -12.02 1.88
N SER B 178 71.00 -12.31 1.75
CA SER B 178 71.51 -13.01 0.57
C SER B 178 72.11 -14.37 0.95
N THR B 179 71.93 -15.37 0.10
CA THR B 179 72.45 -16.68 0.40
C THR B 179 73.34 -17.22 -0.70
N LEU B 180 74.63 -17.28 -0.41
CA LEU B 180 75.58 -17.95 -1.25
C LEU B 180 75.48 -19.45 -0.99
N THR B 181 75.27 -20.24 -2.04
CA THR B 181 75.11 -21.68 -1.88
C THR B 181 76.16 -22.50 -2.63
N LEU B 182 76.98 -23.21 -1.87
CA LEU B 182 78.04 -24.04 -2.42
C LEU B 182 77.87 -25.48 -2.00
N SER B 183 78.56 -26.38 -2.70
CA SER B 183 78.62 -27.76 -2.26
C SER B 183 79.78 -27.87 -1.27
N LYS B 184 79.63 -28.78 -0.29
CA LYS B 184 80.68 -29.01 0.71
C LYS B 184 82.06 -28.97 0.09
N ALA B 185 82.21 -29.66 -1.04
CA ALA B 185 83.48 -29.70 -1.77
C ALA B 185 84.06 -28.31 -2.02
N ASP B 186 83.32 -27.51 -2.81
CA ASP B 186 83.75 -26.15 -3.14
C ASP B 186 83.98 -25.29 -1.91
N TYR B 187 83.05 -25.35 -0.97
CA TYR B 187 83.17 -24.56 0.23
C TYR B 187 84.49 -24.83 0.93
N GLU B 188 84.94 -26.07 0.86
CA GLU B 188 86.12 -26.47 1.61
C GLU B 188 87.42 -26.28 0.86
N LYS B 189 87.36 -25.62 -0.29
CA LYS B 189 88.58 -25.29 -1.02
C LYS B 189 88.79 -23.79 -1.14
N HIS B 190 88.32 -23.05 -0.14
CA HIS B 190 88.50 -21.60 -0.07
C HIS B 190 88.46 -21.14 1.37
N LYS B 191 89.21 -20.10 1.69
CA LYS B 191 89.31 -19.68 3.09
C LYS B 191 88.51 -18.41 3.40
N VAL B 192 88.79 -17.32 2.69
CA VAL B 192 88.10 -16.06 2.93
C VAL B 192 86.75 -16.03 2.23
N TYR B 193 85.69 -16.04 3.04
CA TYR B 193 84.35 -15.84 2.54
C TYR B 193 83.90 -14.47 2.97
N ALA B 194 83.60 -13.62 1.98
CA ALA B 194 83.38 -12.22 2.27
C ALA B 194 82.14 -11.70 1.59
N CYS B 195 81.50 -10.75 2.26
CA CYS B 195 80.26 -10.17 1.78
C CYS B 195 80.41 -8.66 1.73
N GLU B 196 80.21 -8.08 0.54
CA GLU B 196 80.37 -6.63 0.39
C GLU B 196 79.07 -5.94 0.01
N VAL B 197 78.71 -4.93 0.78
CA VAL B 197 77.46 -4.22 0.60
C VAL B 197 77.67 -2.77 0.20
N THR B 198 77.08 -2.38 -0.91
CA THR B 198 77.05 -0.97 -1.29
C THR B 198 75.64 -0.44 -1.12
N HIS B 199 75.51 0.67 -0.40
CA HIS B 199 74.20 1.31 -0.17
C HIS B 199 74.37 2.81 -0.02
N GLN B 200 73.35 3.54 -0.47
CA GLN B 200 73.37 5.00 -0.44
C GLN B 200 73.66 5.58 0.94
N GLY B 201 73.29 4.85 1.99
CA GLY B 201 73.51 5.31 3.35
C GLY B 201 74.91 4.99 3.86
N LEU B 202 75.77 4.49 2.98
CA LEU B 202 77.15 4.19 3.35
C LEU B 202 78.11 5.02 2.53
N SER B 203 78.88 5.88 3.20
CA SER B 203 79.86 6.71 2.52
C SER B 203 80.86 5.83 1.77
N SER B 204 81.04 4.61 2.26
CA SER B 204 81.98 3.68 1.67
C SER B 204 81.48 2.23 1.85
N PRO B 205 81.51 1.44 0.77
CA PRO B 205 81.08 0.04 0.74
C PRO B 205 81.62 -0.76 1.93
N VAL B 206 80.74 -1.47 2.61
CA VAL B 206 81.12 -2.23 3.81
C VAL B 206 81.30 -3.72 3.52
N THR B 207 82.33 -4.32 4.09
CA THR B 207 82.59 -5.75 3.88
C THR B 207 82.69 -6.50 5.20
N LYS B 208 81.81 -7.49 5.37
CA LYS B 208 81.91 -8.42 6.48
C LYS B 208 82.38 -9.75 5.91
N SER B 209 83.09 -10.53 6.72
CA SER B 209 83.67 -11.77 6.20
C SER B 209 84.18 -12.67 7.30
N PHE B 210 84.71 -13.82 6.92
CA PHE B 210 85.28 -14.78 7.86
C PHE B 210 86.19 -15.77 7.15
N ASN B 211 86.87 -16.59 7.93
CA ASN B 211 87.69 -17.66 7.39
C ASN B 211 87.15 -19.02 7.79
N ARG B 212 87.09 -19.94 6.83
CA ARG B 212 86.64 -21.29 7.12
C ARG B 212 87.67 -21.98 8.00
N GLY B 213 87.20 -22.76 8.96
CA GLY B 213 88.09 -23.40 9.93
C GLY B 213 88.28 -22.51 11.14
N GLU B 214 88.60 -21.24 10.89
CA GLU B 214 88.71 -20.25 11.95
C GLU B 214 87.32 -19.71 12.27
N CYS B 215 87.26 -18.58 12.97
CA CYS B 215 85.98 -17.98 13.35
C CYS B 215 85.24 -17.40 12.15
N GLN C 1 35.11 -11.98 20.90
CA GLN C 1 34.56 -11.56 19.57
C GLN C 1 34.50 -12.72 18.59
N VAL C 2 33.84 -12.49 17.46
CA VAL C 2 33.68 -13.53 16.45
C VAL C 2 34.98 -13.76 15.69
N GLN C 3 35.38 -15.02 15.60
CA GLN C 3 36.63 -15.37 14.93
C GLN C 3 36.47 -16.50 13.94
N LEU C 4 37.02 -16.32 12.75
CA LEU C 4 36.94 -17.32 11.69
C LEU C 4 38.28 -18.03 11.54
N GLN C 5 38.24 -19.27 11.09
CA GLN C 5 39.44 -20.06 11.01
C GLN C 5 39.37 -21.06 9.86
N GLU C 6 40.01 -20.72 8.75
CA GLU C 6 40.04 -21.64 7.61
C GLU C 6 40.96 -22.79 7.91
N SER C 7 40.94 -23.80 7.05
CA SER C 7 41.68 -25.02 7.26
C SER C 7 41.46 -25.93 6.08
N GLY C 8 42.50 -26.65 5.69
CA GLY C 8 42.44 -27.54 4.54
C GLY C 8 43.80 -27.73 3.88
N PRO C 9 43.84 -28.58 2.85
CA PRO C 9 45.09 -28.99 2.20
C PRO C 9 45.85 -27.78 1.68
N GLY C 10 47.12 -27.66 2.06
CA GLY C 10 48.01 -26.66 1.50
C GLY C 10 48.28 -26.96 0.03
N LEU C 11 48.30 -28.25 -0.31
CA LEU C 11 48.68 -28.68 -1.65
C LEU C 11 47.54 -29.42 -2.37
N VAL C 12 47.37 -29.13 -3.66
CA VAL C 12 46.35 -29.78 -4.48
C VAL C 12 46.89 -30.07 -5.86
N LYS C 13 46.74 -31.32 -6.32
CA LYS C 13 47.25 -31.73 -7.62
C LYS C 13 46.40 -31.16 -8.76
N PRO C 14 47.03 -30.90 -9.91
CA PRO C 14 46.34 -30.34 -11.07
C PRO C 14 45.11 -31.16 -11.40
N SER C 15 44.06 -30.48 -11.87
CA SER C 15 42.82 -31.11 -12.31
C SER C 15 41.97 -31.65 -11.17
N GLU C 16 42.58 -31.90 -10.01
CA GLU C 16 41.82 -32.36 -8.86
C GLU C 16 41.09 -31.19 -8.19
N THR C 17 40.30 -31.49 -7.16
CA THR C 17 39.46 -30.44 -6.57
C THR C 17 39.93 -30.01 -5.20
N LEU C 18 39.52 -28.80 -4.82
CA LEU C 18 39.93 -28.20 -3.55
C LEU C 18 38.81 -28.23 -2.53
N SER C 19 39.14 -28.58 -1.29
CA SER C 19 38.15 -28.48 -0.21
C SER C 19 38.71 -27.68 0.95
N LEU C 20 37.92 -26.72 1.41
CA LEU C 20 38.29 -25.90 2.56
C LEU C 20 37.16 -25.79 3.55
N THR C 21 37.50 -25.42 4.78
CA THR C 21 36.51 -25.27 5.83
C THR C 21 36.87 -24.09 6.69
N CYS C 22 35.90 -23.20 6.86
CA CYS C 22 36.05 -22.11 7.80
C CYS C 22 35.29 -22.48 9.07
N THR C 23 35.87 -22.21 10.23
CA THR C 23 35.21 -22.51 11.48
C THR C 23 35.02 -21.26 12.31
N VAL C 24 33.77 -21.05 12.74
CA VAL C 24 33.44 -19.85 13.49
C VAL C 24 33.44 -20.10 14.98
N SER C 25 33.90 -19.12 15.75
CA SER C 25 33.84 -19.19 17.20
C SER C 25 33.62 -17.79 17.72
N GLY C 26 32.97 -17.69 18.87
CA GLY C 26 32.62 -16.39 19.43
C GLY C 26 31.27 -15.88 18.93
N GLY C 27 30.85 -16.41 17.79
CA GLY C 27 29.54 -16.11 17.26
C GLY C 27 28.89 -17.37 16.71
N SER C 28 27.90 -17.18 15.84
CA SER C 28 27.18 -18.31 15.27
C SER C 28 26.86 -18.11 13.80
N ILE C 29 27.00 -19.18 13.02
CA ILE C 29 26.75 -19.12 11.60
C ILE C 29 25.31 -18.71 11.35
N SER C 30 24.42 -19.17 12.22
CA SER C 30 23.00 -18.82 12.17
C SER C 30 22.77 -17.35 11.91
N SER C 31 21.87 -17.08 10.97
CA SER C 31 21.36 -15.74 10.71
C SER C 31 22.24 -14.96 9.74
N HIS C 32 23.43 -15.47 9.46
CA HIS C 32 24.42 -14.68 8.73
C HIS C 32 24.81 -15.20 7.36
N TYR C 33 25.46 -14.33 6.60
CA TYR C 33 25.97 -14.70 5.28
C TYR C 33 27.47 -14.97 5.39
N TRP C 34 27.98 -15.84 4.53
CA TRP C 34 29.36 -16.25 4.65
C TRP C 34 30.02 -16.36 3.30
N SER C 35 31.17 -15.69 3.15
CA SER C 35 31.84 -15.62 1.86
C SER C 35 33.20 -16.28 1.84
N TRP C 36 33.59 -16.74 0.66
CA TRP C 36 34.97 -17.13 0.42
C TRP C 36 35.55 -16.13 -0.57
N ILE C 37 36.81 -15.75 -0.34
CA ILE C 37 37.51 -14.80 -1.21
C ILE C 37 38.92 -15.31 -1.41
N ARG C 38 39.46 -15.14 -2.60
CA ARG C 38 40.82 -15.58 -2.82
C ARG C 38 41.69 -14.49 -3.42
N GLN C 39 43.00 -14.59 -3.18
CA GLN C 39 43.96 -13.62 -3.68
C GLN C 39 45.21 -14.35 -4.16
N SER C 40 45.54 -14.16 -5.43
CA SER C 40 46.76 -14.73 -5.97
C SER C 40 47.95 -13.91 -5.52
N PRO C 41 49.12 -14.55 -5.41
CA PRO C 41 50.35 -13.86 -4.98
C PRO C 41 50.57 -12.57 -5.76
N GLY C 42 50.74 -11.46 -5.05
CA GLY C 42 50.96 -10.16 -5.69
C GLY C 42 49.72 -9.58 -6.35
N LYS C 43 48.75 -10.42 -6.64
CA LYS C 43 47.51 -9.99 -7.29
C LYS C 43 46.53 -9.37 -6.30
N GLY C 44 45.33 -9.08 -6.80
CA GLY C 44 44.30 -8.45 -5.99
C GLY C 44 43.30 -9.43 -5.45
N LEU C 45 42.26 -8.90 -4.81
CA LEU C 45 41.24 -9.72 -4.17
C LEU C 45 40.14 -10.14 -5.15
N GLN C 46 39.73 -11.40 -5.06
CA GLN C 46 38.61 -11.87 -5.87
C GLN C 46 37.56 -12.58 -5.03
N TRP C 47 36.34 -12.02 -5.03
CA TRP C 47 35.20 -12.64 -4.35
C TRP C 47 34.76 -13.92 -5.06
N ILE C 48 34.57 -14.98 -4.31
CA ILE C 48 34.23 -16.25 -4.92
C ILE C 48 32.71 -16.50 -4.90
N GLY C 49 32.10 -16.19 -3.78
CA GLY C 49 30.67 -16.41 -3.59
C GLY C 49 30.34 -16.44 -2.12
N TYR C 50 29.06 -16.61 -1.81
CA TYR C 50 28.65 -16.74 -0.42
C TYR C 50 27.54 -17.76 -0.23
N ILE C 51 27.22 -18.04 1.03
CA ILE C 51 26.09 -18.89 1.36
C ILE C 51 25.34 -18.28 2.54
N TYR C 52 24.01 -18.32 2.47
CA TYR C 52 23.18 -17.92 3.60
C TYR C 52 23.09 -19.10 4.55
N TYR C 53 23.01 -18.85 5.84
CA TYR C 53 22.98 -19.94 6.80
C TYR C 53 21.88 -20.91 6.43
N SER C 54 20.77 -20.37 5.92
CA SER C 54 19.65 -21.13 5.36
C SER C 54 20.10 -22.23 4.39
N GLY C 55 21.12 -21.94 3.57
CA GLY C 55 21.62 -22.92 2.62
C GLY C 55 21.67 -22.41 1.19
N SER C 56 20.90 -21.36 0.91
CA SER C 56 20.91 -20.74 -0.41
C SER C 56 22.25 -20.07 -0.66
N THR C 57 22.73 -20.19 -1.88
CA THR C 57 24.06 -19.71 -2.24
C THR C 57 24.03 -18.68 -3.36
N ASN C 58 25.20 -18.08 -3.62
CA ASN C 58 25.36 -17.15 -4.71
C ASN C 58 26.82 -17.05 -5.11
N TYR C 59 27.14 -17.51 -6.31
CA TYR C 59 28.53 -17.61 -6.76
C TYR C 59 28.93 -16.51 -7.73
N SER C 60 30.22 -16.21 -7.79
CA SER C 60 30.74 -15.28 -8.78
C SER C 60 30.64 -15.91 -10.16
N PRO C 61 30.12 -15.15 -11.14
CA PRO C 61 29.80 -15.66 -12.47
C PRO C 61 31.00 -16.35 -13.13
N SER C 62 32.16 -15.74 -13.03
CA SER C 62 33.36 -16.26 -13.69
C SER C 62 33.86 -17.55 -13.05
N LEU C 63 33.22 -17.98 -11.97
CA LEU C 63 33.64 -19.20 -11.29
C LEU C 63 32.51 -20.20 -11.15
N LYS C 64 31.29 -19.72 -11.34
CA LYS C 64 30.07 -20.48 -11.09
C LYS C 64 30.19 -21.96 -11.42
N SER C 65 30.66 -22.26 -12.62
CA SER C 65 30.74 -23.62 -13.11
C SER C 65 31.53 -24.59 -12.22
N ARG C 66 32.46 -24.09 -11.42
CA ARG C 66 33.38 -24.95 -10.68
C ARG C 66 33.22 -24.89 -9.16
N VAL C 67 32.35 -24.02 -8.67
CA VAL C 67 32.26 -23.74 -7.24
C VAL C 67 31.11 -24.44 -6.52
N THR C 68 31.39 -24.93 -5.31
CA THR C 68 30.35 -25.38 -4.39
C THR C 68 30.63 -24.87 -2.98
N ILE C 69 29.69 -24.15 -2.40
CA ILE C 69 29.83 -23.69 -1.03
C ILE C 69 28.77 -24.34 -0.16
N SER C 70 29.20 -25.14 0.80
CA SER C 70 28.28 -25.81 1.71
C SER C 70 28.30 -25.20 3.10
N VAL C 71 27.31 -25.53 3.91
CA VAL C 71 27.28 -25.09 5.28
C VAL C 71 26.90 -26.24 6.20
N GLU C 72 27.48 -26.27 7.39
CA GLU C 72 27.11 -27.23 8.40
C GLU C 72 26.95 -26.49 9.72
N THR C 73 25.80 -25.88 9.90
CA THR C 73 25.50 -25.07 11.09
C THR C 73 25.60 -25.88 12.37
N ALA C 74 25.26 -27.16 12.30
CA ALA C 74 25.33 -28.04 13.46
C ALA C 74 26.71 -27.94 14.11
N LYS C 75 27.75 -27.94 13.28
CA LYS C 75 29.13 -27.89 13.75
C LYS C 75 29.74 -26.50 13.62
N ASN C 76 28.91 -25.56 13.16
CA ASN C 76 29.28 -24.15 13.08
C ASN C 76 30.41 -23.84 12.11
N GLN C 77 30.31 -24.37 10.90
CA GLN C 77 31.33 -24.11 9.88
C GLN C 77 30.76 -24.14 8.47
N PHE C 78 31.46 -23.51 7.54
CA PHE C 78 31.09 -23.60 6.14
C PHE C 78 32.29 -23.93 5.28
N SER C 79 32.03 -24.34 4.03
CA SER C 79 33.09 -24.95 3.25
C SER C 79 33.13 -24.54 1.81
N LEU C 80 34.30 -24.71 1.21
CA LEU C 80 34.49 -24.40 -0.18
C LEU C 80 34.82 -25.66 -0.94
N LYS C 81 34.46 -25.67 -2.22
CA LYS C 81 34.80 -26.77 -3.10
C LYS C 81 35.15 -26.19 -4.47
N LEU C 82 36.39 -26.40 -4.91
CA LEU C 82 36.78 -25.86 -6.20
C LEU C 82 37.30 -26.93 -7.15
N THR C 83 36.66 -26.99 -8.32
CA THR C 83 36.86 -28.06 -9.27
C THR C 83 37.94 -27.76 -10.29
N SER C 84 38.70 -28.79 -10.65
CA SER C 84 39.67 -28.69 -11.75
C SER C 84 40.77 -27.68 -11.48
N MET C 85 41.39 -27.78 -10.31
CA MET C 85 42.41 -26.85 -9.90
C MET C 85 43.55 -26.79 -10.91
N THR C 86 44.00 -25.59 -11.21
CA THR C 86 45.15 -25.40 -12.06
C THR C 86 46.02 -24.32 -11.44
N ALA C 87 47.25 -24.18 -11.93
CA ALA C 87 48.18 -23.22 -11.37
C ALA C 87 47.51 -21.87 -11.17
N ALA C 88 46.63 -21.51 -12.10
CA ALA C 88 45.93 -20.23 -12.04
C ALA C 88 45.06 -20.15 -10.79
N ASP C 89 44.84 -21.28 -10.13
CA ASP C 89 44.01 -21.28 -8.94
C ASP C 89 44.83 -21.19 -7.66
N THR C 90 46.15 -21.17 -7.79
CA THR C 90 47.02 -21.04 -6.62
C THR C 90 46.82 -19.68 -5.97
N ALA C 91 46.41 -19.68 -4.70
CA ALA C 91 46.09 -18.44 -4.02
C ALA C 91 45.90 -18.60 -2.52
N VAL C 92 45.82 -17.47 -1.83
CA VAL C 92 45.38 -17.46 -0.44
C VAL C 92 43.86 -17.39 -0.46
N TYR C 93 43.22 -18.29 0.26
CA TYR C 93 41.77 -18.30 0.30
C TYR C 93 41.29 -17.80 1.66
N TYR C 94 40.41 -16.81 1.65
CA TYR C 94 39.84 -16.29 2.88
C TYR C 94 38.35 -16.60 3.02
N CYS C 95 37.94 -16.88 4.24
CA CYS C 95 36.54 -16.86 4.57
C CYS C 95 36.27 -15.55 5.27
N ALA C 96 35.05 -15.05 5.14
CA ALA C 96 34.66 -13.82 5.80
C ALA C 96 33.15 -13.77 5.91
N ARG C 97 32.65 -13.10 6.95
CA ARG C 97 31.22 -12.93 7.13
C ARG C 97 30.71 -11.79 6.24
N GLY C 98 29.48 -11.93 5.76
CA GLY C 98 28.93 -10.97 4.81
C GLY C 98 28.99 -11.51 3.38
N PRO C 99 28.86 -10.61 2.38
CA PRO C 99 28.82 -9.15 2.51
C PRO C 99 27.42 -8.62 2.84
N VAL C 100 26.40 -9.43 2.65
CA VAL C 100 25.04 -9.05 2.96
C VAL C 100 24.81 -9.13 4.47
N PRO C 101 24.14 -8.10 5.04
CA PRO C 101 23.83 -8.06 6.47
C PRO C 101 22.76 -9.08 6.80
N ALA C 102 22.69 -9.48 8.07
CA ALA C 102 21.69 -10.47 8.49
C ALA C 102 20.29 -9.98 8.16
N VAL C 103 20.00 -8.74 8.54
CA VAL C 103 18.71 -8.14 8.28
C VAL C 103 18.81 -7.07 7.23
N PHE C 104 17.70 -6.76 6.58
CA PHE C 104 17.70 -5.86 5.43
C PHE C 104 18.22 -4.47 5.76
N TYR C 105 18.08 -4.04 7.01
CA TYR C 105 18.52 -2.70 7.38
C TYR C 105 19.89 -2.70 8.04
N GLY C 106 20.59 -3.82 7.95
CA GLY C 106 21.96 -3.89 8.46
C GLY C 106 22.93 -3.26 7.49
N ASP C 107 24.21 -3.48 7.72
CA ASP C 107 25.24 -2.88 6.88
C ASP C 107 25.91 -3.88 5.95
N TYR C 108 26.26 -3.42 4.75
CA TYR C 108 26.87 -4.27 3.76
C TYR C 108 28.39 -4.20 3.81
N ARG C 109 29.02 -5.30 4.21
CA ARG C 109 30.46 -5.34 4.33
C ARG C 109 30.97 -6.73 4.68
N LEU C 110 32.22 -6.99 4.35
CA LEU C 110 32.87 -8.24 4.74
C LEU C 110 33.62 -8.08 6.06
N ASP C 111 33.11 -8.71 7.11
CA ASP C 111 33.75 -8.68 8.42
C ASP C 111 33.57 -10.00 9.16
N PRO C 112 34.07 -10.05 10.39
CA PRO C 112 35.42 -10.58 10.64
C PRO C 112 35.90 -11.46 9.50
N TRP C 113 37.17 -11.31 9.13
CA TRP C 113 37.79 -12.18 8.14
C TRP C 113 38.45 -13.39 8.79
N GLY C 114 38.98 -14.29 7.98
CA GLY C 114 39.82 -15.37 8.47
C GLY C 114 41.27 -14.94 8.44
N GLN C 115 42.19 -15.90 8.56
CA GLN C 115 43.62 -15.60 8.39
C GLN C 115 44.00 -15.86 6.94
N GLY C 116 43.26 -16.76 6.30
CA GLY C 116 43.56 -17.17 4.95
C GLY C 116 44.39 -18.43 4.95
N THR C 117 44.21 -19.27 3.94
CA THR C 117 45.07 -20.42 3.76
C THR C 117 45.69 -20.31 2.39
N LEU C 118 46.99 -20.58 2.32
CA LEU C 118 47.67 -20.63 1.04
C LEU C 118 47.50 -22.01 0.44
N VAL C 119 46.83 -22.08 -0.70
CA VAL C 119 46.69 -23.34 -1.42
C VAL C 119 47.57 -23.31 -2.66
N THR C 120 48.33 -24.39 -2.85
CA THR C 120 49.24 -24.48 -3.96
C THR C 120 48.81 -25.63 -4.85
N VAL C 121 48.68 -25.37 -6.14
CA VAL C 121 48.36 -26.42 -7.10
C VAL C 121 49.65 -27.00 -7.68
N SER C 122 49.95 -28.26 -7.36
CA SER C 122 51.17 -28.86 -7.82
C SER C 122 51.17 -30.37 -7.70
N SER C 123 51.84 -31.04 -8.63
CA SER C 123 51.96 -32.48 -8.57
C SER C 123 53.13 -32.89 -7.68
N ALA C 124 54.04 -31.96 -7.43
CA ALA C 124 55.18 -32.24 -6.55
C ALA C 124 54.70 -32.70 -5.19
N SER C 125 55.56 -33.44 -4.48
CA SER C 125 55.22 -33.95 -3.15
C SER C 125 55.52 -32.93 -2.07
N THR C 126 54.87 -33.12 -0.93
CA THR C 126 55.18 -32.31 0.24
C THR C 126 56.52 -32.75 0.77
N LYS C 127 57.30 -31.79 1.24
CA LYS C 127 58.60 -32.08 1.83
C LYS C 127 58.85 -31.16 3.01
N GLY C 128 59.23 -31.76 4.13
CA GLY C 128 59.54 -31.03 5.36
C GLY C 128 60.85 -30.26 5.28
N PRO C 129 60.94 -29.16 6.02
CA PRO C 129 62.13 -28.32 6.01
C PRO C 129 63.25 -28.93 6.82
N SER C 130 64.47 -28.50 6.57
CA SER C 130 65.58 -28.80 7.45
C SER C 130 66.02 -27.48 8.05
N VAL C 131 66.17 -27.44 9.37
CA VAL C 131 66.48 -26.18 10.05
C VAL C 131 67.91 -26.15 10.57
N PHE C 132 68.57 -25.03 10.28
CA PHE C 132 69.95 -24.86 10.70
C PHE C 132 70.09 -23.52 11.41
N PRO C 133 71.00 -23.47 12.40
CA PRO C 133 71.20 -22.25 13.16
C PRO C 133 72.07 -21.26 12.39
N LEU C 134 71.80 -19.98 12.60
CA LEU C 134 72.69 -18.93 12.14
C LEU C 134 73.37 -18.41 13.39
N ALA C 135 74.46 -19.08 13.77
CA ALA C 135 75.12 -18.80 15.02
C ALA C 135 75.61 -17.38 15.05
N PRO C 136 75.41 -16.70 16.19
CA PRO C 136 75.77 -15.29 16.35
C PRO C 136 77.27 -15.15 16.40
N SER C 137 77.79 -14.07 15.82
CA SER C 137 79.22 -13.82 15.83
C SER C 137 79.64 -13.19 17.15
N SER C 138 80.74 -13.66 17.71
CA SER C 138 81.34 -13.02 18.86
C SER C 138 82.05 -11.77 18.36
N LYS C 139 82.24 -11.69 17.05
CA LYS C 139 82.86 -10.52 16.43
C LYS C 139 81.82 -9.44 16.16
N SER C 140 80.75 -9.80 15.47
CA SER C 140 80.02 -8.86 14.64
C SER C 140 79.94 -7.49 15.29
N THR C 141 79.16 -7.40 16.36
CA THR C 141 79.07 -6.17 17.16
C THR C 141 78.93 -6.48 18.64
N SER C 142 79.94 -7.15 19.20
CA SER C 142 79.88 -7.59 20.60
C SER C 142 79.97 -6.42 21.60
N GLY C 143 79.93 -5.21 21.06
CA GLY C 143 79.74 -3.99 21.85
C GLY C 143 78.44 -3.36 21.40
N GLY C 144 77.33 -3.76 22.04
CA GLY C 144 76.01 -3.32 21.66
C GLY C 144 75.07 -4.48 21.46
N THR C 145 74.64 -4.72 20.23
CA THR C 145 73.73 -5.81 19.91
C THR C 145 74.24 -6.69 18.76
N ALA C 146 73.93 -7.98 18.82
CA ALA C 146 74.33 -8.94 17.78
C ALA C 146 73.11 -9.61 17.12
N ALA C 147 73.36 -10.38 16.06
CA ALA C 147 72.29 -10.98 15.28
C ALA C 147 72.48 -12.47 15.08
N LEU C 148 71.38 -13.20 15.13
CA LEU C 148 71.40 -14.64 14.91
C LEU C 148 70.08 -15.03 14.25
N GLY C 149 69.95 -16.29 13.89
CA GLY C 149 68.70 -16.74 13.27
C GLY C 149 68.59 -18.20 12.91
N CYS C 150 67.58 -18.52 12.10
CA CYS C 150 67.35 -19.87 11.65
C CYS C 150 67.34 -19.91 10.14
N LEU C 151 68.04 -20.88 9.58
CA LEU C 151 67.93 -21.14 8.18
C LEU C 151 66.96 -22.30 7.98
N VAL C 152 65.80 -22.00 7.41
CA VAL C 152 64.85 -23.03 7.08
C VAL C 152 65.03 -23.41 5.62
N LYS C 153 65.49 -24.62 5.37
CA LYS C 153 65.91 -24.99 4.02
C LYS C 153 65.19 -26.20 3.43
N ASP C 154 64.96 -26.13 2.12
CA ASP C 154 64.51 -27.27 1.31
C ASP C 154 63.16 -27.86 1.74
N TYR C 155 62.11 -27.07 1.60
CA TYR C 155 60.78 -27.52 1.95
C TYR C 155 59.79 -27.17 0.85
N PHE C 156 58.67 -27.89 0.82
CA PHE C 156 57.64 -27.64 -0.17
C PHE C 156 56.33 -28.26 0.29
N PRO C 157 55.20 -27.58 0.06
CA PRO C 157 55.14 -26.25 -0.52
C PRO C 157 55.19 -25.21 0.58
N GLU C 158 54.80 -23.99 0.25
CA GLU C 158 54.70 -22.94 1.25
C GLU C 158 53.39 -23.06 1.99
N PRO C 159 53.27 -22.41 3.16
CA PRO C 159 54.32 -21.63 3.80
C PRO C 159 54.91 -22.32 5.02
N VAL C 160 55.91 -21.67 5.63
CA VAL C 160 56.35 -22.03 6.97
C VAL C 160 56.15 -20.80 7.84
N THR C 161 56.21 -21.00 9.15
CA THR C 161 56.04 -19.90 10.08
C THR C 161 56.97 -20.08 11.26
N VAL C 162 57.84 -19.10 11.46
CA VAL C 162 58.80 -19.14 12.55
C VAL C 162 58.37 -18.25 13.70
N SER C 163 58.77 -18.61 14.91
CA SER C 163 58.61 -17.72 16.04
C SER C 163 59.80 -17.97 16.94
N TRP C 164 60.01 -17.10 17.92
CA TRP C 164 61.18 -17.25 18.77
C TRP C 164 60.86 -17.39 20.24
N ASN C 165 61.49 -18.38 20.87
CA ASN C 165 61.23 -18.71 22.26
C ASN C 165 59.73 -18.80 22.50
N SER C 166 59.06 -19.49 21.59
CA SER C 166 57.60 -19.64 21.61
C SER C 166 56.85 -18.32 21.52
N GLY C 167 57.44 -17.35 20.81
CA GLY C 167 56.78 -16.07 20.59
C GLY C 167 56.87 -15.15 21.78
N ALA C 168 57.66 -15.53 22.77
CA ALA C 168 57.98 -14.63 23.86
C ALA C 168 58.80 -13.47 23.28
N LEU C 169 59.87 -13.79 22.57
CA LEU C 169 60.66 -12.80 21.85
C LEU C 169 60.04 -12.48 20.48
N THR C 170 59.63 -11.23 20.28
CA THR C 170 58.94 -10.86 19.05
C THR C 170 59.57 -9.66 18.34
N SER C 171 59.99 -8.66 19.10
CA SER C 171 60.53 -7.45 18.46
C SER C 171 62.01 -7.62 18.08
N GLY C 172 62.39 -7.02 16.96
CA GLY C 172 63.74 -7.18 16.44
C GLY C 172 63.83 -8.38 15.52
N VAL C 173 62.71 -9.09 15.36
CA VAL C 173 62.66 -10.28 14.51
C VAL C 173 62.30 -9.92 13.09
N HIS C 174 63.04 -10.50 12.14
CA HIS C 174 62.67 -10.42 10.73
C HIS C 174 62.64 -11.82 10.13
N THR C 175 61.52 -12.18 9.52
CA THR C 175 61.45 -13.41 8.77
C THR C 175 61.33 -13.07 7.29
N PHE C 176 62.24 -13.58 6.48
CA PHE C 176 62.28 -13.20 5.09
C PHE C 176 61.36 -14.00 4.19
N PRO C 177 60.84 -13.35 3.13
CA PRO C 177 60.12 -14.07 2.09
C PRO C 177 60.92 -15.29 1.63
N ALA C 178 60.24 -16.39 1.34
CA ALA C 178 60.92 -17.59 0.88
C ALA C 178 61.45 -17.36 -0.54
N VAL C 179 62.48 -18.12 -0.90
CA VAL C 179 62.94 -18.11 -2.28
C VAL C 179 62.85 -19.51 -2.84
N LEU C 180 62.54 -19.60 -4.13
CA LEU C 180 62.43 -20.89 -4.78
C LEU C 180 63.79 -21.29 -5.34
N GLN C 181 64.35 -22.36 -4.78
CA GLN C 181 65.63 -22.85 -5.25
C GLN C 181 65.42 -23.65 -6.52
N SER C 182 66.39 -23.61 -7.43
CA SER C 182 66.29 -24.35 -8.67
C SER C 182 65.93 -25.82 -8.46
N SER C 183 66.07 -26.29 -7.22
CA SER C 183 65.72 -27.66 -6.87
C SER C 183 64.21 -27.82 -6.79
N GLY C 184 63.49 -26.70 -6.85
CA GLY C 184 62.03 -26.72 -6.79
C GLY C 184 61.54 -26.67 -5.36
N LEU C 185 62.46 -26.45 -4.44
CA LEU C 185 62.13 -26.37 -3.03
C LEU C 185 62.36 -24.96 -2.52
N TYR C 186 61.56 -24.57 -1.53
CA TYR C 186 61.69 -23.24 -0.94
C TYR C 186 62.75 -23.20 0.14
N SER C 187 63.17 -21.99 0.49
CA SER C 187 64.11 -21.80 1.58
C SER C 187 64.07 -20.35 2.04
N LEU C 188 63.96 -20.16 3.36
CA LEU C 188 63.98 -18.83 3.91
C LEU C 188 64.78 -18.82 5.18
N SER C 189 65.08 -17.63 5.68
CA SER C 189 65.73 -17.49 6.95
C SER C 189 64.96 -16.49 7.80
N SER C 190 64.98 -16.72 9.11
CA SER C 190 64.41 -15.77 10.04
C SER C 190 65.49 -15.36 11.00
N VAL C 191 65.55 -14.07 11.28
CA VAL C 191 66.58 -13.53 12.14
C VAL C 191 66.03 -12.59 13.18
N VAL C 192 66.82 -12.37 14.21
CA VAL C 192 66.47 -11.47 15.29
C VAL C 192 67.77 -10.86 15.80
N THR C 193 67.66 -9.66 16.36
CA THR C 193 68.80 -8.98 16.92
C THR C 193 68.62 -8.85 18.43
N VAL C 194 69.71 -9.01 19.17
CA VAL C 194 69.65 -8.98 20.63
C VAL C 194 70.93 -8.41 21.23
N PRO C 195 70.82 -7.69 22.36
CA PRO C 195 72.00 -7.17 23.04
C PRO C 195 73.01 -8.27 23.36
N SER C 196 74.28 -8.02 23.04
CA SER C 196 75.34 -9.02 23.17
C SER C 196 75.45 -9.54 24.60
N SER C 197 75.33 -8.64 25.57
CA SER C 197 75.35 -9.03 26.96
C SER C 197 74.47 -10.25 27.25
N SER C 198 73.32 -10.33 26.59
CA SER C 198 72.33 -11.37 26.86
C SER C 198 72.74 -12.74 26.32
N LEU C 199 73.63 -12.76 25.33
CA LEU C 199 74.07 -14.00 24.70
C LEU C 199 74.45 -15.10 25.69
N GLY C 200 75.09 -14.72 26.80
CA GLY C 200 75.57 -15.70 27.77
C GLY C 200 74.52 -16.33 28.65
N THR C 201 73.51 -15.56 29.02
CA THR C 201 72.48 -16.04 29.94
C THR C 201 71.22 -16.49 29.23
N GLN C 202 70.68 -15.62 28.38
CA GLN C 202 69.45 -15.91 27.66
C GLN C 202 69.64 -17.02 26.61
N THR C 203 68.65 -17.89 26.49
CA THR C 203 68.68 -18.99 25.54
C THR C 203 67.69 -18.76 24.38
N TYR C 204 68.09 -19.13 23.17
CA TYR C 204 67.30 -18.82 21.98
C TYR C 204 66.90 -20.02 21.12
N ILE C 205 65.59 -20.19 20.96
CA ILE C 205 65.05 -21.27 20.16
C ILE C 205 64.07 -20.69 19.15
N CYS C 206 64.28 -21.01 17.88
CA CYS C 206 63.27 -20.66 16.92
C CYS C 206 62.32 -21.83 16.76
N ASN C 207 61.05 -21.50 16.55
CA ASN C 207 60.02 -22.53 16.45
C ASN C 207 59.48 -22.51 15.04
N VAL C 208 59.82 -23.53 14.28
CA VAL C 208 59.45 -23.59 12.87
C VAL C 208 58.26 -24.50 12.64
N ASN C 209 57.25 -23.99 11.96
CA ASN C 209 56.09 -24.79 11.60
C ASN C 209 55.90 -24.93 10.11
N HIS C 210 55.71 -26.16 9.66
CA HIS C 210 55.37 -26.43 8.27
C HIS C 210 54.16 -27.35 8.20
N LYS C 211 52.98 -26.74 8.31
CA LYS C 211 51.73 -27.50 8.38
C LYS C 211 51.59 -28.56 7.29
N PRO C 212 51.83 -28.18 6.03
CA PRO C 212 51.70 -29.12 4.92
C PRO C 212 52.36 -30.48 5.16
N SER C 213 53.44 -30.51 5.92
CA SER C 213 54.17 -31.75 6.18
C SER C 213 54.04 -32.19 7.62
N ASN C 214 53.19 -31.51 8.39
CA ASN C 214 52.96 -31.85 9.79
C ASN C 214 54.21 -31.74 10.63
N THR C 215 55.07 -30.79 10.25
CA THR C 215 56.35 -30.63 10.91
C THR C 215 56.34 -29.46 11.86
N LYS C 216 56.84 -29.69 13.06
CA LYS C 216 57.09 -28.62 14.00
C LYS C 216 58.48 -28.87 14.54
N VAL C 217 59.38 -27.91 14.33
CA VAL C 217 60.76 -28.07 14.75
C VAL C 217 61.20 -26.93 15.65
N ASP C 218 61.93 -27.27 16.71
CA ASP C 218 62.50 -26.28 17.60
C ASP C 218 64.01 -26.43 17.65
N LYS C 219 64.70 -25.50 17.03
CA LYS C 219 66.15 -25.55 16.93
C LYS C 219 66.73 -24.55 17.91
N LYS C 220 67.67 -25.00 18.72
CA LYS C 220 68.39 -24.12 19.64
C LYS C 220 69.54 -23.43 18.90
N VAL C 221 69.54 -22.10 18.90
CA VAL C 221 70.61 -21.33 18.27
C VAL C 221 71.54 -20.78 19.36
N GLU C 222 72.84 -20.98 19.18
CA GLU C 222 73.81 -20.51 20.16
C GLU C 222 75.19 -20.31 19.53
N PRO C 223 76.07 -19.57 20.23
CA PRO C 223 77.41 -19.25 19.74
C PRO C 223 78.32 -20.48 19.63
N LYS C 224 79.03 -20.60 18.51
CA LYS C 224 80.01 -21.65 18.32
C LYS C 224 81.36 -21.17 18.82
N SER C 225 81.93 -21.89 19.78
CA SER C 225 83.23 -21.50 20.36
C SER C 225 84.07 -22.70 20.77
N THR D 1 4.14 37.65 0.41
CA THR D 1 3.42 37.79 -0.88
C THR D 1 3.03 36.43 -1.45
N GLU D 2 2.99 35.42 -0.59
CA GLU D 2 2.71 34.05 -1.04
C GLU D 2 1.24 33.64 -0.93
N ASN D 3 0.73 33.07 -2.02
CA ASN D 3 -0.70 32.72 -2.09
C ASN D 3 -1.04 31.27 -1.77
N PHE D 4 -2.13 31.09 -1.03
CA PHE D 4 -2.67 29.78 -0.70
C PHE D 4 -4.17 29.77 -0.96
N ASN D 5 -4.67 28.71 -1.59
CA ASN D 5 -6.11 28.53 -1.75
C ASN D 5 -6.51 27.09 -1.48
N MET D 6 -6.84 26.80 -0.22
CA MET D 6 -7.17 25.45 0.19
C MET D 6 -8.36 24.89 -0.58
N TRP D 7 -9.13 25.76 -1.23
CA TRP D 7 -10.34 25.32 -1.90
C TRP D 7 -10.13 24.94 -3.36
N LYS D 8 -8.97 25.29 -3.90
CA LYS D 8 -8.56 24.78 -5.20
C LYS D 8 -7.15 24.24 -5.05
N ASN D 9 -7.06 22.99 -4.59
CA ASN D 9 -5.78 22.38 -4.28
C ASN D 9 -5.76 20.92 -4.71
N ASN D 10 -5.30 20.69 -5.95
CA ASN D 10 -5.31 19.35 -6.53
C ASN D 10 -4.81 18.24 -5.62
N MET D 11 -4.10 18.62 -4.57
CA MET D 11 -3.64 17.66 -3.59
C MET D 11 -4.84 16.97 -2.96
N VAL D 12 -5.90 17.74 -2.73
CA VAL D 12 -7.14 17.18 -2.21
C VAL D 12 -7.73 16.17 -3.20
N GLU D 13 -7.99 16.62 -4.42
CA GLU D 13 -8.49 15.72 -5.47
C GLU D 13 -7.62 14.49 -5.54
N GLN D 14 -6.32 14.69 -5.57
CA GLN D 14 -5.36 13.60 -5.67
C GLN D 14 -5.51 12.61 -4.53
N MET D 15 -5.56 13.11 -3.30
CA MET D 15 -5.68 12.21 -2.16
C MET D 15 -6.95 11.39 -2.23
N HIS D 16 -8.05 12.05 -2.54
CA HIS D 16 -9.32 11.37 -2.67
C HIS D 16 -9.20 10.18 -3.63
N GLU D 17 -8.62 10.45 -4.80
CA GLU D 17 -8.34 9.40 -5.77
C GLU D 17 -7.72 8.18 -5.11
N ASP D 18 -6.64 8.42 -4.38
CA ASP D 18 -5.88 7.37 -3.75
C ASP D 18 -6.72 6.57 -2.77
N ILE D 19 -7.44 7.27 -1.91
CA ILE D 19 -8.34 6.64 -0.96
C ILE D 19 -9.34 5.75 -1.69
N ILE D 20 -9.92 6.25 -2.77
CA ILE D 20 -10.82 5.45 -3.60
C ILE D 20 -10.13 4.18 -4.08
N SER D 21 -8.94 4.34 -4.66
CA SER D 21 -8.14 3.19 -5.10
C SER D 21 -7.95 2.20 -3.97
N LEU D 22 -7.50 2.70 -2.82
CA LEU D 22 -7.26 1.87 -1.66
C LEU D 22 -8.51 1.04 -1.36
N TRP D 23 -9.66 1.58 -1.72
CA TRP D 23 -10.91 0.90 -1.46
C TRP D 23 -11.19 -0.19 -2.49
N ASP D 24 -11.07 0.14 -3.77
CA ASP D 24 -11.23 -0.86 -4.82
C ASP D 24 -10.21 -1.96 -4.63
N GLN D 25 -8.96 -1.56 -4.48
CA GLN D 25 -7.89 -2.49 -4.17
C GLN D 25 -8.36 -3.49 -3.13
N SER D 26 -9.06 -3.00 -2.10
CA SER D 26 -9.47 -3.84 -0.99
C SER D 26 -10.64 -4.75 -1.31
N LEU D 27 -11.18 -4.63 -2.51
CA LEU D 27 -12.33 -5.44 -2.90
C LEU D 27 -11.97 -6.51 -3.93
N LYS D 28 -11.11 -6.17 -4.89
CA LYS D 28 -10.70 -7.14 -5.89
C LYS D 28 -10.07 -8.34 -5.21
N PRO D 29 -10.29 -9.53 -5.77
CA PRO D 29 -9.64 -10.72 -5.26
C PRO D 29 -8.30 -10.91 -5.93
N CYS D 30 -7.52 -11.89 -5.48
CA CYS D 30 -6.22 -12.16 -6.08
C CYS D 30 -6.37 -12.79 -7.45
N VAL D 31 -5.61 -12.29 -8.42
CA VAL D 31 -5.53 -12.92 -9.73
C VAL D 31 -4.50 -14.05 -9.68
N LYS D 32 -4.90 -15.25 -10.07
CA LYS D 32 -3.97 -16.37 -10.03
C LYS D 32 -2.76 -16.09 -10.91
N LEU D 33 -1.59 -16.51 -10.45
CA LEU D 33 -0.35 -16.21 -11.15
C LEU D 33 0.03 -17.36 -12.08
N THR D 34 0.99 -17.09 -12.96
CA THR D 34 1.46 -18.10 -13.91
C THR D 34 2.99 -18.16 -13.94
N GLY D 35 3.52 -19.22 -14.52
CA GLY D 35 4.97 -19.42 -14.59
C GLY D 35 5.44 -20.40 -13.53
N GLY D 36 6.50 -21.14 -13.84
CA GLY D 36 7.07 -22.11 -12.92
C GLY D 36 7.70 -21.47 -11.69
N SER D 37 7.95 -20.17 -11.76
CA SER D 37 8.60 -19.44 -10.67
C SER D 37 7.65 -18.48 -9.94
N VAL D 38 6.73 -19.04 -9.15
CA VAL D 38 5.89 -18.25 -8.27
C VAL D 38 5.93 -18.85 -6.86
N ILE D 39 6.26 -18.02 -5.87
CA ILE D 39 6.42 -18.50 -4.50
C ILE D 39 5.12 -19.12 -3.99
N THR D 40 4.12 -18.29 -3.72
CA THR D 40 2.77 -18.78 -3.45
C THR D 40 1.76 -18.05 -4.30
N GLN D 41 0.53 -18.54 -4.28
CA GLN D 41 -0.57 -17.89 -4.98
C GLN D 41 -1.22 -16.88 -4.04
N ALA D 42 -0.88 -16.97 -2.77
CA ALA D 42 -1.41 -16.07 -1.76
C ALA D 42 -0.93 -14.64 -1.97
N CYS D 43 -1.86 -13.75 -2.29
CA CYS D 43 -1.52 -12.36 -2.51
C CYS D 43 -1.92 -11.51 -1.30
N PRO D 44 -1.15 -10.46 -1.01
CA PRO D 44 -1.44 -9.66 0.17
C PRO D 44 -2.52 -8.62 -0.10
N LYS D 45 -3.51 -8.56 0.80
CA LYS D 45 -4.54 -7.54 0.72
C LYS D 45 -4.48 -6.67 1.97
N VAL D 46 -4.30 -5.37 1.77
CA VAL D 46 -4.29 -4.44 2.89
C VAL D 46 -5.72 -4.01 3.20
N SER D 47 -6.14 -4.25 4.43
CA SER D 47 -7.50 -3.92 4.83
C SER D 47 -7.79 -2.42 4.74
N PHE D 48 -9.05 -2.07 4.59
CA PHE D 48 -9.45 -0.68 4.40
C PHE D 48 -9.50 0.05 5.73
N GLU D 49 -8.35 0.56 6.15
CA GLU D 49 -8.23 1.26 7.42
C GLU D 49 -7.31 2.47 7.24
N PRO D 50 -7.41 3.45 8.16
CA PRO D 50 -6.60 4.67 8.07
C PRO D 50 -5.11 4.36 8.03
N ILE D 51 -4.50 4.65 6.89
CA ILE D 51 -3.08 4.38 6.68
C ILE D 51 -2.27 5.67 6.77
N PRO D 52 -1.15 5.64 7.52
CA PRO D 52 -0.29 6.82 7.61
C PRO D 52 0.35 7.16 6.26
N ILE D 53 0.06 8.35 5.75
CA ILE D 53 0.49 8.71 4.42
C ILE D 53 1.02 10.14 4.37
N HIS D 54 2.21 10.30 3.82
CA HIS D 54 2.75 11.62 3.51
C HIS D 54 2.55 11.88 2.04
N TYR D 55 2.42 13.15 1.67
CA TYR D 55 2.44 13.52 0.26
C TYR D 55 3.71 14.27 -0.04
N CYS D 56 4.27 13.98 -1.22
CA CYS D 56 5.64 14.41 -1.49
C CYS D 56 5.85 14.88 -2.92
N ALA D 57 6.74 15.87 -3.07
CA ALA D 57 7.02 16.46 -4.37
C ALA D 57 8.19 15.77 -5.03
N PRO D 58 8.15 15.65 -6.38
CA PRO D 58 9.28 15.14 -7.14
C PRO D 58 10.38 16.19 -7.21
N ALA D 59 11.56 15.80 -7.67
CA ALA D 59 12.65 16.75 -7.85
C ALA D 59 12.22 17.85 -8.82
N GLY D 60 12.66 19.07 -8.55
CA GLY D 60 12.27 20.20 -9.38
C GLY D 60 10.94 20.79 -8.95
N PHE D 61 10.37 20.21 -7.91
CA PHE D 61 9.14 20.70 -7.31
C PHE D 61 9.30 20.75 -5.81
N ALA D 62 8.34 21.35 -5.13
CA ALA D 62 8.40 21.48 -3.68
C ALA D 62 7.03 21.78 -3.11
N ILE D 63 6.89 21.52 -1.81
CA ILE D 63 5.65 21.81 -1.11
C ILE D 63 5.84 22.97 -0.15
N LEU D 64 4.96 23.97 -0.26
CA LEU D 64 4.99 25.10 0.65
C LEU D 64 4.04 24.85 1.81
N LYS D 65 4.54 25.03 3.03
CA LYS D 65 3.71 24.90 4.22
C LYS D 65 3.53 26.24 4.89
N CYS D 66 2.30 26.73 4.89
CA CYS D 66 1.98 27.98 5.59
C CYS D 66 2.00 27.73 7.09
N ASN D 67 2.64 28.63 7.83
CA ASN D 67 2.76 28.49 9.28
C ASN D 67 2.16 29.65 10.08
N ASP D 68 1.46 30.55 9.39
CA ASP D 68 0.80 31.66 10.06
C ASP D 68 -0.17 31.17 11.13
N LYS D 69 -0.07 31.74 12.32
CA LYS D 69 -1.02 31.43 13.39
C LYS D 69 -2.44 31.67 12.91
N LYS D 70 -3.34 30.74 13.22
CA LYS D 70 -4.74 30.84 12.79
C LYS D 70 -4.82 31.32 11.34
N PHE D 71 -4.26 30.52 10.43
CA PHE D 71 -4.23 30.88 9.02
C PHE D 71 -5.62 30.80 8.38
N ASN D 72 -5.93 31.80 7.57
CA ASN D 72 -7.21 31.90 6.89
C ASN D 72 -7.51 30.70 5.98
N GLY D 73 -6.46 30.13 5.40
CA GLY D 73 -6.61 29.04 4.45
C GLY D 73 -6.63 29.55 3.02
N THR D 74 -6.98 30.82 2.88
CA THR D 74 -7.01 31.48 1.57
C THR D 74 -6.48 32.90 1.66
N GLY D 75 -5.64 33.26 0.70
CA GLY D 75 -5.00 34.57 0.69
C GLY D 75 -3.50 34.42 0.90
N PRO D 76 -2.84 35.53 1.27
CA PRO D 76 -1.40 35.54 1.50
C PRO D 76 -1.01 34.88 2.81
N CYS D 77 0.24 34.44 2.91
CA CYS D 77 0.78 33.83 4.12
C CYS D 77 2.19 34.37 4.36
N THR D 78 2.51 34.66 5.61
CA THR D 78 3.79 35.31 5.94
C THR D 78 4.90 34.33 6.33
N ASN D 79 4.64 33.46 7.30
CA ASN D 79 5.63 32.48 7.74
C ASN D 79 5.47 31.15 7.01
N VAL D 80 6.01 31.08 5.79
CA VAL D 80 5.83 29.92 4.92
C VAL D 80 7.09 29.09 4.76
N SER D 81 7.19 27.99 5.51
CA SER D 81 8.33 27.09 5.34
C SER D 81 8.13 26.22 4.10
N THR D 82 9.22 25.88 3.43
CA THR D 82 9.16 25.03 2.26
C THR D 82 9.72 23.65 2.58
N VAL D 83 8.94 22.62 2.28
CA VAL D 83 9.29 21.26 2.69
C VAL D 83 9.16 20.27 1.54
N GLN D 84 9.65 19.06 1.76
CA GLN D 84 9.62 18.02 0.75
C GLN D 84 8.36 17.17 0.86
N CYS D 85 7.86 17.01 2.08
CA CYS D 85 6.64 16.25 2.30
C CYS D 85 5.72 16.89 3.32
N THR D 86 4.46 16.45 3.31
CA THR D 86 3.51 16.84 4.33
C THR D 86 3.76 15.97 5.56
N HIS D 87 3.14 16.35 6.67
CA HIS D 87 3.13 15.50 7.85
C HIS D 87 2.36 14.24 7.50
N GLY D 88 2.56 13.18 8.27
CA GLY D 88 1.83 11.94 8.06
C GLY D 88 0.37 12.08 8.45
N ILE D 89 -0.53 11.69 7.55
CA ILE D 89 -1.95 11.80 7.82
C ILE D 89 -2.59 10.42 7.74
N ARG D 90 -3.32 10.07 8.79
CA ARG D 90 -4.10 8.83 8.79
C ARG D 90 -5.55 9.16 8.57
N PRO D 91 -5.93 9.32 7.29
CA PRO D 91 -7.21 9.89 6.92
C PRO D 91 -8.34 8.95 7.29
N VAL D 92 -9.44 9.51 7.78
CA VAL D 92 -10.59 8.73 8.19
C VAL D 92 -11.80 9.08 7.34
N VAL D 93 -12.44 8.07 6.78
CA VAL D 93 -13.63 8.27 5.96
C VAL D 93 -14.84 8.54 6.85
N SER D 94 -15.44 9.71 6.71
CA SER D 94 -16.64 10.04 7.49
C SER D 94 -17.43 11.21 6.91
N THR D 95 -18.64 11.39 7.43
CA THR D 95 -19.49 12.53 7.09
C THR D 95 -19.80 13.29 8.36
N GLN D 96 -20.19 14.55 8.21
CA GLN D 96 -20.59 15.39 9.34
C GLN D 96 -19.44 15.68 10.33
N LEU D 97 -18.88 14.63 10.92
CA LEU D 97 -17.81 14.79 11.92
C LEU D 97 -16.43 14.37 11.43
N LEU D 98 -15.48 15.29 11.54
CA LEU D 98 -14.09 15.00 11.20
C LEU D 98 -13.44 14.28 12.36
N LEU D 99 -12.76 13.18 12.06
CA LEU D 99 -12.25 12.29 13.09
C LEU D 99 -10.74 12.13 13.04
N ASN D 100 -10.13 11.96 14.22
CA ASN D 100 -8.70 11.70 14.34
C ASN D 100 -7.80 12.72 13.65
N GLY D 101 -8.29 13.94 13.47
CA GLY D 101 -7.56 14.95 12.73
C GLY D 101 -6.64 15.82 13.58
N SER D 102 -6.12 16.88 12.96
CA SER D 102 -5.27 17.85 13.67
C SER D 102 -6.13 18.81 14.47
N LEU D 103 -5.61 19.27 15.60
CA LEU D 103 -6.35 20.19 16.44
C LEU D 103 -5.93 21.61 16.18
N ALA D 104 -6.88 22.55 16.25
CA ALA D 104 -6.59 23.96 16.08
C ALA D 104 -5.54 24.37 17.10
N GLU D 105 -4.51 25.06 16.63
CA GLU D 105 -3.34 25.38 17.45
C GLU D 105 -3.73 26.00 18.78
N GLU D 106 -4.56 27.03 18.75
CA GLU D 106 -4.88 27.79 19.95
C GLU D 106 -6.34 27.64 20.36
N GLU D 107 -7.24 28.31 19.64
CA GLU D 107 -8.67 28.21 19.90
C GLU D 107 -9.41 27.70 18.67
N ILE D 108 -10.70 27.44 18.83
CA ILE D 108 -11.54 26.95 17.75
C ILE D 108 -11.41 27.83 16.50
N VAL D 109 -11.20 27.20 15.35
CA VAL D 109 -11.05 27.91 14.09
C VAL D 109 -12.05 27.40 13.06
N ILE D 110 -12.71 28.32 12.36
CA ILE D 110 -13.63 27.95 11.29
C ILE D 110 -13.18 28.52 9.95
N ARG D 111 -13.53 27.81 8.87
CA ARG D 111 -13.11 28.20 7.54
C ARG D 111 -14.18 27.95 6.50
N SER D 112 -14.27 28.84 5.51
CA SER D 112 -15.21 28.69 4.40
C SER D 112 -14.68 29.43 3.18
N GLU D 113 -14.91 28.86 2.00
CA GLU D 113 -14.56 29.53 0.76
C GLU D 113 -15.39 30.80 0.56
N ASN D 114 -16.48 30.92 1.31
CA ASN D 114 -17.16 32.19 1.50
C ASN D 114 -18.21 32.14 2.60
N PHE D 115 -18.16 33.11 3.49
CA PHE D 115 -19.06 33.13 4.65
C PHE D 115 -20.35 33.84 4.31
N THR D 116 -20.31 34.69 3.30
CA THR D 116 -21.52 35.32 2.76
C THR D 116 -22.24 34.32 1.86
N ASN D 117 -21.46 33.49 1.17
CA ASN D 117 -22.01 32.43 0.37
C ASN D 117 -22.38 31.25 1.25
N ASN D 118 -23.67 31.11 1.55
CA ASN D 118 -24.14 30.05 2.42
C ASN D 118 -24.05 28.68 1.77
N ALA D 119 -23.88 28.68 0.45
CA ALA D 119 -23.70 27.46 -0.31
C ALA D 119 -22.40 26.77 0.08
N LYS D 120 -21.35 27.57 0.28
CA LYS D 120 -20.04 27.03 0.65
C LYS D 120 -20.07 26.40 2.03
N THR D 121 -19.39 25.27 2.15
CA THR D 121 -19.31 24.55 3.42
C THR D 121 -18.43 25.29 4.41
N ILE D 122 -18.71 25.09 5.68
CA ILE D 122 -17.87 25.61 6.74
C ILE D 122 -17.16 24.47 7.45
N ILE D 123 -15.83 24.53 7.48
CA ILE D 123 -15.05 23.52 8.17
C ILE D 123 -14.63 24.02 9.55
N VAL D 124 -15.06 23.30 10.57
CA VAL D 124 -14.67 23.60 11.93
C VAL D 124 -13.46 22.79 12.32
N GLN D 125 -12.47 23.45 12.89
CA GLN D 125 -11.33 22.75 13.43
C GLN D 125 -11.25 23.02 14.93
N LEU D 126 -11.42 21.98 15.72
CA LEU D 126 -11.45 22.12 17.17
C LEU D 126 -10.04 22.21 17.75
N ASN D 127 -9.90 23.01 18.80
CA ASN D 127 -8.64 23.10 19.51
C ASN D 127 -8.55 22.06 20.62
N GLU D 128 -9.71 21.51 20.99
CA GLU D 128 -9.77 20.46 22.00
C GLU D 128 -10.58 19.27 21.50
N SER D 129 -9.92 18.11 21.43
CA SER D 129 -10.54 16.91 20.91
C SER D 129 -11.68 16.41 21.79
N VAL D 130 -12.68 15.78 21.16
CA VAL D 130 -13.77 15.15 21.88
C VAL D 130 -13.84 13.65 21.58
N VAL D 131 -13.72 12.84 22.63
CA VAL D 131 -13.65 11.39 22.48
C VAL D 131 -15.03 10.81 22.16
N ILE D 132 -15.04 9.68 21.48
CA ILE D 132 -16.29 9.01 21.13
C ILE D 132 -16.07 7.51 20.94
N ASN D 133 -16.62 6.72 21.86
CA ASN D 133 -16.40 5.27 21.83
C ASN D 133 -17.53 4.54 21.11
N CYS D 134 -17.17 3.70 20.15
CA CYS D 134 -18.17 2.97 19.37
C CYS D 134 -17.92 1.48 19.38
N THR D 135 -19.01 0.72 19.44
CA THR D 135 -18.94 -0.72 19.62
C THR D 135 -19.95 -1.41 18.74
N ARG D 136 -19.70 -2.69 18.46
CA ARG D 136 -20.59 -3.49 17.62
C ARG D 136 -21.29 -4.54 18.46
N PRO D 137 -22.41 -5.07 17.96
CA PRO D 137 -23.05 -6.21 18.60
C PRO D 137 -22.22 -7.49 18.39
N ASN D 138 -22.08 -8.28 19.44
CA ASN D 138 -21.32 -9.54 19.35
C ASN D 138 -22.06 -10.64 18.60
N ASN D 139 -21.94 -10.63 17.28
CA ASN D 139 -22.64 -11.58 16.43
C ASN D 139 -21.80 -12.83 16.17
N ARG D 164 -29.06 -2.59 23.87
CA ARG D 164 -28.07 -1.73 23.23
C ARG D 164 -27.11 -2.55 22.38
N GLN D 165 -27.05 -2.23 21.09
CA GLN D 165 -26.18 -2.91 20.14
C GLN D 165 -25.88 -2.03 18.94
N ALA D 166 -24.60 -1.79 18.68
CA ALA D 166 -24.17 -0.91 17.59
C ALA D 166 -24.35 0.59 17.70
N HIS D 167 -23.73 1.19 18.71
CA HIS D 167 -23.92 2.61 18.98
C HIS D 167 -22.63 3.36 19.26
N CYS D 168 -22.76 4.59 19.73
CA CYS D 168 -21.62 5.40 20.11
C CYS D 168 -21.92 6.27 21.33
N ASN D 169 -20.97 6.32 22.26
CA ASN D 169 -21.11 7.17 23.44
C ASN D 169 -20.19 8.39 23.44
N LEU D 170 -20.59 9.41 24.18
CA LEU D 170 -19.98 10.73 24.10
C LEU D 170 -20.21 11.52 25.40
N SER D 171 -19.20 12.26 25.83
CA SER D 171 -19.34 13.10 27.02
C SER D 171 -20.26 14.28 26.75
N LYS D 172 -21.44 14.26 27.35
CA LYS D 172 -22.47 15.26 27.08
C LYS D 172 -22.03 16.69 27.37
N THR D 173 -21.82 17.00 28.65
CA THR D 173 -21.46 18.36 29.06
C THR D 173 -20.23 18.87 28.34
N GLN D 174 -19.39 17.94 27.87
CA GLN D 174 -18.20 18.28 27.10
C GLN D 174 -18.59 18.68 25.68
N TRP D 175 -19.54 17.97 25.11
CA TRP D 175 -20.01 18.26 23.75
C TRP D 175 -20.82 19.55 23.72
N GLU D 176 -21.80 19.68 24.61
CA GLU D 176 -22.58 20.89 24.72
C GLU D 176 -21.64 22.07 24.85
N ASN D 177 -20.63 21.91 25.69
CA ASN D 177 -19.58 22.89 25.85
C ASN D 177 -18.98 23.30 24.51
N THR D 178 -18.68 22.30 23.68
CA THR D 178 -18.06 22.55 22.39
C THR D 178 -18.97 23.37 21.49
N LEU D 179 -20.23 22.96 21.37
CA LEU D 179 -21.19 23.67 20.54
C LEU D 179 -21.26 25.14 20.90
N GLU D 180 -21.29 25.43 22.20
CA GLU D 180 -21.30 26.79 22.68
C GLU D 180 -20.06 27.54 22.19
N GLN D 181 -18.90 26.90 22.34
CA GLN D 181 -17.64 27.48 21.89
C GLN D 181 -17.66 27.79 20.40
N ILE D 182 -18.30 26.91 19.64
CA ILE D 182 -18.44 27.11 18.20
C ILE D 182 -19.35 28.29 17.93
N ALA D 183 -20.54 28.27 18.54
CA ALA D 183 -21.51 29.34 18.38
C ALA D 183 -20.84 30.70 18.52
N ILE D 184 -19.98 30.82 19.53
CA ILE D 184 -19.22 32.05 19.77
C ILE D 184 -18.42 32.46 18.53
N LYS D 185 -17.65 31.52 18.00
CA LYS D 185 -16.79 31.77 16.84
C LYS D 185 -17.59 32.17 15.60
N LEU D 186 -18.88 31.83 15.60
CA LEU D 186 -19.78 32.18 14.50
C LEU D 186 -20.36 33.57 14.71
N LYS D 187 -20.73 33.87 15.95
CA LYS D 187 -21.19 35.21 16.29
C LYS D 187 -20.11 36.22 15.92
N GLU D 188 -18.87 35.88 16.22
CA GLU D 188 -17.74 36.70 15.81
C GLU D 188 -17.73 36.90 14.30
N GLN D 189 -18.03 35.84 13.58
CA GLN D 189 -17.92 35.85 12.13
C GLN D 189 -19.12 36.51 11.45
N PHE D 190 -20.29 36.44 12.08
CA PHE D 190 -21.51 36.94 11.47
C PHE D 190 -22.15 38.08 12.27
N GLY D 191 -21.37 38.75 13.11
CA GLY D 191 -21.91 39.78 13.99
C GLY D 191 -22.58 39.11 15.17
N ASN D 192 -22.02 39.31 16.36
CA ASN D 192 -22.47 38.60 17.56
C ASN D 192 -23.79 39.10 18.14
N ASN D 193 -24.53 39.88 17.35
CA ASN D 193 -25.86 40.31 17.73
C ASN D 193 -26.89 39.32 17.25
N LYS D 194 -26.41 38.20 16.73
CA LYS D 194 -27.26 37.18 16.14
C LYS D 194 -27.36 35.96 17.05
N THR D 195 -28.44 35.20 16.90
CA THR D 195 -28.63 33.98 17.68
C THR D 195 -28.31 32.74 16.84
N ILE D 196 -27.51 31.84 17.40
CA ILE D 196 -27.09 30.64 16.68
C ILE D 196 -27.90 29.42 17.10
N ILE D 197 -28.37 28.67 16.10
CA ILE D 197 -29.11 27.44 16.35
C ILE D 197 -28.59 26.32 15.47
N PHE D 198 -28.53 25.12 16.03
CA PHE D 198 -28.11 23.94 15.27
C PHE D 198 -29.30 23.02 15.01
N ASN D 199 -29.48 22.65 13.74
CA ASN D 199 -30.52 21.71 13.37
C ASN D 199 -29.89 20.48 12.76
N PRO D 200 -30.55 19.32 12.92
CA PRO D 200 -30.07 18.13 12.23
C PRO D 200 -30.07 18.37 10.73
N SER D 201 -29.36 17.52 9.99
CA SER D 201 -29.32 17.64 8.54
C SER D 201 -30.69 17.34 7.95
N SER D 202 -31.06 18.06 6.89
CA SER D 202 -32.31 17.79 6.19
C SER D 202 -32.13 16.65 5.18
N GLY D 203 -33.05 16.56 4.22
CA GLY D 203 -33.04 15.48 3.24
C GLY D 203 -31.73 15.28 2.50
N GLY D 204 -31.46 14.05 2.09
CA GLY D 204 -30.24 13.73 1.36
C GLY D 204 -29.97 12.23 1.38
N ASP D 205 -28.80 11.83 0.89
CA ASP D 205 -28.37 10.43 0.97
C ASP D 205 -28.25 9.99 2.41
N PRO D 206 -28.40 8.68 2.68
CA PRO D 206 -28.37 8.20 4.05
C PRO D 206 -27.07 8.61 4.75
N GLU D 207 -25.95 8.38 4.07
CA GLU D 207 -24.63 8.68 4.63
C GLU D 207 -24.49 10.17 4.97
N ILE D 208 -25.09 11.02 4.14
CA ILE D 208 -25.03 12.46 4.35
C ILE D 208 -25.89 12.90 5.53
N VAL D 209 -27.06 12.29 5.65
CA VAL D 209 -28.00 12.63 6.70
C VAL D 209 -27.52 12.16 8.06
N THR D 210 -27.06 10.92 8.13
CA THR D 210 -26.51 10.39 9.35
C THR D 210 -25.07 10.80 9.44
N HIS D 211 -24.47 10.63 10.60
CA HIS D 211 -23.03 10.67 10.70
C HIS D 211 -22.55 9.26 10.42
N SER D 212 -22.02 9.06 9.22
CA SER D 212 -21.53 7.74 8.85
C SER D 212 -20.01 7.74 8.83
N PHE D 213 -19.41 6.55 8.86
CA PHE D 213 -17.96 6.44 8.84
C PHE D 213 -17.47 5.01 8.67
N ASN D 214 -16.24 4.87 8.21
CA ASN D 214 -15.63 3.57 7.99
C ASN D 214 -15.08 2.95 9.26
N CYS D 215 -15.11 1.63 9.33
CA CYS D 215 -14.39 0.93 10.37
C CYS D 215 -13.97 -0.46 9.91
N GLY D 216 -12.90 -0.48 9.12
CA GLY D 216 -12.35 -1.73 8.61
C GLY D 216 -13.15 -2.30 7.47
N GLY D 217 -13.82 -1.44 6.71
CA GLY D 217 -14.60 -1.90 5.57
C GLY D 217 -16.06 -2.08 5.92
N GLU D 218 -16.39 -1.86 7.18
CA GLU D 218 -17.79 -1.82 7.61
C GLU D 218 -18.14 -0.39 7.96
N PHE D 219 -19.32 0.04 7.56
CA PHE D 219 -19.68 1.45 7.71
C PHE D 219 -20.80 1.68 8.70
N PHE D 220 -20.52 2.53 9.68
CA PHE D 220 -21.52 2.92 10.66
C PHE D 220 -22.36 4.07 10.14
N TYR D 221 -23.63 4.06 10.49
CA TYR D 221 -24.52 5.18 10.20
C TYR D 221 -25.13 5.57 11.52
N CYS D 222 -25.06 6.84 11.88
CA CYS D 222 -25.48 7.24 13.22
C CYS D 222 -26.41 8.44 13.29
N ASN D 223 -27.58 8.20 13.90
CA ASN D 223 -28.57 9.24 14.09
C ASN D 223 -28.00 10.33 14.99
N SER D 224 -27.64 11.45 14.38
CA SER D 224 -27.01 12.53 15.13
C SER D 224 -28.00 13.63 15.46
N THR D 225 -29.28 13.30 15.53
CA THR D 225 -30.30 14.27 15.89
C THR D 225 -29.95 14.92 17.22
N GLN D 226 -29.43 14.11 18.14
CA GLN D 226 -29.08 14.58 19.47
C GLN D 226 -27.83 15.45 19.47
N LEU D 227 -27.07 15.40 18.39
CA LEU D 227 -25.83 16.14 18.32
C LEU D 227 -26.05 17.55 17.79
N PHE D 228 -27.18 17.75 17.11
CA PHE D 228 -27.43 19.01 16.41
C PHE D 228 -28.82 19.57 16.70
N THR D 229 -29.15 19.66 17.97
CA THR D 229 -30.36 20.33 18.41
C THR D 229 -29.99 21.16 19.63
N TRP D 230 -29.59 22.42 19.41
CA TRP D 230 -28.96 23.21 20.45
C TRP D 230 -29.66 24.53 20.79
N ASN D 231 -29.61 24.91 22.07
CA ASN D 231 -30.16 26.17 22.57
C ASN D 231 -29.66 26.41 23.99
N ASP D 232 -30.21 27.43 24.65
CA ASP D 232 -29.83 27.75 26.02
C ASP D 232 -30.82 27.47 27.14
N ARG D 241 -22.54 13.02 32.37
CA ARG D 241 -22.48 13.44 30.97
C ARG D 241 -22.35 12.22 30.07
N ASN D 242 -23.42 11.92 29.33
CA ASN D 242 -23.42 10.75 28.46
C ASN D 242 -24.50 10.83 27.39
N ILE D 243 -24.11 10.72 26.12
CA ILE D 243 -25.04 10.73 25.00
C ILE D 243 -24.86 9.48 24.14
N THR D 244 -25.94 8.77 23.87
CA THR D 244 -25.85 7.55 23.08
C THR D 244 -26.59 7.68 21.74
N LEU D 245 -25.87 7.41 20.65
CA LEU D 245 -26.44 7.49 19.32
C LEU D 245 -26.79 6.12 18.78
N PRO D 246 -27.99 5.97 18.20
CA PRO D 246 -28.39 4.72 17.57
C PRO D 246 -27.73 4.58 16.21
N CYS D 247 -26.96 3.51 16.03
CA CYS D 247 -26.21 3.31 14.79
C CYS D 247 -26.56 2.00 14.09
N ARG D 248 -26.46 2.01 12.76
CA ARG D 248 -26.58 0.81 11.97
C ARG D 248 -25.27 0.58 11.24
N ILE D 249 -24.96 -0.69 10.96
CA ILE D 249 -23.72 -1.03 10.32
C ILE D 249 -23.96 -1.61 8.92
N LYS D 250 -23.45 -0.92 7.90
CA LYS D 250 -23.57 -1.42 6.54
C LYS D 250 -22.28 -2.12 6.14
N GLN D 251 -22.41 -3.38 5.77
CA GLN D 251 -21.26 -4.14 5.30
C GLN D 251 -21.17 -4.01 3.79
N ILE D 252 -19.96 -3.87 3.28
CA ILE D 252 -19.72 -3.74 1.85
C ILE D 252 -20.43 -4.84 1.08
N ILE D 253 -21.42 -4.46 0.28
CA ILE D 253 -22.11 -5.40 -0.58
C ILE D 253 -21.20 -5.88 -1.72
N ASN D 254 -20.33 -6.83 -1.41
CA ASN D 254 -19.14 -7.07 -2.23
C ASN D 254 -19.48 -6.76 -3.68
N MET D 255 -18.81 -5.75 -4.23
CA MET D 255 -18.98 -5.39 -5.63
C MET D 255 -18.42 -6.50 -6.50
N TRP D 256 -17.27 -7.03 -6.09
CA TRP D 256 -16.56 -8.03 -6.88
C TRP D 256 -16.94 -9.45 -6.45
N GLN D 257 -17.42 -10.24 -7.40
CA GLN D 257 -17.40 -11.69 -7.26
C GLN D 257 -18.64 -12.19 -6.53
N GLU D 258 -18.71 -13.50 -6.32
CA GLU D 258 -19.88 -14.11 -5.69
C GLU D 258 -19.71 -15.64 -5.67
N VAL D 259 -20.73 -16.36 -5.19
CA VAL D 259 -20.69 -17.82 -5.03
C VAL D 259 -19.34 -18.33 -4.50
N GLY D 260 -19.05 -17.99 -3.26
CA GLY D 260 -17.80 -18.41 -2.60
C GLY D 260 -18.06 -19.04 -1.24
N LYS D 261 -18.83 -20.13 -1.23
CA LYS D 261 -19.12 -20.86 0.00
C LYS D 261 -18.15 -22.02 0.19
N ALA D 262 -17.28 -22.22 -0.79
CA ALA D 262 -16.18 -23.18 -0.67
C ALA D 262 -15.11 -22.66 0.28
N MET D 263 -15.49 -21.71 1.13
CA MET D 263 -14.52 -20.92 1.89
C MET D 263 -15.11 -20.52 3.24
N TYR D 264 -16.42 -20.35 3.27
CA TYR D 264 -17.13 -20.08 4.51
C TYR D 264 -17.07 -18.57 4.78
N ALA D 265 -17.40 -18.18 6.01
CA ALA D 265 -17.66 -16.79 6.32
C ALA D 265 -16.49 -16.16 7.08
N PRO D 266 -16.32 -14.85 6.89
CA PRO D 266 -15.10 -14.18 7.36
C PRO D 266 -15.27 -13.46 8.72
N PRO D 267 -14.70 -14.05 9.79
CA PRO D 267 -14.82 -13.49 11.14
C PRO D 267 -13.66 -12.58 11.58
N ILE D 268 -12.42 -13.03 11.37
CA ILE D 268 -11.24 -12.41 11.99
C ILE D 268 -10.77 -11.12 11.30
N ARG D 269 -11.66 -10.14 11.20
CA ARG D 269 -11.32 -8.82 10.65
C ARG D 269 -12.00 -7.72 11.44
N GLY D 270 -11.32 -7.19 12.46
CA GLY D 270 -9.94 -7.57 12.78
C GLY D 270 -9.73 -8.47 14.00
N GLN D 271 -10.46 -8.23 15.09
CA GLN D 271 -11.49 -7.18 15.17
C GLN D 271 -10.95 -5.89 15.80
N ILE D 272 -11.54 -4.76 15.42
CA ILE D 272 -11.13 -3.45 15.94
C ILE D 272 -12.25 -2.82 16.78
N ARG D 273 -11.98 -1.62 17.28
CA ARG D 273 -12.99 -0.75 17.83
C ARG D 273 -12.75 0.62 17.21
N CYS D 274 -13.80 1.42 17.10
CA CYS D 274 -13.68 2.67 16.38
C CYS D 274 -13.70 3.87 17.32
N SER D 275 -13.56 3.59 18.61
CA SER D 275 -13.39 4.65 19.60
C SER D 275 -12.31 5.64 19.13
N SER D 276 -12.71 6.88 18.90
CA SER D 276 -11.80 7.85 18.27
C SER D 276 -11.98 9.31 18.70
N ASN D 277 -11.25 10.20 18.04
CA ASN D 277 -11.18 11.61 18.40
C ASN D 277 -11.86 12.53 17.39
N ILE D 278 -12.89 13.26 17.85
CA ILE D 278 -13.57 14.23 17.00
C ILE D 278 -12.79 15.54 17.00
N THR D 279 -12.22 15.88 15.85
CA THR D 279 -11.36 17.05 15.75
C THR D 279 -11.91 18.09 14.80
N GLY D 280 -13.15 17.91 14.35
CA GLY D 280 -13.74 18.88 13.44
C GLY D 280 -15.15 18.55 12.95
N LEU D 281 -15.76 19.52 12.28
CA LEU D 281 -17.11 19.39 11.77
C LEU D 281 -17.24 19.99 10.37
N LEU D 282 -18.20 19.48 9.61
CA LEU D 282 -18.56 20.10 8.35
C LEU D 282 -19.93 20.68 8.54
N LEU D 283 -20.08 21.97 8.26
CA LEU D 283 -21.36 22.64 8.44
C LEU D 283 -21.78 23.43 7.21
N THR D 284 -23.08 23.64 7.10
CA THR D 284 -23.64 24.52 6.08
C THR D 284 -24.73 25.36 6.73
N ARG D 285 -24.91 26.56 6.20
CA ARG D 285 -25.83 27.52 6.80
C ARG D 285 -27.06 27.70 5.92
N ASP D 286 -28.21 27.94 6.55
CA ASP D 286 -29.47 28.13 5.83
C ASP D 286 -29.63 29.57 5.34
N GLY D 287 -30.35 29.73 4.23
CA GLY D 287 -30.58 31.04 3.66
C GLY D 287 -32.00 31.21 3.15
N GLY D 288 -32.89 31.62 4.05
CA GLY D 288 -34.27 31.92 3.67
C GLY D 288 -34.56 33.39 3.90
N LYS D 289 -35.58 33.92 3.22
CA LYS D 289 -35.95 35.32 3.37
C LYS D 289 -36.24 35.67 4.83
N ASP D 290 -36.96 34.79 5.52
CA ASP D 290 -37.38 35.06 6.89
C ASP D 290 -36.50 34.41 7.96
N THR D 291 -35.25 34.87 8.04
CA THR D 291 -34.33 34.52 9.12
C THR D 291 -33.72 35.82 9.62
N ASN D 292 -33.96 36.16 10.87
CA ASN D 292 -33.61 37.48 11.38
C ASN D 292 -32.62 37.46 12.52
N GLY D 293 -31.44 38.02 12.28
CA GLY D 293 -30.35 37.95 13.25
C GLY D 293 -30.13 36.51 13.66
N THR D 294 -31.01 35.63 13.18
CA THR D 294 -30.99 34.24 13.58
C THR D 294 -30.44 33.35 12.46
N GLU D 295 -29.46 32.52 12.82
CA GLU D 295 -28.78 31.67 11.85
C GLU D 295 -28.84 30.19 12.23
N ILE D 296 -29.23 29.36 11.27
CA ILE D 296 -29.34 27.92 11.48
C ILE D 296 -28.20 27.18 10.79
N PHE D 297 -27.62 26.21 11.47
CA PHE D 297 -26.54 25.40 10.92
C PHE D 297 -26.84 23.93 10.98
N ARG D 298 -26.38 23.18 9.98
CA ARG D 298 -26.62 21.76 9.90
C ARG D 298 -25.36 21.00 9.49
N PRO D 299 -25.39 19.68 9.64
CA PRO D 299 -24.22 18.93 10.10
C PRO D 299 -23.44 18.30 8.94
N GLY D 300 -23.95 18.50 7.73
CA GLY D 300 -23.34 17.89 6.56
C GLY D 300 -23.04 18.89 5.46
N GLY D 301 -21.79 18.92 5.02
CA GLY D 301 -21.29 20.01 4.20
C GLY D 301 -20.34 19.54 3.12
N GLY D 302 -20.84 19.50 1.89
CA GLY D 302 -20.01 19.20 0.73
C GLY D 302 -19.78 17.71 0.56
N ASP D 303 -18.65 17.35 -0.05
CA ASP D 303 -18.25 15.96 -0.16
C ASP D 303 -17.05 15.66 0.74
N MET D 304 -16.50 14.46 0.60
CA MET D 304 -15.39 14.03 1.43
C MET D 304 -14.06 14.67 1.07
N ARG D 305 -13.96 15.19 -0.15
CA ARG D 305 -12.77 15.93 -0.51
C ARG D 305 -12.54 16.96 0.58
N ASP D 306 -13.64 17.48 1.13
CA ASP D 306 -13.57 18.46 2.22
C ASP D 306 -12.89 17.92 3.47
N ASN D 307 -12.99 16.61 3.71
CA ASN D 307 -12.26 15.98 4.80
C ASN D 307 -10.76 16.17 4.60
N TRP D 308 -10.26 15.66 3.48
CA TRP D 308 -8.86 15.78 3.15
C TRP D 308 -8.46 17.24 3.22
N ARG D 309 -9.32 18.08 2.65
CA ARG D 309 -9.10 19.51 2.61
C ARG D 309 -8.76 20.07 3.99
N SER D 310 -9.33 19.49 5.03
CA SER D 310 -9.14 20.01 6.39
C SER D 310 -7.74 19.72 6.92
N GLU D 311 -7.06 18.75 6.33
CA GLU D 311 -5.72 18.40 6.75
C GLU D 311 -4.68 19.05 5.86
N LEU D 312 -5.02 19.21 4.58
CA LEU D 312 -4.09 19.70 3.57
C LEU D 312 -4.13 21.20 3.39
N TYR D 313 -4.99 21.87 4.15
CA TYR D 313 -5.22 23.29 3.94
C TYR D 313 -3.94 24.12 3.96
N LYS D 314 -3.00 23.75 4.82
CA LYS D 314 -1.79 24.55 4.99
C LYS D 314 -0.67 24.19 4.01
N TYR D 315 -0.98 23.37 3.01
CA TYR D 315 0.04 22.96 2.03
C TYR D 315 -0.31 23.34 0.59
N LYS D 316 0.72 23.39 -0.24
CA LYS D 316 0.57 23.64 -1.66
C LYS D 316 1.78 23.07 -2.40
N VAL D 317 1.55 22.51 -3.58
CA VAL D 317 2.65 22.01 -4.40
C VAL D 317 2.99 23.04 -5.46
N VAL D 318 4.28 23.19 -5.75
CA VAL D 318 4.71 24.23 -6.69
C VAL D 318 6.11 23.96 -7.26
N LYS D 319 6.37 24.51 -8.44
CA LYS D 319 7.56 24.15 -9.21
C LYS D 319 8.79 25.01 -8.92
N ILE D 320 9.96 24.42 -9.16
CA ILE D 320 11.23 25.08 -8.94
C ILE D 320 11.94 25.38 -10.27
N GLU D 321 12.60 26.54 -10.34
CA GLU D 321 13.41 26.92 -11.50
C GLU D 321 13.83 28.38 -11.39
N GLU E 1 -20.62 -1.53 -24.33
CA GLU E 1 -21.60 -1.10 -23.29
C GLU E 1 -22.73 -2.10 -23.15
N ILE E 2 -23.22 -2.23 -21.92
CA ILE E 2 -24.17 -3.27 -21.59
C ILE E 2 -25.57 -3.04 -22.17
N VAL E 3 -26.26 -4.14 -22.46
CA VAL E 3 -27.60 -4.12 -23.00
C VAL E 3 -28.54 -4.95 -22.12
N LEU E 4 -29.58 -4.31 -21.58
CA LEU E 4 -30.52 -5.00 -20.70
C LEU E 4 -31.78 -5.45 -21.42
N THR E 5 -32.04 -6.76 -21.38
CA THR E 5 -33.21 -7.32 -22.02
C THR E 5 -34.19 -7.86 -20.98
N GLN E 6 -35.40 -7.32 -20.98
CA GLN E 6 -36.38 -7.62 -19.94
C GLN E 6 -37.23 -8.82 -20.30
N SER E 7 -38.13 -9.20 -19.40
CA SER E 7 -38.43 -10.62 -19.17
C SER E 7 -39.42 -11.14 -20.20
N PRO E 8 -40.68 -10.77 -20.04
CA PRO E 8 -41.67 -10.97 -21.09
C PRO E 8 -42.03 -9.55 -21.46
N GLY E 9 -42.17 -9.28 -22.75
CA GLY E 9 -42.54 -7.94 -23.19
C GLY E 9 -43.76 -7.47 -22.43
N THR E 10 -44.82 -8.28 -22.48
CA THR E 10 -46.02 -8.03 -21.73
C THR E 10 -46.31 -9.21 -20.82
N LEU E 11 -46.82 -8.90 -19.64
CA LEU E 11 -47.16 -9.93 -18.66
C LEU E 11 -48.51 -9.58 -18.06
N SER E 12 -49.45 -10.52 -18.11
CA SER E 12 -50.81 -10.24 -17.70
C SER E 12 -51.38 -11.29 -16.77
N LEU E 13 -51.71 -10.90 -15.54
CA LEU E 13 -52.41 -11.81 -14.63
C LEU E 13 -53.43 -11.14 -13.73
N SER E 14 -54.15 -11.97 -12.97
CA SER E 14 -55.18 -11.51 -12.06
C SER E 14 -54.57 -11.10 -10.72
N ALA E 15 -55.34 -10.37 -9.93
CA ALA E 15 -54.91 -9.97 -8.60
C ALA E 15 -54.74 -11.20 -7.70
N GLY E 16 -53.72 -11.17 -6.86
CA GLY E 16 -53.45 -12.29 -5.97
C GLY E 16 -52.39 -13.23 -6.51
N GLU E 17 -52.21 -13.25 -7.82
CA GLU E 17 -51.20 -14.11 -8.44
C GLU E 17 -49.80 -13.57 -8.24
N ARG E 18 -48.80 -14.42 -8.51
CA ARG E 18 -47.40 -14.03 -8.37
C ARG E 18 -46.79 -13.64 -9.71
N ALA E 19 -46.11 -12.50 -9.74
CA ALA E 19 -45.51 -12.00 -10.97
C ALA E 19 -43.99 -12.15 -10.95
N THR E 20 -43.44 -12.67 -12.04
CA THR E 20 -42.00 -12.79 -12.18
C THR E 20 -41.50 -12.10 -13.44
N LEU E 21 -40.72 -11.03 -13.23
CA LEU E 21 -40.12 -10.30 -14.33
C LEU E 21 -38.62 -10.46 -14.23
N SER E 22 -38.00 -10.86 -15.33
CA SER E 22 -36.56 -11.04 -15.34
C SER E 22 -35.88 -9.94 -16.14
N CYS E 23 -34.58 -9.82 -15.94
CA CYS E 23 -33.76 -8.84 -16.61
C CYS E 23 -32.44 -9.52 -16.91
N ARG E 24 -32.05 -9.56 -18.18
CA ARG E 24 -30.82 -10.24 -18.56
C ARG E 24 -29.85 -9.31 -19.26
N ALA E 25 -28.64 -9.25 -18.72
CA ALA E 25 -27.62 -8.37 -19.23
C ALA E 25 -26.78 -9.05 -20.29
N SER E 26 -26.33 -8.26 -21.27
CA SER E 26 -25.47 -8.77 -22.33
C SER E 26 -24.16 -9.29 -21.75
N GLN E 27 -23.79 -8.76 -20.58
CA GLN E 27 -22.56 -9.16 -19.91
C GLN E 27 -22.82 -9.43 -18.44
N SER E 28 -21.74 -9.65 -17.68
CA SER E 28 -21.86 -9.87 -16.25
C SER E 28 -21.87 -8.53 -15.52
N VAL E 29 -22.71 -8.43 -14.50
CA VAL E 29 -22.93 -7.16 -13.81
C VAL E 29 -22.97 -7.34 -12.30
N SER E 30 -22.37 -6.38 -11.58
CA SER E 30 -22.40 -6.41 -10.13
C SER E 30 -23.78 -6.02 -9.61
N SER E 31 -24.22 -6.67 -8.55
CA SER E 31 -25.54 -6.46 -8.00
C SER E 31 -25.73 -5.07 -7.41
N ARG E 32 -24.65 -4.42 -6.96
CA ARG E 32 -24.76 -3.07 -6.42
C ARG E 32 -25.43 -2.13 -7.41
N TYR E 33 -25.27 -2.42 -8.69
CA TYR E 33 -25.59 -1.45 -9.74
C TYR E 33 -26.92 -1.71 -10.46
N LEU E 34 -27.60 -2.79 -10.09
CA LEU E 34 -28.87 -3.10 -10.69
C LEU E 34 -30.04 -2.57 -9.88
N ALA E 35 -30.94 -1.86 -10.54
CA ALA E 35 -32.15 -1.33 -9.90
C ALA E 35 -33.40 -1.57 -10.75
N TRP E 36 -34.56 -1.57 -10.09
CA TRP E 36 -35.83 -1.70 -10.79
C TRP E 36 -36.68 -0.46 -10.51
N TYR E 37 -37.51 -0.09 -11.48
CA TYR E 37 -38.39 1.05 -11.34
C TYR E 37 -39.80 0.72 -11.81
N GLN E 38 -40.78 1.34 -11.17
CA GLN E 38 -42.18 1.13 -11.50
C GLN E 38 -42.74 2.41 -12.06
N GLN E 39 -43.23 2.37 -13.29
CA GLN E 39 -43.91 3.53 -13.85
C GLN E 39 -45.39 3.28 -14.11
N LYS E 40 -46.21 3.92 -13.29
CA LYS E 40 -47.64 3.95 -13.51
C LYS E 40 -47.94 4.96 -14.61
N PRO E 41 -49.06 4.79 -15.31
CA PRO E 41 -49.39 5.61 -16.46
C PRO E 41 -49.55 7.05 -16.04
N GLY E 42 -48.89 7.95 -16.76
CA GLY E 42 -49.04 9.37 -16.52
C GLY E 42 -48.07 9.90 -15.48
N GLN E 43 -47.29 9.03 -14.87
CA GLN E 43 -46.38 9.44 -13.82
C GLN E 43 -44.94 9.21 -14.17
N ALA E 44 -44.05 9.87 -13.43
CA ALA E 44 -42.63 9.57 -13.48
C ALA E 44 -42.40 8.20 -12.85
N PRO E 45 -41.30 7.54 -13.23
CA PRO E 45 -40.91 6.29 -12.59
C PRO E 45 -40.60 6.45 -11.11
N ARG E 46 -40.79 5.38 -10.34
CA ARG E 46 -40.51 5.39 -8.92
C ARG E 46 -39.50 4.30 -8.66
N LEU E 47 -38.48 4.60 -7.85
CA LEU E 47 -37.50 3.57 -7.52
C LEU E 47 -38.14 2.46 -6.70
N LEU E 48 -37.97 1.23 -7.17
CA LEU E 48 -38.61 0.09 -6.53
C LEU E 48 -37.58 -0.70 -5.73
N ILE E 49 -36.54 -1.18 -6.43
CA ILE E 49 -35.46 -1.95 -5.82
C ILE E 49 -34.11 -1.41 -6.25
N TYR E 50 -33.19 -1.27 -5.31
CA TYR E 50 -31.84 -0.88 -5.65
C TYR E 50 -30.87 -1.93 -5.12
N GLY E 51 -29.68 -1.98 -5.70
CA GLY E 51 -28.70 -2.98 -5.30
C GLY E 51 -29.25 -4.39 -5.47
N ALA E 52 -30.02 -4.59 -6.54
CA ALA E 52 -30.53 -5.92 -6.92
C ALA E 52 -31.66 -6.41 -6.01
N SER E 53 -31.46 -6.38 -4.71
CA SER E 53 -32.43 -6.94 -3.77
C SER E 53 -32.84 -6.02 -2.61
N SER E 54 -32.34 -4.79 -2.60
CA SER E 54 -32.68 -3.87 -1.55
C SER E 54 -33.95 -3.07 -1.87
N ARG E 55 -34.93 -3.20 -1.00
CA ARG E 55 -36.21 -2.51 -1.16
C ARG E 55 -36.07 -1.04 -0.86
N ALA E 56 -36.47 -0.20 -1.81
CA ALA E 56 -36.52 1.24 -1.58
C ALA E 56 -37.45 1.50 -0.41
N THR E 57 -37.20 2.58 0.32
CA THR E 57 -38.02 2.89 1.48
C THR E 57 -39.44 3.22 1.04
N GLY E 58 -40.42 2.89 1.87
CA GLY E 58 -41.81 3.18 1.54
C GLY E 58 -42.44 2.16 0.61
N ILE E 59 -41.62 1.36 -0.06
CA ILE E 59 -42.13 0.35 -0.97
C ILE E 59 -42.69 -0.87 -0.22
N PRO E 60 -43.94 -1.26 -0.54
CA PRO E 60 -44.61 -2.44 0.02
C PRO E 60 -43.75 -3.70 -0.14
N ASP E 61 -43.65 -4.48 0.94
CA ASP E 61 -42.74 -5.60 0.98
C ASP E 61 -43.16 -6.80 0.14
N ARG E 62 -44.28 -6.67 -0.57
CA ARG E 62 -44.68 -7.74 -1.48
C ARG E 62 -43.84 -7.70 -2.76
N PHE E 63 -42.91 -6.75 -2.81
CA PHE E 63 -41.91 -6.68 -3.88
C PHE E 63 -40.59 -7.23 -3.36
N SER E 64 -39.90 -8.01 -4.18
CA SER E 64 -38.56 -8.47 -3.81
C SER E 64 -37.67 -8.59 -5.04
N GLY E 65 -36.37 -8.41 -4.83
CA GLY E 65 -35.40 -8.50 -5.91
C GLY E 65 -34.46 -9.66 -5.69
N SER E 66 -33.85 -10.13 -6.77
CA SER E 66 -32.99 -11.30 -6.69
C SER E 66 -32.12 -11.44 -7.93
N GLY E 67 -31.20 -12.40 -7.88
CA GLY E 67 -30.34 -12.69 -9.02
C GLY E 67 -29.00 -11.97 -8.96
N SER E 68 -28.11 -12.33 -9.86
CA SER E 68 -26.80 -11.70 -9.98
C SER E 68 -26.11 -12.16 -11.26
N GLY E 69 -24.95 -11.59 -11.54
CA GLY E 69 -24.18 -11.98 -12.72
C GLY E 69 -24.80 -11.44 -13.99
N THR E 70 -25.72 -12.20 -14.58
CA THR E 70 -26.36 -11.78 -15.82
C THR E 70 -27.88 -11.76 -15.69
N ASP E 71 -28.42 -12.64 -14.85
CA ASP E 71 -29.86 -12.78 -14.72
C ASP E 71 -30.39 -12.26 -13.39
N PHE E 72 -31.38 -11.36 -13.48
CA PHE E 72 -31.96 -10.74 -12.31
C PHE E 72 -33.47 -10.80 -12.37
N THR E 73 -34.11 -10.82 -11.20
CA THR E 73 -35.54 -11.01 -11.16
C THR E 73 -36.24 -10.12 -10.15
N LEU E 74 -37.25 -9.40 -10.63
CA LEU E 74 -38.17 -8.71 -9.75
C LEU E 74 -39.36 -9.62 -9.53
N THR E 75 -39.79 -9.75 -8.29
CA THR E 75 -40.90 -10.64 -7.98
C THR E 75 -41.94 -9.96 -7.10
N ILE E 76 -43.19 -10.04 -7.53
CA ILE E 76 -44.32 -9.56 -6.76
C ILE E 76 -45.13 -10.76 -6.28
N SER E 77 -45.16 -10.97 -4.97
CA SER E 77 -45.80 -12.15 -4.39
C SER E 77 -47.31 -12.17 -4.60
N ARG E 78 -47.96 -11.06 -4.28
CA ARG E 78 -49.40 -10.97 -4.35
C ARG E 78 -49.83 -9.73 -5.13
N VAL E 79 -50.04 -9.89 -6.44
CA VAL E 79 -50.36 -8.76 -7.32
C VAL E 79 -51.61 -7.99 -6.89
N GLU E 80 -51.53 -6.66 -6.97
CA GLU E 80 -52.64 -5.79 -6.63
C GLU E 80 -53.18 -5.11 -7.87
N PRO E 81 -54.41 -4.55 -7.77
CA PRO E 81 -55.03 -3.89 -8.91
C PRO E 81 -54.20 -2.72 -9.40
N GLU E 82 -53.53 -2.03 -8.48
CA GLU E 82 -52.76 -0.84 -8.84
C GLU E 82 -51.29 -1.15 -9.01
N ASP E 83 -50.94 -2.43 -9.04
CA ASP E 83 -49.60 -2.80 -9.42
C ASP E 83 -49.49 -2.72 -10.92
N PHE E 84 -50.55 -2.21 -11.54
CA PHE E 84 -50.57 -1.98 -12.98
C PHE E 84 -49.58 -0.89 -13.34
N ALA E 85 -48.52 -1.28 -14.05
CA ALA E 85 -47.46 -0.35 -14.42
C ALA E 85 -46.51 -0.98 -15.42
N VAL E 86 -45.58 -0.18 -15.94
CA VAL E 86 -44.48 -0.71 -16.71
C VAL E 86 -43.29 -0.80 -15.75
N TYR E 87 -42.49 -1.84 -15.92
CA TYR E 87 -41.41 -2.09 -14.99
C TYR E 87 -40.05 -2.16 -15.68
N TYR E 88 -39.14 -1.30 -15.24
CA TYR E 88 -37.83 -1.21 -15.86
C TYR E 88 -36.71 -1.63 -14.91
N CYS E 89 -35.81 -2.47 -15.41
CA CYS E 89 -34.55 -2.70 -14.70
C CYS E 89 -33.52 -1.75 -15.29
N GLN E 90 -32.61 -1.31 -14.44
CA GLN E 90 -31.60 -0.34 -14.85
C GLN E 90 -30.28 -0.68 -14.21
N GLN E 91 -29.19 -0.33 -14.89
CA GLN E 91 -27.87 -0.52 -14.33
C GLN E 91 -26.96 0.63 -14.70
N TYR E 92 -25.93 0.84 -13.88
CA TYR E 92 -24.92 1.84 -14.16
C TYR E 92 -23.54 1.21 -14.18
N ASP E 93 -22.87 1.31 -15.31
CA ASP E 93 -21.56 0.72 -15.46
C ASP E 93 -20.74 1.49 -16.48
N ASN E 94 -19.46 1.63 -16.21
CA ASN E 94 -18.57 2.21 -17.18
C ASN E 94 -19.03 3.61 -17.53
N SER E 95 -19.45 4.35 -16.50
CA SER E 95 -19.84 5.75 -16.64
C SER E 95 -21.13 5.93 -17.45
N VAL E 96 -21.86 4.84 -17.67
CA VAL E 96 -23.09 4.92 -18.44
C VAL E 96 -24.24 4.15 -17.80
N CYS E 97 -25.43 4.75 -17.84
CA CYS E 97 -26.59 4.19 -17.17
C CYS E 97 -27.64 3.76 -18.18
N THR E 98 -27.90 2.46 -18.28
CA THR E 98 -28.87 1.96 -19.25
C THR E 98 -30.09 1.31 -18.59
N PHE E 99 -31.19 1.26 -19.34
CA PHE E 99 -32.42 0.61 -18.89
C PHE E 99 -32.77 -0.54 -19.82
N GLY E 100 -33.58 -1.49 -19.34
CA GLY E 100 -34.21 -2.47 -20.24
C GLY E 100 -35.36 -1.78 -20.94
N GLN E 101 -36.00 -2.41 -21.93
CA GLN E 101 -37.15 -1.73 -22.57
C GLN E 101 -38.41 -1.77 -21.71
N GLY E 102 -38.35 -2.48 -20.59
CA GLY E 102 -39.49 -2.55 -19.69
C GLY E 102 -40.43 -3.72 -19.94
N THR E 103 -41.22 -4.04 -18.93
CA THR E 103 -42.22 -5.08 -19.02
C THR E 103 -43.56 -4.48 -18.64
N LYS E 104 -44.51 -4.51 -19.55
CA LYS E 104 -45.84 -4.01 -19.22
C LYS E 104 -46.60 -5.05 -18.43
N LEU E 105 -47.04 -4.67 -17.23
CA LEU E 105 -47.86 -5.56 -16.42
C LEU E 105 -49.33 -5.18 -16.55
N GLU E 106 -50.13 -6.12 -17.05
CA GLU E 106 -51.56 -5.91 -17.22
C GLU E 106 -52.33 -6.76 -16.23
N ILE E 107 -53.48 -6.27 -15.79
CA ILE E 107 -54.28 -6.97 -14.80
C ILE E 107 -55.50 -7.63 -15.42
N LYS E 108 -55.75 -8.88 -15.04
CA LYS E 108 -56.94 -9.60 -15.48
C LYS E 108 -58.04 -9.49 -14.43
N ARG E 109 -59.28 -9.35 -14.87
CA ARG E 109 -60.41 -9.22 -13.97
C ARG E 109 -61.68 -9.79 -14.59
N THR E 110 -62.79 -9.68 -13.85
CA THR E 110 -64.06 -10.16 -14.37
C THR E 110 -64.62 -9.21 -15.40
N VAL E 111 -65.40 -9.74 -16.33
CA VAL E 111 -66.02 -8.93 -17.36
C VAL E 111 -66.93 -7.88 -16.73
N ALA E 112 -66.87 -6.65 -17.24
CA ALA E 112 -67.70 -5.56 -16.73
C ALA E 112 -68.32 -4.77 -17.87
N ALA E 113 -69.62 -4.54 -17.79
CA ALA E 113 -70.35 -3.78 -18.80
C ALA E 113 -70.23 -2.28 -18.55
N PRO E 114 -70.09 -1.50 -19.62
CA PRO E 114 -69.94 -0.06 -19.52
C PRO E 114 -71.24 0.59 -19.13
N SER E 115 -71.17 1.77 -18.53
CA SER E 115 -72.33 2.61 -18.35
C SER E 115 -72.24 3.67 -19.42
N VAL E 116 -73.26 3.76 -20.26
CA VAL E 116 -73.18 4.67 -21.39
C VAL E 116 -73.93 5.99 -21.15
N PHE E 117 -73.32 7.08 -21.61
CA PHE E 117 -73.93 8.39 -21.55
C PHE E 117 -73.66 9.10 -22.86
N ILE E 118 -74.57 9.99 -23.24
CA ILE E 118 -74.40 10.77 -24.46
C ILE E 118 -74.53 12.26 -24.16
N PHE E 119 -73.75 13.08 -24.86
CA PHE E 119 -73.74 14.52 -24.60
C PHE E 119 -73.96 15.34 -25.85
N PRO E 120 -74.94 16.24 -25.81
CA PRO E 120 -75.19 17.11 -26.94
C PRO E 120 -74.14 18.20 -26.95
N PRO E 121 -73.88 18.80 -28.12
CA PRO E 121 -72.99 19.95 -28.15
C PRO E 121 -73.57 21.12 -27.37
N SER E 122 -72.73 21.89 -26.69
CA SER E 122 -73.19 23.04 -25.93
C SER E 122 -73.64 24.15 -26.85
N ASP E 123 -74.51 25.03 -26.34
CA ASP E 123 -74.91 26.21 -27.10
C ASP E 123 -73.69 27.08 -27.32
N GLU E 124 -72.87 27.19 -26.28
CA GLU E 124 -71.62 27.92 -26.36
C GLU E 124 -70.83 27.54 -27.61
N GLN E 125 -70.72 26.25 -27.87
CA GLN E 125 -69.92 25.75 -28.99
C GLN E 125 -70.62 25.91 -30.34
N LEU E 126 -71.93 25.70 -30.36
CA LEU E 126 -72.70 25.85 -31.58
C LEU E 126 -72.52 27.25 -32.16
N LYS E 127 -72.40 28.22 -31.27
CA LYS E 127 -72.09 29.59 -31.63
C LYS E 127 -70.84 29.64 -32.52
N SER E 128 -69.92 28.70 -32.30
CA SER E 128 -68.63 28.68 -32.98
C SER E 128 -68.67 28.13 -34.41
N GLY E 129 -69.79 27.51 -34.77
CA GLY E 129 -69.96 26.98 -36.12
C GLY E 129 -69.60 25.51 -36.23
N THR E 130 -69.21 24.91 -35.11
CA THR E 130 -68.95 23.48 -35.09
C THR E 130 -69.67 22.81 -33.93
N ALA E 131 -70.02 21.54 -34.12
CA ALA E 131 -70.75 20.77 -33.12
C ALA E 131 -70.03 19.48 -32.77
N SER E 132 -69.87 19.22 -31.48
CA SER E 132 -69.24 18.00 -31.03
C SER E 132 -70.22 17.21 -30.17
N VAL E 133 -70.52 15.99 -30.60
CA VAL E 133 -71.35 15.11 -29.80
C VAL E 133 -70.44 14.07 -29.16
N VAL E 134 -70.71 13.74 -27.91
CA VAL E 134 -69.82 12.86 -27.18
C VAL E 134 -70.52 11.67 -26.57
N CYS E 135 -69.90 10.50 -26.72
CA CYS E 135 -70.41 9.29 -26.11
C CYS E 135 -69.40 8.77 -25.09
N LEU E 136 -69.88 8.51 -23.88
CA LEU E 136 -69.01 8.02 -22.83
C LEU E 136 -69.34 6.58 -22.45
N LEU E 137 -68.32 5.73 -22.49
CA LEU E 137 -68.44 4.36 -22.00
C LEU E 137 -67.63 4.26 -20.72
N ASN E 138 -68.30 4.00 -19.62
CA ASN E 138 -67.65 4.13 -18.33
C ASN E 138 -67.36 2.82 -17.62
N ASN E 139 -66.11 2.69 -17.18
CA ASN E 139 -65.68 1.55 -16.36
C ASN E 139 -66.16 0.22 -16.91
N PHE E 140 -65.49 -0.27 -17.95
CA PHE E 140 -65.86 -1.53 -18.55
C PHE E 140 -64.65 -2.41 -18.73
N TYR E 141 -64.89 -3.69 -19.00
CA TYR E 141 -63.82 -4.64 -19.21
C TYR E 141 -64.39 -5.89 -19.89
N PRO E 142 -63.63 -6.46 -20.84
CA PRO E 142 -62.32 -5.98 -21.26
C PRO E 142 -62.39 -4.80 -22.22
N ARG E 143 -61.27 -4.52 -22.86
CA ARG E 143 -61.09 -3.30 -23.62
C ARG E 143 -61.88 -3.24 -24.90
N GLU E 144 -61.97 -4.38 -25.59
CA GLU E 144 -62.61 -4.42 -26.90
C GLU E 144 -64.10 -4.09 -26.81
N ALA E 145 -64.45 -2.89 -27.28
CA ALA E 145 -65.84 -2.48 -27.41
C ALA E 145 -65.99 -1.76 -28.73
N LYS E 146 -67.21 -1.41 -29.09
CA LYS E 146 -67.44 -0.78 -30.37
C LYS E 146 -68.57 0.22 -30.30
N VAL E 147 -68.28 1.46 -30.67
CA VAL E 147 -69.32 2.48 -30.73
C VAL E 147 -69.78 2.65 -32.16
N GLN E 148 -71.03 3.07 -32.28
CA GLN E 148 -71.63 3.32 -33.57
C GLN E 148 -72.47 4.57 -33.45
N TRP E 149 -72.17 5.56 -34.28
CA TRP E 149 -72.99 6.75 -34.31
C TRP E 149 -74.04 6.62 -35.40
N LYS E 150 -75.29 6.93 -35.05
CA LYS E 150 -76.37 6.99 -36.04
C LYS E 150 -77.09 8.32 -35.95
N VAL E 151 -77.15 9.02 -37.08
CA VAL E 151 -77.85 10.28 -37.15
C VAL E 151 -79.09 10.08 -38.01
N ASP E 152 -80.26 10.18 -37.40
CA ASP E 152 -81.50 9.85 -38.07
C ASP E 152 -81.39 8.44 -38.66
N ASN E 153 -80.84 7.53 -37.86
CA ASN E 153 -80.69 6.12 -38.25
C ASN E 153 -79.65 5.87 -39.33
N ALA E 154 -79.02 6.94 -39.82
CA ALA E 154 -77.95 6.81 -40.79
C ALA E 154 -76.63 6.53 -40.08
N LEU E 155 -75.97 5.44 -40.44
CA LEU E 155 -74.70 5.08 -39.83
C LEU E 155 -73.58 6.01 -40.28
N GLN E 156 -72.76 6.44 -39.32
CA GLN E 156 -71.68 7.38 -39.59
C GLN E 156 -70.36 6.66 -39.85
N SER E 157 -69.44 7.34 -40.51
CA SER E 157 -68.08 6.83 -40.67
C SER E 157 -67.09 7.96 -40.93
N GLY E 158 -65.86 7.76 -40.44
CA GLY E 158 -64.77 8.70 -40.67
C GLY E 158 -65.03 10.13 -40.25
N ASN E 159 -65.89 10.31 -39.25
CA ASN E 159 -66.20 11.64 -38.74
C ASN E 159 -66.31 11.65 -37.22
N SER E 160 -65.57 10.72 -36.60
CA SER E 160 -65.54 10.62 -35.16
C SER E 160 -64.25 9.96 -34.72
N GLN E 161 -63.70 10.42 -33.61
CA GLN E 161 -62.52 9.80 -33.05
C GLN E 161 -62.86 9.36 -31.64
N GLU E 162 -62.06 8.45 -31.10
CA GLU E 162 -62.29 8.00 -29.74
C GLU E 162 -60.97 7.83 -28.99
N SER E 163 -61.08 7.79 -27.68
CA SER E 163 -59.91 7.72 -26.82
C SER E 163 -60.21 6.84 -25.62
N VAL E 164 -59.23 6.06 -25.20
CA VAL E 164 -59.44 5.12 -24.09
C VAL E 164 -58.47 5.38 -22.96
N THR E 165 -58.94 5.20 -21.73
CA THR E 165 -58.08 5.33 -20.56
C THR E 165 -57.25 4.07 -20.40
N GLU E 166 -56.20 4.18 -19.60
CA GLU E 166 -55.43 3.02 -19.21
C GLU E 166 -56.24 2.30 -18.14
N GLN E 167 -55.92 1.03 -17.91
CA GLN E 167 -56.60 0.28 -16.86
C GLN E 167 -56.60 1.07 -15.56
N ASP E 168 -57.69 0.98 -14.83
CA ASP E 168 -57.84 1.72 -13.58
C ASP E 168 -56.95 1.15 -12.48
N SER E 169 -56.56 2.00 -11.54
CA SER E 169 -55.71 1.59 -10.43
C SER E 169 -56.49 0.77 -9.41
N LYS E 170 -57.75 1.14 -9.18
CA LYS E 170 -58.55 0.48 -8.16
C LYS E 170 -59.26 -0.76 -8.67
N ASP E 171 -59.92 -0.63 -9.83
CA ASP E 171 -60.77 -1.70 -10.34
C ASP E 171 -60.28 -2.30 -11.65
N SER E 172 -59.19 -1.76 -12.20
CA SER E 172 -58.57 -2.32 -13.40
C SER E 172 -59.46 -2.28 -14.65
N THR E 173 -60.34 -1.29 -14.74
CA THR E 173 -61.23 -1.19 -15.90
C THR E 173 -60.83 -0.08 -16.87
N TYR E 174 -61.53 -0.06 -18.00
CA TYR E 174 -61.31 0.96 -19.02
C TYR E 174 -62.51 1.88 -19.09
N SER E 175 -62.28 3.10 -19.55
CA SER E 175 -63.37 3.99 -19.95
C SER E 175 -63.04 4.58 -21.31
N LEU E 176 -64.05 4.79 -22.13
CA LEU E 176 -63.82 5.21 -23.49
C LEU E 176 -64.76 6.36 -23.86
N SER E 177 -64.27 7.28 -24.69
CA SER E 177 -65.11 8.36 -25.18
C SER E 177 -64.97 8.51 -26.67
N SER E 178 -66.09 8.67 -27.36
CA SER E 178 -66.07 8.89 -28.79
C SER E 178 -66.65 10.27 -29.10
N THR E 179 -66.07 10.95 -30.10
CA THR E 179 -66.54 12.28 -30.47
C THR E 179 -66.94 12.41 -31.92
N LEU E 180 -68.25 12.53 -32.14
CA LEU E 180 -68.80 12.84 -33.44
C LEU E 180 -68.69 14.33 -33.67
N THR E 181 -68.03 14.73 -34.75
CA THR E 181 -67.81 16.14 -35.01
C THR E 181 -68.44 16.62 -36.32
N LEU E 182 -69.41 17.51 -36.19
CA LEU E 182 -70.13 18.07 -37.34
C LEU E 182 -70.01 19.58 -37.37
N SER E 183 -70.30 20.17 -38.53
CA SER E 183 -70.41 21.61 -38.62
C SER E 183 -71.82 22.02 -38.23
N LYS E 184 -71.95 23.19 -37.61
CA LYS E 184 -73.26 23.69 -37.18
C LYS E 184 -74.33 23.39 -38.22
N ALA E 185 -73.99 23.65 -39.49
CA ALA E 185 -74.90 23.40 -40.60
C ALA E 185 -75.47 21.99 -40.56
N ASP E 186 -74.59 21.00 -40.71
CA ASP E 186 -74.99 19.59 -40.73
C ASP E 186 -75.73 19.19 -39.48
N TYR E 187 -75.20 19.60 -38.32
CA TYR E 187 -75.81 19.24 -37.06
C TYR E 187 -77.27 19.67 -37.01
N GLU E 188 -77.57 20.80 -37.65
CA GLU E 188 -78.90 21.37 -37.55
C GLU E 188 -79.86 20.89 -38.63
N LYS E 189 -79.46 19.89 -39.40
CA LYS E 189 -80.36 19.30 -40.38
C LYS E 189 -80.66 17.84 -40.06
N HIS E 190 -80.60 17.49 -38.78
CA HIS E 190 -80.92 16.14 -38.32
C HIS E 190 -81.43 16.19 -36.89
N LYS E 191 -82.36 15.29 -36.55
CA LYS E 191 -82.98 15.35 -35.24
C LYS E 191 -82.44 14.30 -34.25
N VAL E 192 -82.57 13.03 -34.62
CA VAL E 192 -82.11 11.94 -33.75
C VAL E 192 -80.60 11.72 -33.85
N TYR E 193 -79.91 12.05 -32.77
CA TYR E 193 -78.50 11.75 -32.64
C TYR E 193 -78.34 10.61 -31.65
N ALA E 194 -77.84 9.48 -32.14
CA ALA E 194 -77.84 8.25 -31.37
C ALA E 194 -76.47 7.59 -31.32
N CYS E 195 -76.20 6.98 -30.17
CA CYS E 195 -74.93 6.32 -29.95
C CYS E 195 -75.19 4.86 -29.58
N GLU E 196 -74.64 3.94 -30.36
CA GLU E 196 -74.84 2.51 -30.10
C GLU E 196 -73.55 1.81 -29.72
N VAL E 197 -73.58 1.09 -28.60
CA VAL E 197 -72.41 0.42 -28.08
C VAL E 197 -72.59 -1.09 -28.03
N THR E 198 -71.67 -1.81 -28.66
CA THR E 198 -71.63 -3.25 -28.53
C THR E 198 -70.42 -3.64 -27.68
N HIS E 199 -70.67 -4.43 -26.65
CA HIS E 199 -69.60 -4.91 -25.77
C HIS E 199 -69.92 -6.29 -25.22
N GLN E 200 -68.87 -7.09 -24.99
CA GLN E 200 -69.02 -8.45 -24.51
C GLN E 200 -69.84 -8.55 -23.22
N GLY E 201 -69.81 -7.50 -22.42
CA GLY E 201 -70.54 -7.47 -21.16
C GLY E 201 -71.99 -7.07 -21.32
N LEU E 202 -72.44 -6.92 -22.56
CA LEU E 202 -73.83 -6.57 -22.85
C LEU E 202 -74.50 -7.69 -23.64
N SER E 203 -75.52 -8.30 -23.05
CA SER E 203 -76.28 -9.35 -23.75
C SER E 203 -76.86 -8.80 -25.03
N SER E 204 -77.09 -7.49 -25.07
CA SER E 204 -77.67 -6.83 -26.23
C SER E 204 -77.16 -5.40 -26.36
N PRO E 205 -76.73 -5.02 -27.59
CA PRO E 205 -76.21 -3.69 -27.90
C PRO E 205 -77.08 -2.58 -27.32
N VAL E 206 -76.44 -1.64 -26.62
CA VAL E 206 -77.15 -0.54 -25.97
C VAL E 206 -77.07 0.76 -26.77
N THR E 207 -78.18 1.48 -26.85
CA THR E 207 -78.22 2.74 -27.58
C THR E 207 -78.71 3.89 -26.71
N LYS E 208 -77.87 4.91 -26.56
CA LYS E 208 -78.27 6.15 -25.94
C LYS E 208 -78.38 7.21 -27.02
N SER E 209 -79.26 8.19 -26.83
CA SER E 209 -79.53 9.15 -27.88
C SER E 209 -80.31 10.35 -27.38
N PHE E 210 -80.56 11.29 -28.29
CA PHE E 210 -81.36 12.47 -27.99
C PHE E 210 -81.86 13.13 -29.26
N ASN E 211 -82.69 14.16 -29.09
CA ASN E 211 -83.17 14.95 -30.21
C ASN E 211 -82.68 16.38 -30.10
N ARG E 212 -82.20 16.93 -31.21
CA ARG E 212 -81.78 18.33 -31.23
C ARG E 212 -82.99 19.23 -31.08
N GLY E 213 -82.83 20.31 -30.32
CA GLY E 213 -83.96 21.19 -30.02
C GLY E 213 -84.64 20.75 -28.74
N GLU E 214 -84.94 19.46 -28.67
CA GLU E 214 -85.51 18.85 -27.47
C GLU E 214 -84.39 18.51 -26.50
N CYS E 215 -84.67 17.68 -25.51
CA CYS E 215 -83.67 17.30 -24.52
C CYS E 215 -82.62 16.37 -25.09
N GLN F 1 -39.65 16.44 2.54
CA GLN F 1 -38.70 15.60 1.75
C GLN F 1 -38.18 16.36 0.53
N VAL F 2 -37.19 15.78 -0.13
CA VAL F 2 -36.58 16.40 -1.30
C VAL F 2 -37.49 16.30 -2.52
N GLN F 3 -37.72 17.43 -3.19
CA GLN F 3 -38.61 17.47 -4.34
C GLN F 3 -38.00 18.20 -5.52
N LEU F 4 -38.11 17.59 -6.69
CA LEU F 4 -37.55 18.18 -7.90
C LEU F 4 -38.66 18.73 -8.76
N GLN F 5 -38.34 19.75 -9.55
CA GLN F 5 -39.35 20.42 -10.33
C GLN F 5 -38.78 20.94 -11.62
N GLU F 6 -38.98 20.21 -12.71
CA GLU F 6 -38.54 20.68 -14.02
C GLU F 6 -39.39 21.84 -14.49
N SER F 7 -38.95 22.50 -15.55
CA SER F 7 -39.63 23.67 -16.07
C SER F 7 -38.93 24.13 -17.32
N GLY F 8 -39.71 24.60 -18.29
CA GLY F 8 -39.14 25.05 -19.55
C GLY F 8 -40.14 24.95 -20.69
N PRO F 9 -39.73 25.39 -21.88
CA PRO F 9 -40.61 25.48 -23.04
C PRO F 9 -41.25 24.13 -23.35
N GLY F 10 -42.58 24.12 -23.48
CA GLY F 10 -43.29 22.94 -23.95
C GLY F 10 -42.99 22.71 -25.42
N LEU F 11 -42.76 23.81 -26.15
CA LEU F 11 -42.57 23.75 -27.60
C LEU F 11 -41.18 24.22 -28.05
N VAL F 12 -40.60 23.52 -29.01
CA VAL F 12 -39.30 23.88 -29.57
C VAL F 12 -39.26 23.64 -31.07
N LYS F 13 -38.86 24.66 -31.82
CA LYS F 13 -38.82 24.57 -33.28
C LYS F 13 -37.68 23.66 -33.74
N PRO F 14 -37.87 22.99 -34.89
CA PRO F 14 -36.85 22.11 -35.46
C PRO F 14 -35.49 22.81 -35.57
N SER F 15 -34.42 22.05 -35.37
CA SER F 15 -33.05 22.56 -35.51
C SER F 15 -32.61 23.49 -34.38
N GLU F 16 -33.57 24.10 -33.69
CA GLU F 16 -33.26 24.96 -32.56
C GLU F 16 -32.94 24.12 -31.33
N THR F 17 -32.53 24.79 -30.24
CA THR F 17 -32.06 24.07 -29.06
C THR F 17 -33.04 24.11 -27.90
N LEU F 18 -32.92 23.13 -27.01
CA LEU F 18 -33.82 22.98 -25.87
C LEU F 18 -33.13 23.42 -24.58
N SER F 19 -33.85 24.16 -23.75
CA SER F 19 -33.36 24.49 -22.40
C SER F 19 -34.36 24.15 -21.31
N LEU F 20 -33.89 23.43 -20.31
CA LEU F 20 -34.73 23.02 -19.19
C LEU F 20 -34.04 23.31 -17.87
N THR F 21 -34.84 23.37 -16.82
CA THR F 21 -34.32 23.65 -15.49
C THR F 21 -35.06 22.82 -14.47
N CYS F 22 -34.30 22.06 -13.68
CA CYS F 22 -34.88 21.37 -12.55
C CYS F 22 -34.59 22.20 -11.31
N THR F 23 -35.58 22.32 -10.43
CA THR F 23 -35.40 23.06 -9.19
C THR F 23 -35.63 22.17 -7.98
N VAL F 24 -34.66 22.16 -7.08
CA VAL F 24 -34.72 21.32 -5.90
C VAL F 24 -35.24 22.08 -4.69
N SER F 25 -36.01 21.40 -3.86
CA SER F 25 -36.48 21.97 -2.61
C SER F 25 -36.58 20.85 -1.59
N GLY F 26 -36.43 21.17 -0.32
CA GLY F 26 -36.42 20.17 0.74
C GLY F 26 -35.03 19.58 0.95
N GLY F 27 -34.19 19.68 -0.08
CA GLY F 27 -32.81 19.26 0.02
C GLY F 27 -31.88 20.29 -0.59
N SER F 28 -30.66 19.86 -0.90
CA SER F 28 -29.68 20.77 -1.50
C SER F 28 -28.89 20.07 -2.59
N ILE F 29 -28.68 20.78 -3.70
CA ILE F 29 -27.89 20.24 -4.80
C ILE F 29 -26.50 19.84 -4.33
N SER F 30 -25.96 20.60 -3.38
CA SER F 30 -24.66 20.33 -2.79
C SER F 30 -24.46 18.86 -2.45
N SER F 31 -23.30 18.34 -2.84
CA SER F 31 -22.86 17.01 -2.44
C SER F 31 -23.37 15.91 -3.35
N HIS F 32 -24.35 16.23 -4.21
CA HIS F 32 -25.07 15.19 -4.93
C HIS F 32 -24.88 15.20 -6.44
N TYR F 33 -25.31 14.09 -7.05
CA TYR F 33 -25.31 13.94 -8.50
C TYR F 33 -26.72 14.18 -9.04
N TRP F 34 -26.81 14.65 -10.28
CA TRP F 34 -28.09 15.05 -10.83
C TRP F 34 -28.21 14.69 -12.29
N SER F 35 -29.26 13.93 -12.62
CA SER F 35 -29.41 13.40 -13.95
C SER F 35 -30.63 13.94 -14.67
N TRP F 36 -30.53 13.95 -16.00
CA TRP F 36 -31.69 14.17 -16.85
C TRP F 36 -31.97 12.88 -17.59
N ILE F 37 -33.24 12.54 -17.72
CA ILE F 37 -33.66 11.33 -18.41
C ILE F 37 -34.86 11.67 -19.28
N ARG F 38 -34.94 11.07 -20.45
CA ARG F 38 -36.09 11.34 -21.32
C ARG F 38 -36.77 10.08 -21.79
N GLN F 39 -38.05 10.23 -22.13
CA GLN F 39 -38.85 9.10 -22.57
C GLN F 39 -39.77 9.55 -23.69
N SER F 40 -39.64 8.93 -24.85
CA SER F 40 -40.52 9.24 -25.96
C SER F 40 -41.86 8.56 -25.76
N PRO F 41 -42.93 9.15 -26.31
CA PRO F 41 -44.27 8.61 -26.14
C PRO F 41 -44.30 7.12 -26.47
N GLY F 42 -44.82 6.32 -25.54
CA GLY F 42 -44.93 4.88 -25.72
C GLY F 42 -43.59 4.15 -25.64
N LYS F 43 -42.50 4.89 -25.84
CA LYS F 43 -41.16 4.30 -25.81
C LYS F 43 -40.67 4.09 -24.38
N GLY F 44 -39.40 3.69 -24.26
CA GLY F 44 -38.80 3.43 -22.97
C GLY F 44 -37.99 4.59 -22.45
N LEU F 45 -37.29 4.35 -21.34
CA LEU F 45 -36.50 5.38 -20.69
C LEU F 45 -35.10 5.47 -21.26
N GLN F 46 -34.60 6.70 -21.41
CA GLN F 46 -33.24 6.93 -21.87
C GLN F 46 -32.50 7.93 -21.00
N TRP F 47 -31.44 7.46 -20.35
CA TRP F 47 -30.57 8.32 -19.56
C TRP F 47 -29.81 9.28 -20.47
N ILE F 48 -29.80 10.55 -20.11
CA ILE F 48 -29.12 11.54 -20.93
C ILE F 48 -27.73 11.83 -20.41
N GLY F 49 -27.61 11.96 -19.10
CA GLY F 49 -26.33 12.28 -18.47
C GLY F 49 -26.54 12.84 -17.09
N TYR F 50 -25.45 13.18 -16.41
CA TYR F 50 -25.55 13.81 -15.10
C TYR F 50 -24.47 14.86 -14.87
N ILE F 51 -24.61 15.56 -13.77
CA ILE F 51 -23.61 16.53 -13.35
C ILE F 51 -23.39 16.42 -11.84
N TYR F 52 -22.14 16.48 -11.42
CA TYR F 52 -21.82 16.53 -10.00
C TYR F 52 -21.97 17.97 -9.55
N TYR F 53 -22.38 18.18 -8.31
CA TYR F 53 -22.58 19.54 -7.83
C TYR F 53 -21.31 20.37 -8.06
N SER F 54 -20.17 19.71 -7.97
CA SER F 54 -18.86 20.29 -8.29
C SER F 54 -18.83 20.97 -9.65
N GLY F 55 -19.51 20.38 -10.63
CA GLY F 55 -19.55 20.93 -11.97
C GLY F 55 -19.12 19.94 -13.05
N SER F 56 -18.40 18.91 -12.64
CA SER F 56 -17.98 17.88 -13.58
C SER F 56 -19.20 17.11 -14.09
N THR F 57 -19.19 16.78 -15.36
CA THR F 57 -20.34 16.16 -15.99
C THR F 57 -20.01 14.80 -16.60
N ASN F 58 -21.03 14.11 -17.07
CA ASN F 58 -20.87 12.84 -17.75
C ASN F 58 -22.09 12.55 -18.61
N TYR F 59 -21.90 12.54 -19.93
CA TYR F 59 -23.02 12.41 -20.86
C TYR F 59 -23.14 11.03 -21.48
N SER F 60 -24.35 10.69 -21.91
CA SER F 60 -24.57 9.46 -22.67
C SER F 60 -23.89 9.59 -24.02
N PRO F 61 -23.13 8.55 -24.42
CA PRO F 61 -22.32 8.57 -25.63
C PRO F 61 -23.12 8.94 -26.87
N SER F 62 -24.29 8.33 -27.03
CA SER F 62 -25.11 8.54 -28.23
C SER F 62 -25.70 9.95 -28.30
N LEU F 63 -25.46 10.76 -27.27
CA LEU F 63 -26.00 12.12 -27.23
C LEU F 63 -24.90 13.15 -27.02
N LYS F 64 -23.75 12.68 -26.55
CA LYS F 64 -22.64 13.55 -26.14
C LYS F 64 -22.49 14.81 -26.98
N SER F 65 -22.50 14.66 -28.29
CA SER F 65 -22.25 15.77 -29.20
C SER F 65 -23.23 16.95 -29.05
N ARG F 66 -24.41 16.72 -28.52
CA ARG F 66 -25.45 17.74 -28.51
C ARG F 66 -25.87 18.22 -27.12
N VAL F 67 -25.29 17.62 -26.08
CA VAL F 67 -25.77 17.84 -24.72
C VAL F 67 -24.91 18.80 -23.90
N THR F 68 -25.57 19.64 -23.12
CA THR F 68 -24.90 20.45 -22.10
C THR F 68 -25.72 20.46 -20.81
N ILE F 69 -25.11 20.00 -19.72
CA ILE F 69 -25.76 20.06 -18.41
C ILE F 69 -25.03 21.04 -17.50
N SER F 70 -25.71 22.09 -17.10
CA SER F 70 -25.10 23.08 -16.21
C SER F 70 -25.70 23.00 -14.82
N VAL F 71 -25.03 23.61 -13.85
CA VAL F 71 -25.54 23.67 -12.50
C VAL F 71 -25.41 25.08 -11.95
N GLU F 72 -26.38 25.48 -11.14
CA GLU F 72 -26.32 26.74 -10.43
C GLU F 72 -26.72 26.51 -8.98
N THR F 73 -25.76 26.05 -8.19
CA THR F 73 -26.00 25.71 -6.79
C THR F 73 -26.48 26.90 -5.98
N ALA F 74 -26.00 28.09 -6.32
CA ALA F 74 -26.42 29.30 -5.63
C ALA F 74 -27.95 29.40 -5.57
N LYS F 75 -28.60 29.07 -6.68
CA LYS F 75 -30.06 29.13 -6.76
C LYS F 75 -30.69 27.75 -6.63
N ASN F 76 -29.84 26.75 -6.41
CA ASN F 76 -30.30 25.38 -6.15
C ASN F 76 -31.04 24.73 -7.30
N GLN F 77 -30.47 24.78 -8.50
CA GLN F 77 -31.07 24.14 -9.66
C GLN F 77 -30.02 23.71 -10.68
N PHE F 78 -30.37 22.75 -11.52
CA PHE F 78 -29.53 22.38 -12.64
C PHE F 78 -30.32 22.37 -13.94
N SER F 79 -29.60 22.32 -15.06
CA SER F 79 -30.24 22.60 -16.33
C SER F 79 -29.79 21.72 -17.47
N LEU F 80 -30.64 21.63 -18.48
CA LEU F 80 -30.33 20.85 -19.65
C LEU F 80 -30.22 21.74 -20.87
N LYS F 81 -29.43 21.31 -21.83
CA LYS F 81 -29.31 22.01 -23.11
C LYS F 81 -29.20 20.99 -24.24
N LEU F 82 -30.18 20.96 -25.13
CA LEU F 82 -30.15 20.00 -26.22
C LEU F 82 -30.17 20.66 -27.59
N THR F 83 -29.16 20.32 -28.38
CA THR F 83 -28.88 20.99 -29.64
C THR F 83 -29.59 20.32 -30.82
N SER F 84 -30.04 21.13 -31.77
CA SER F 84 -30.58 20.62 -33.03
C SER F 84 -31.77 19.70 -32.83
N MET F 85 -32.76 20.19 -32.09
CA MET F 85 -33.96 19.42 -31.81
C MET F 85 -34.64 18.96 -33.09
N THR F 86 -35.04 17.71 -33.12
CA THR F 86 -35.84 17.18 -34.21
C THR F 86 -36.99 16.38 -33.63
N ALA F 87 -37.96 16.02 -34.48
CA ALA F 87 -39.11 15.24 -34.03
C ALA F 87 -38.69 14.07 -33.15
N ALA F 88 -37.57 13.44 -33.51
CA ALA F 88 -37.05 12.31 -32.74
C ALA F 88 -36.71 12.69 -31.31
N ASP F 89 -36.63 13.99 -31.03
CA ASP F 89 -36.29 14.44 -29.69
C ASP F 89 -37.52 14.78 -28.86
N THR F 90 -38.70 14.66 -29.46
CA THR F 90 -39.95 14.91 -28.74
C THR F 90 -40.13 13.86 -27.65
N ALA F 91 -40.20 14.30 -26.39
CA ALA F 91 -40.25 13.38 -25.26
C ALA F 91 -40.61 14.07 -23.95
N VAL F 92 -40.87 13.26 -22.94
CA VAL F 92 -40.97 13.76 -21.57
C VAL F 92 -39.57 13.73 -20.98
N TYR F 93 -39.15 14.87 -20.44
CA TYR F 93 -37.83 14.96 -19.86
C TYR F 93 -37.92 15.00 -18.34
N TYR F 94 -37.18 14.12 -17.68
CA TYR F 94 -37.18 14.07 -16.22
C TYR F 94 -35.82 14.45 -15.66
N CYS F 95 -35.85 15.16 -14.53
CA CYS F 95 -34.64 15.32 -13.74
C CYS F 95 -34.75 14.35 -12.58
N ALA F 96 -33.61 13.86 -12.11
CA ALA F 96 -33.60 12.95 -10.97
C ALA F 96 -32.25 12.99 -10.29
N ARG F 97 -32.24 12.73 -8.99
CA ARG F 97 -30.99 12.70 -8.25
C ARG F 97 -30.31 11.36 -8.44
N GLY F 98 -28.98 11.36 -8.46
CA GLY F 98 -28.22 10.15 -8.76
C GLY F 98 -27.69 10.19 -10.18
N PRO F 99 -27.30 9.02 -10.72
CA PRO F 99 -27.44 7.71 -10.08
C PRO F 99 -26.31 7.39 -9.12
N VAL F 100 -25.22 8.14 -9.18
CA VAL F 100 -24.11 7.94 -8.28
C VAL F 100 -24.42 8.52 -6.90
N PRO F 101 -24.11 7.78 -5.83
CA PRO F 101 -24.33 8.26 -4.47
C PRO F 101 -23.36 9.38 -4.11
N ALA F 102 -23.73 10.19 -3.12
CA ALA F 102 -22.88 11.30 -2.71
C ALA F 102 -21.51 10.80 -2.32
N VAL F 103 -21.48 9.75 -1.50
CA VAL F 103 -20.23 9.17 -1.05
C VAL F 103 -20.04 7.78 -1.66
N PHE F 104 -18.80 7.32 -1.70
CA PHE F 104 -18.46 6.07 -2.39
C PHE F 104 -19.20 4.84 -1.84
N TYR F 105 -19.52 4.87 -0.54
CA TYR F 105 -20.21 3.73 0.07
C TYR F 105 -21.72 3.91 0.13
N GLY F 106 -22.22 4.90 -0.60
CA GLY F 106 -23.65 5.12 -0.70
C GLY F 106 -24.28 4.13 -1.64
N ASP F 107 -25.54 4.36 -2.00
CA ASP F 107 -26.26 3.45 -2.88
C ASP F 107 -26.46 4.05 -4.27
N TYR F 108 -26.40 3.19 -5.28
CA TYR F 108 -26.52 3.62 -6.66
C TYR F 108 -27.96 3.51 -7.15
N ARG F 109 -28.58 4.66 -7.41
CA ARG F 109 -29.97 4.67 -7.85
C ARG F 109 -30.43 6.08 -8.23
N LEU F 110 -31.46 6.14 -9.07
CA LEU F 110 -32.08 7.41 -9.40
C LEU F 110 -33.24 7.64 -8.45
N ASP F 111 -33.02 8.49 -7.47
CA ASP F 111 -34.08 8.89 -6.54
C ASP F 111 -34.12 10.41 -6.37
N PRO F 112 -35.06 10.88 -5.56
CA PRO F 112 -36.26 11.55 -6.08
C PRO F 112 -36.21 11.68 -7.60
N TRP F 113 -37.38 11.63 -8.23
CA TRP F 113 -37.53 12.09 -9.60
C TRP F 113 -38.27 13.43 -9.67
N GLY F 114 -38.37 13.99 -10.86
CA GLY F 114 -39.24 15.13 -11.10
C GLY F 114 -40.62 14.63 -11.53
N GLN F 115 -41.42 15.52 -12.08
CA GLN F 115 -42.70 15.13 -12.64
C GLN F 115 -42.50 14.85 -14.11
N GLY F 116 -41.50 15.51 -14.69
CA GLY F 116 -41.25 15.44 -16.12
C GLY F 116 -41.94 16.57 -16.85
N THR F 117 -41.33 17.04 -17.93
CA THR F 117 -41.94 18.00 -18.82
C THR F 117 -42.03 17.42 -20.21
N LEU F 118 -43.19 17.57 -20.83
CA LEU F 118 -43.35 17.16 -22.21
C LEU F 118 -42.86 18.26 -23.14
N VAL F 119 -41.81 17.96 -23.89
CA VAL F 119 -41.31 18.89 -24.89
C VAL F 119 -41.68 18.39 -26.27
N THR F 120 -42.24 19.28 -27.06
CA THR F 120 -42.66 18.95 -28.42
C THR F 120 -41.82 19.75 -29.40
N VAL F 121 -41.25 19.06 -30.40
CA VAL F 121 -40.52 19.73 -31.45
C VAL F 121 -41.43 19.99 -32.63
N SER F 122 -41.71 21.26 -32.90
CA SER F 122 -42.63 21.64 -33.96
C SER F 122 -42.52 23.11 -34.36
N SER F 123 -42.76 23.38 -35.63
CA SER F 123 -42.76 24.74 -36.13
C SER F 123 -44.13 25.39 -35.92
N ALA F 124 -45.16 24.57 -35.70
CA ALA F 124 -46.51 25.07 -35.48
C ALA F 124 -46.55 26.00 -34.26
N SER F 125 -47.52 26.91 -34.23
CA SER F 125 -47.64 27.87 -33.14
C SER F 125 -48.38 27.28 -31.95
N THR F 126 -48.18 27.89 -30.80
CA THR F 126 -48.95 27.53 -29.63
C THR F 126 -50.36 28.05 -29.81
N LYS F 127 -51.34 27.27 -29.38
CA LYS F 127 -52.72 27.70 -29.43
C LYS F 127 -53.49 27.26 -28.19
N GLY F 128 -54.18 28.20 -27.55
CA GLY F 128 -54.94 27.91 -26.36
C GLY F 128 -56.21 27.12 -26.66
N PRO F 129 -56.68 26.33 -25.70
CA PRO F 129 -57.85 25.50 -25.85
C PRO F 129 -59.14 26.29 -25.75
N SER F 130 -60.22 25.74 -26.28
CA SER F 130 -61.54 26.26 -26.03
C SER F 130 -62.28 25.21 -25.23
N VAL F 131 -62.89 25.63 -24.12
CA VAL F 131 -63.55 24.69 -23.23
C VAL F 131 -65.06 24.77 -23.32
N PHE F 132 -65.69 23.60 -23.42
CA PHE F 132 -67.12 23.52 -23.50
C PHE F 132 -67.63 22.51 -22.49
N PRO F 133 -68.81 22.78 -21.93
CA PRO F 133 -69.39 21.89 -20.96
C PRO F 133 -70.02 20.66 -21.60
N LEU F 134 -69.95 19.53 -20.90
CA LEU F 134 -70.72 18.36 -21.25
C LEU F 134 -71.85 18.28 -20.26
N ALA F 135 -72.93 18.99 -20.56
CA ALA F 135 -74.04 19.12 -19.65
C ALA F 135 -74.65 17.77 -19.31
N PRO F 136 -74.92 17.53 -18.02
CA PRO F 136 -75.45 16.26 -17.54
C PRO F 136 -76.89 16.08 -17.98
N SER F 137 -77.24 14.85 -18.33
CA SER F 137 -78.59 14.57 -18.76
C SER F 137 -79.51 14.40 -17.56
N SER F 138 -80.69 15.01 -17.64
CA SER F 138 -81.73 14.77 -16.65
C SER F 138 -82.34 13.41 -16.93
N LYS F 139 -82.03 12.87 -18.11
CA LYS F 139 -82.50 11.54 -18.48
C LYS F 139 -81.54 10.46 -17.97
N SER F 140 -80.26 10.62 -18.28
CA SER F 140 -79.36 9.48 -18.43
C SER F 140 -79.64 8.42 -17.36
N THR F 141 -79.32 8.74 -16.11
CA THR F 141 -79.65 7.87 -14.99
C THR F 141 -80.02 8.68 -13.75
N SER F 142 -81.10 9.45 -13.85
CA SER F 142 -81.50 10.35 -12.78
C SER F 142 -82.06 9.59 -11.57
N GLY F 143 -81.93 8.27 -11.61
CA GLY F 143 -82.16 7.42 -10.45
C GLY F 143 -80.85 6.72 -10.13
N GLY F 144 -80.02 7.37 -9.32
CA GLY F 144 -78.68 6.86 -9.01
C GLY F 144 -77.63 7.93 -9.21
N THR F 145 -76.76 7.73 -10.20
CA THR F 145 -75.69 8.68 -10.51
C THR F 145 -75.68 9.09 -11.98
N ALA F 146 -75.28 10.34 -12.25
CA ALA F 146 -75.19 10.85 -13.62
C ALA F 146 -73.77 11.29 -13.97
N ALA F 147 -73.55 11.62 -15.23
CA ALA F 147 -72.21 11.98 -15.70
C ALA F 147 -72.19 13.31 -16.45
N LEU F 148 -71.11 14.06 -16.27
CA LEU F 148 -70.92 15.33 -16.94
C LEU F 148 -69.43 15.53 -17.17
N GLY F 149 -69.06 16.60 -17.86
CA GLY F 149 -67.65 16.87 -18.08
C GLY F 149 -67.30 18.14 -18.82
N CYS F 150 -66.04 18.19 -19.25
CA CYS F 150 -65.54 19.32 -20.03
C CYS F 150 -64.95 18.84 -21.34
N LEU F 151 -65.29 19.53 -22.41
CA LEU F 151 -64.66 19.27 -23.69
C LEU F 151 -63.59 20.32 -23.92
N VAL F 152 -62.34 19.89 -23.85
CA VAL F 152 -61.22 20.77 -24.15
C VAL F 152 -60.84 20.61 -25.60
N LYS F 153 -61.08 21.64 -26.40
CA LYS F 153 -60.96 21.48 -27.84
C LYS F 153 -59.96 22.44 -28.50
N ASP F 154 -59.29 21.93 -29.53
CA ASP F 154 -58.47 22.74 -30.43
C ASP F 154 -57.32 23.49 -29.76
N TYR F 155 -56.36 22.75 -29.25
CA TYR F 155 -55.20 23.36 -28.61
C TYR F 155 -53.92 22.71 -29.07
N PHE F 156 -52.81 23.41 -28.90
CA PHE F 156 -51.51 22.89 -29.29
C PHE F 156 -50.39 23.69 -28.65
N PRO F 157 -49.33 23.00 -28.20
CA PRO F 157 -49.19 21.56 -28.22
C PRO F 157 -49.72 20.96 -26.94
N GLU F 158 -49.34 19.71 -26.66
CA GLU F 158 -49.71 19.10 -25.41
C GLU F 158 -48.76 19.55 -24.31
N PRO F 159 -49.15 19.33 -23.05
CA PRO F 159 -50.42 18.77 -22.62
C PRO F 159 -51.35 19.83 -22.02
N VAL F 160 -52.53 19.38 -21.62
CA VAL F 160 -53.40 20.16 -20.75
C VAL F 160 -53.64 19.34 -19.50
N THR F 161 -54.14 19.98 -18.45
CA THR F 161 -54.42 19.28 -17.21
C THR F 161 -55.70 19.80 -16.61
N VAL F 162 -56.66 18.91 -16.40
CA VAL F 162 -57.95 19.28 -15.84
C VAL F 162 -58.02 18.84 -14.39
N SER F 163 -58.79 19.58 -13.60
CA SER F 163 -59.16 19.15 -12.25
C SER F 163 -60.57 19.63 -12.01
N TRP F 164 -61.20 19.16 -10.93
CA TRP F 164 -62.59 19.54 -10.70
C TRP F 164 -62.78 20.20 -9.36
N ASN F 165 -63.52 21.31 -9.37
CA ASN F 165 -63.73 22.12 -8.18
C ASN F 165 -62.42 22.35 -7.47
N SER F 166 -61.40 22.69 -8.25
CA SER F 166 -60.05 22.92 -7.74
C SER F 166 -59.44 21.69 -7.10
N GLY F 167 -59.79 20.51 -7.61
CA GLY F 167 -59.24 19.27 -7.12
C GLY F 167 -59.84 18.80 -5.81
N ALA F 168 -60.91 19.47 -5.39
CA ALA F 168 -61.68 18.99 -4.25
C ALA F 168 -62.33 17.67 -4.65
N LEU F 169 -63.04 17.68 -5.78
CA LEU F 169 -63.60 16.46 -6.36
C LEU F 169 -62.54 15.74 -7.20
N THR F 170 -62.23 14.50 -6.82
CA THR F 170 -61.17 13.74 -7.49
C THR F 170 -61.60 12.35 -7.93
N SER F 171 -62.36 11.65 -7.10
CA SER F 171 -62.77 10.28 -7.44
C SER F 171 -63.99 10.25 -8.36
N GLY F 172 -64.00 9.30 -9.28
CA GLY F 172 -65.05 9.21 -10.28
C GLY F 172 -64.69 10.01 -11.52
N VAL F 173 -63.53 10.66 -11.48
CA VAL F 173 -63.05 11.47 -12.59
C VAL F 173 -62.23 10.67 -13.57
N HIS F 174 -62.50 10.85 -14.86
CA HIS F 174 -61.69 10.30 -15.92
C HIS F 174 -61.31 11.40 -16.92
N THR F 175 -60.02 11.59 -17.14
CA THR F 175 -59.56 12.49 -18.18
C THR F 175 -58.93 11.68 -19.30
N PHE F 176 -59.45 11.85 -20.51
CA PHE F 176 -59.04 11.00 -21.62
C PHE F 176 -57.76 11.48 -22.28
N PRO F 177 -56.97 10.53 -22.80
CA PRO F 177 -55.85 10.88 -23.66
C PRO F 177 -56.33 11.81 -24.76
N ALA F 178 -55.49 12.75 -25.14
CA ALA F 178 -55.84 13.68 -26.22
C ALA F 178 -55.84 12.95 -27.56
N VAL F 179 -56.60 13.49 -28.51
CA VAL F 179 -56.55 12.99 -29.88
C VAL F 179 -56.13 14.11 -30.83
N LEU F 180 -55.34 13.76 -31.83
CA LEU F 180 -54.91 14.75 -32.79
C LEU F 180 -55.94 14.88 -33.89
N GLN F 181 -56.58 16.04 -33.97
CA GLN F 181 -57.54 16.31 -35.03
C GLN F 181 -56.82 16.64 -36.32
N SER F 182 -57.42 16.26 -37.45
CA SER F 182 -56.80 16.49 -38.75
C SER F 182 -56.39 17.96 -38.92
N SER F 183 -56.96 18.82 -38.08
CA SER F 183 -56.62 20.24 -38.09
C SER F 183 -55.21 20.47 -37.54
N GLY F 184 -54.63 19.43 -36.95
CA GLY F 184 -53.30 19.53 -36.36
C GLY F 184 -53.36 20.01 -34.93
N LEU F 185 -54.57 20.06 -34.39
CA LEU F 185 -54.77 20.51 -33.02
C LEU F 185 -55.31 19.37 -32.17
N TYR F 186 -54.97 19.39 -30.89
CA TYR F 186 -55.41 18.35 -29.99
C TYR F 186 -56.79 18.65 -29.43
N SER F 187 -57.42 17.61 -28.88
CA SER F 187 -58.70 17.74 -28.21
C SER F 187 -58.97 16.55 -27.31
N LEU F 188 -59.34 16.83 -26.08
CA LEU F 188 -59.69 15.76 -25.15
C LEU F 188 -60.90 16.16 -24.36
N SER F 189 -61.42 15.21 -23.62
CA SER F 189 -62.51 15.48 -22.70
C SER F 189 -62.18 14.88 -21.34
N SER F 190 -62.66 15.53 -20.30
CA SER F 190 -62.55 14.99 -18.96
C SER F 190 -63.93 14.90 -18.37
N VAL F 191 -64.22 13.79 -17.72
CA VAL F 191 -65.54 13.55 -17.19
C VAL F 191 -65.50 13.06 -15.76
N VAL F 192 -66.64 13.19 -15.10
CA VAL F 192 -66.79 12.71 -13.74
C VAL F 192 -68.23 12.27 -13.55
N THR F 193 -68.44 11.33 -12.62
CA THR F 193 -69.77 10.84 -12.33
C THR F 193 -70.15 11.22 -10.92
N VAL F 194 -71.40 11.62 -10.73
CA VAL F 194 -71.88 12.11 -9.43
C VAL F 194 -73.35 11.73 -9.20
N PRO F 195 -73.72 11.45 -7.95
CA PRO F 195 -75.11 11.15 -7.60
C PRO F 195 -76.06 12.24 -8.09
N SER F 196 -77.13 11.83 -8.76
CA SER F 196 -78.08 12.76 -9.36
C SER F 196 -78.62 13.75 -8.35
N SER F 197 -78.93 13.25 -7.16
CA SER F 197 -79.44 14.09 -6.08
C SER F 197 -78.62 15.38 -5.91
N SER F 198 -77.31 15.26 -6.10
CA SER F 198 -76.39 16.37 -5.86
C SER F 198 -76.44 17.46 -6.93
N LEU F 199 -76.91 17.09 -8.12
CA LEU F 199 -76.98 18.02 -9.25
C LEU F 199 -77.58 19.38 -8.89
N GLY F 200 -78.61 19.38 -8.04
CA GLY F 200 -79.34 20.61 -7.73
C GLY F 200 -78.63 21.55 -6.79
N THR F 201 -77.89 21.00 -5.83
CA THR F 201 -77.22 21.80 -4.81
C THR F 201 -75.75 22.04 -5.12
N GLN F 202 -75.03 20.95 -5.36
CA GLN F 202 -73.59 21.02 -5.61
C GLN F 202 -73.29 21.69 -6.96
N THR F 203 -72.25 22.52 -6.99
CA THR F 203 -71.83 23.22 -8.21
C THR F 203 -70.53 22.63 -8.76
N TYR F 204 -70.43 22.56 -10.09
CA TYR F 204 -69.29 21.89 -10.73
C TYR F 204 -68.50 22.74 -11.71
N ILE F 205 -67.22 22.89 -11.43
CA ILE F 205 -66.32 23.66 -12.28
C ILE F 205 -65.12 22.81 -12.60
N CYS F 206 -64.80 22.66 -13.87
CA CYS F 206 -63.54 22.03 -14.22
C CYS F 206 -62.50 23.12 -14.39
N ASN F 207 -61.27 22.80 -14.01
CA ASN F 207 -60.18 23.74 -14.05
C ASN F 207 -59.16 23.26 -15.06
N VAL F 208 -59.11 23.96 -16.19
CA VAL F 208 -58.27 23.55 -17.29
C VAL F 208 -56.99 24.37 -17.37
N ASN F 209 -55.87 23.68 -17.41
CA ASN F 209 -54.58 24.35 -17.56
C ASN F 209 -53.84 23.97 -18.84
N HIS F 210 -53.42 24.99 -19.58
CA HIS F 210 -52.58 24.78 -20.75
C HIS F 210 -51.35 25.66 -20.67
N LYS F 211 -50.33 25.18 -19.95
CA LYS F 211 -49.14 25.95 -19.67
C LYS F 211 -48.52 26.60 -20.91
N PRO F 212 -48.31 25.81 -21.97
CA PRO F 212 -47.70 26.31 -23.20
C PRO F 212 -48.28 27.64 -23.69
N SER F 213 -49.57 27.86 -23.46
CA SER F 213 -50.22 29.09 -23.91
C SER F 213 -50.59 30.02 -22.76
N ASN F 214 -50.13 29.69 -21.56
CA ASN F 214 -50.40 30.51 -20.38
C ASN F 214 -51.88 30.62 -20.08
N THR F 215 -52.62 29.58 -20.41
CA THR F 215 -54.06 29.58 -20.27
C THR F 215 -54.49 28.81 -19.03
N LYS F 216 -55.35 29.43 -18.24
CA LYS F 216 -56.04 28.76 -17.16
C LYS F 216 -57.51 29.11 -17.28
N VAL F 217 -58.34 28.09 -17.46
CA VAL F 217 -59.75 28.32 -17.66
C VAL F 217 -60.58 27.54 -16.64
N ASP F 218 -61.63 28.20 -16.13
CA ASP F 218 -62.56 27.56 -15.22
C ASP F 218 -63.97 27.66 -15.79
N LYS F 219 -64.48 26.54 -16.29
CA LYS F 219 -65.79 26.49 -16.92
C LYS F 219 -66.78 25.87 -15.95
N LYS F 220 -67.92 26.54 -15.77
CA LYS F 220 -68.98 26.00 -14.95
C LYS F 220 -69.83 25.05 -15.78
N VAL F 221 -69.94 23.80 -15.33
CA VAL F 221 -70.78 22.81 -16.00
C VAL F 221 -72.09 22.63 -15.22
N GLU F 222 -73.22 22.70 -15.92
CA GLU F 222 -74.53 22.57 -15.28
C GLU F 222 -75.60 22.11 -16.26
N PRO F 223 -76.74 21.62 -15.74
CA PRO F 223 -77.84 21.09 -16.55
C PRO F 223 -78.54 22.16 -17.38
N LYS F 224 -78.76 21.86 -18.66
CA LYS F 224 -79.51 22.74 -19.54
C LYS F 224 -81.00 22.41 -19.44
N SER F 225 -81.81 23.38 -19.05
CA SER F 225 -83.24 23.16 -18.90
C SER F 225 -84.06 24.40 -19.26
C1 NAG G . 4.20 -32.61 17.27
C2 NAG G . 3.08 -33.13 16.36
C3 NAG G . 3.36 -34.55 15.88
C4 NAG G . 4.81 -34.74 15.45
C5 NAG G . 5.76 -34.18 16.49
C6 NAG G . 7.21 -34.28 16.05
C7 NAG G . 0.72 -32.40 16.56
C8 NAG G . -0.30 -31.94 17.55
N2 NAG G . 1.79 -33.06 17.03
O3 NAG G . 2.53 -34.86 14.79
O4 NAG G . 5.05 -36.12 15.28
O5 NAG G . 5.46 -32.82 16.66
O6 NAG G . 7.84 -33.03 16.28
O7 NAG G . 0.54 -32.17 15.35
C1 NAG H . -11.76 -30.33 17.64
C2 NAG H . -11.09 -29.80 18.91
C3 NAG H . -11.54 -30.65 20.09
C4 NAG H . -13.07 -30.59 20.18
C5 NAG H . -13.73 -30.91 18.83
C6 NAG H . -15.23 -30.62 18.89
C7 NAG H . -8.76 -30.60 19.16
C8 NAG H . -7.75 -30.17 20.17
N2 NAG H . -9.65 -29.68 18.77
O3 NAG H . -10.98 -30.18 21.29
O4 NAG H . -13.51 -31.54 21.13
O5 NAG H . -13.16 -30.13 17.78
O6 NAG H . -15.80 -30.87 17.62
O7 NAG H . -8.73 -31.74 18.70
C1 NAG I . 2.53 -2.11 18.72
C2 NAG I . 3.39 -1.16 17.88
C3 NAG I . 3.19 0.32 18.24
C4 NAG I . 1.72 0.62 18.36
C5 NAG I . 1.13 -0.30 19.40
C6 NAG I . -0.33 0.03 19.64
C7 NAG I . 5.72 -1.22 17.15
C8 NAG I . 7.14 -1.23 17.63
N2 NAG I . 4.79 -1.48 18.05
O3 NAG I . 3.73 1.14 17.23
O4 NAG I . 1.55 1.97 18.72
O5 NAG I . 1.22 -1.63 18.91
O6 NAG I . -1.06 -0.38 18.51
O7 NAG I . 5.47 -0.98 15.96
C1 NAG J . 16.15 -33.68 14.69
C2 NAG J . 16.18 -34.63 13.51
C3 NAG J . 17.13 -35.80 13.77
C4 NAG J . 18.49 -35.26 14.18
C5 NAG J . 18.33 -34.29 15.35
C6 NAG J . 19.67 -33.71 15.78
C7 NAG J . 14.35 -35.12 11.98
C8 NAG J . 15.16 -34.45 10.91
N2 NAG J . 14.86 -35.14 13.22
O3 NAG J . 17.25 -36.58 12.61
O4 NAG J . 19.31 -36.33 14.58
O5 NAG J . 17.46 -33.24 14.96
O6 NAG J . 20.41 -33.31 14.65
O7 NAG J . 13.27 -35.63 11.71
C1 NAG K . -0.43 -18.49 30.90
C2 NAG K . -1.36 -18.72 32.09
C3 NAG K . -0.55 -18.75 33.38
C4 NAG K . 0.59 -19.76 33.25
C5 NAG K . 1.38 -19.53 31.96
C6 NAG K . 2.51 -20.55 31.81
C7 NAG K . -2.24 -16.42 32.38
C8 NAG K . -2.28 -15.95 33.81
N2 NAG K . -2.43 -17.73 32.16
O3 NAG K . -1.37 -19.13 34.46
O4 NAG K . 1.46 -19.62 34.35
O5 NAG K . 0.50 -19.54 30.86
O6 NAG K . 2.07 -21.72 31.16
O7 NAG K . -2.06 -15.62 31.47
C1 NAG L . 4.53 3.55 29.22
C2 NAG L . 3.07 3.26 28.85
C3 NAG L . 2.25 2.91 30.08
C4 NAG L . 2.97 1.88 30.96
C5 NAG L . 4.37 2.39 31.26
C6 NAG L . 5.15 1.46 32.20
C7 NAG L . 2.49 5.63 28.49
C8 NAG L . 1.58 6.57 27.74
N2 NAG L . 2.48 4.36 28.10
O3 NAG L . 1.00 2.39 29.69
O4 NAG L . 2.26 1.66 32.14
O5 NAG L . 5.06 2.52 30.03
O6 NAG L . 4.72 0.13 32.01
O7 NAG L . 3.19 6.06 29.40
C1 NAG M . 18.05 14.88 18.15
C2 NAG M . 19.15 13.85 17.84
C3 NAG M . 20.43 14.10 18.65
C4 NAG M . 20.15 14.33 20.13
C5 NAG M . 18.83 15.06 20.35
C6 NAG M . 18.89 16.04 21.53
C7 NAG M . 19.36 11.38 17.70
C8 NAG M . 19.61 10.36 18.78
N2 NAG M . 18.68 12.48 18.06
O3 NAG M . 21.13 15.21 18.10
O4 NAG M . 20.14 13.09 20.81
O5 NAG M . 18.48 15.76 19.17
O6 NAG M . 17.72 15.90 22.32
O7 NAG M . 19.78 11.19 16.56
C1 NAG N . 10.90 4.06 32.98
C2 NAG N . 11.93 5.19 33.01
C3 NAG N . 11.28 6.58 32.94
C4 NAG N . 10.19 6.61 31.88
C5 NAG N . 9.21 5.48 32.14
C6 NAG N . 8.04 5.55 31.16
C7 NAG N . 13.03 6.08 35.01
C8 NAG N . 14.41 6.66 34.91
N2 NAG N . 12.75 5.06 34.20
O3 NAG N . 12.26 7.56 32.65
O4 NAG N . 9.54 7.86 31.91
O5 NAG N . 9.91 4.27 31.98
O6 NAG N . 7.60 4.21 30.87
O7 NAG N . 12.22 6.53 35.82
C1 NAG O . 18.30 -35.74 32.51
C2 NAG O . 19.64 -36.36 32.07
C3 NAG O . 19.50 -37.72 31.35
C4 NAG O . 18.35 -37.76 30.33
C5 NAG O . 17.35 -36.63 30.56
C6 NAG O . 15.99 -36.89 29.93
C7 NAG O . 21.68 -35.62 30.92
C8 NAG O . 21.99 -35.96 29.49
N2 NAG O . 20.39 -35.43 31.23
O3 NAG O . 19.35 -38.76 32.29
O4 NAG O . 18.88 -37.68 29.03
O5 NAG O . 17.21 -36.44 31.95
O6 NAG O . 15.71 -38.26 29.89
O7 NAG O . 22.60 -35.52 31.74
C1 NAG P . 25.67 -3.69 26.79
C2 NAG P . 25.60 -3.97 28.29
C3 NAG P . 26.98 -4.24 28.85
C4 NAG P . 27.60 -5.39 28.07
C5 NAG P . 27.64 -5.03 26.59
C6 NAG P . 28.18 -6.22 25.77
C7 NAG P . 24.01 -3.05 29.86
C8 NAG P . 24.15 -2.34 31.19
N2 NAG P . 24.99 -2.85 28.98
O3 NAG P . 26.84 -4.61 30.21
O4 NAG P . 28.89 -5.65 28.55
O5 NAG P . 26.35 -4.72 26.11
O6 NAG P . 27.17 -6.75 24.94
O7 NAG P . 23.02 -3.75 29.63
C1 NAG Q . 22.07 -15.90 38.73
C2 NAG Q . 23.17 -16.88 39.13
C3 NAG Q . 24.39 -16.11 39.60
C4 NAG Q . 24.85 -15.14 38.52
C5 NAG Q . 23.71 -14.25 38.04
C6 NAG Q . 24.12 -13.49 36.78
C7 NAG Q . 22.46 -19.12 39.84
C8 NAG Q . 21.58 -19.88 40.79
N2 NAG Q . 22.70 -17.83 40.13
O3 NAG Q . 25.45 -17.01 39.90
O4 NAG Q . 25.89 -14.32 39.02
O5 NAG Q . 22.54 -15.01 37.73
O6 NAG Q . 24.89 -12.36 37.11
O7 NAG Q . 22.93 -19.69 38.86
C1 NAG R . -1.38 -5.14 24.22
C2 NAG R . -2.09 -3.86 23.80
C3 NAG R . -3.61 -3.85 24.00
C4 NAG R . -4.27 -5.23 24.13
C5 NAG R . -3.34 -6.28 24.70
C6 NAG R . -3.95 -7.67 24.68
C7 NAG R . -0.49 -2.03 24.06
C8 NAG R . 0.44 -1.46 25.09
N2 NAG R . -1.52 -2.72 24.52
O3 NAG R . -4.19 -3.17 22.91
O4 NAG R . -5.41 -5.11 24.94
O5 NAG R . -2.16 -6.27 23.93
O6 NAG R . -3.13 -8.56 25.41
O7 NAG R . -0.29 -1.83 22.87
C1 NAG S . 28.93 -32.12 34.13
C2 NAG S . 28.10 -31.00 34.84
C3 NAG S . 27.90 -31.17 36.39
C4 NAG S . 29.16 -31.74 37.11
C5 NAG S . 30.08 -32.54 36.14
C6 NAG S . 30.84 -33.65 36.87
C7 NAG S . 28.28 -28.56 35.24
C8 NAG S . 29.35 -27.80 35.99
N2 NAG S . 28.69 -29.67 34.59
O3 NAG S . 26.72 -31.99 36.63
O4 NAG S . 29.90 -30.67 37.71
O5 NAG S . 29.28 -33.09 35.10
O6 NAG S . 31.31 -34.62 35.86
O7 NAG S . 27.09 -28.12 35.22
C1 NAG T . -8.83 35.95 5.59
C2 NAG T . -7.36 36.24 5.30
C3 NAG T . -7.18 37.30 4.21
C4 NAG T . -8.08 36.99 3.02
C5 NAG T . -9.52 36.82 3.47
C6 NAG T . -10.42 36.50 2.28
C7 NAG T . -5.60 35.97 7.00
C8 NAG T . -4.26 36.25 6.38
N2 NAG T . -6.65 36.64 6.51
O3 NAG T . -5.84 37.34 3.78
O4 NAG T . -7.99 38.05 2.09
O5 NAG T . -9.58 35.76 4.40
O6 NAG T . -10.11 35.21 1.79
O7 NAG T . -5.70 35.17 7.93
C1 NAG U . 6.42 34.59 11.98
C2 NAG U . 5.34 35.26 12.84
C3 NAG U . 5.84 35.91 14.13
C4 NAG U . 6.95 35.08 14.77
C5 NAG U . 8.05 34.88 13.74
C6 NAG U . 9.26 34.20 14.36
C7 NAG U . 3.35 36.45 12.04
C8 NAG U . 2.85 37.78 11.54
N2 NAG U . 4.67 36.29 12.04
O3 NAG U . 4.78 36.05 15.05
O4 NAG U . 7.44 35.74 15.92
O5 NAG U . 7.52 34.06 12.71
O6 NAG U . 10.36 34.32 13.49
O7 NAG U . 2.55 35.58 12.41
C1 NAG V . -8.76 6.92 15.34
C2 NAG V . -9.49 5.71 14.74
C3 NAG V . -9.73 4.68 15.83
C4 NAG V . -8.40 4.30 16.47
C5 NAG V . -7.68 5.57 16.93
C6 NAG V . -6.30 5.24 17.48
C7 NAG V . -11.25 5.48 13.09
C8 NAG V . -12.70 5.11 13.16
N2 NAG V . -10.75 6.11 14.15
O3 NAG V . -10.36 3.53 15.29
O4 NAG V . -8.63 3.41 17.53
O5 NAG V . -7.52 6.48 15.86
O6 NAG V . -5.44 4.90 16.41
O7 NAG V . -10.60 5.21 12.08
C1 NAG W . -18.96 35.59 -1.47
C2 NAG W . -18.93 35.91 -2.96
C3 NAG W . -19.70 37.19 -3.18
C4 NAG W . -21.15 36.91 -2.80
C5 NAG W . -21.30 36.16 -1.47
C6 NAG W . -22.68 35.51 -1.37
C7 NAG W . -17.40 35.61 -4.79
C8 NAG W . -18.36 34.60 -5.36
N2 NAG W . -17.60 36.00 -3.53
O3 NAG W . -19.61 37.58 -4.53
O4 NAG W . -21.83 38.15 -2.71
O5 NAG W . -20.29 35.18 -1.21
O6 NAG W . -23.21 35.26 -2.67
O7 NAG W . -16.47 36.04 -5.48
C1 NAG X . -9.59 26.03 23.26
C2 NAG X . -9.24 26.45 24.70
C3 NAG X . -10.47 26.16 25.54
C4 NAG X . -11.59 27.07 25.05
C5 NAG X . -11.74 27.08 23.52
C6 NAG X . -12.46 28.34 23.07
C7 NAG X . -7.77 24.59 25.45
C8 NAG X . -7.94 24.09 26.89
N2 NAG X . -8.01 25.88 25.24
O3 NAG X . -10.21 26.40 26.90
O4 NAG X . -12.80 26.67 25.64
O5 NAG X . -10.50 27.00 22.81
O6 NAG X . -12.06 28.72 21.77
O7 NAG X . -7.40 23.81 24.54
C1 NAG Y . -14.36 5.70 25.99
C2 NAG Y . -13.01 6.35 26.31
C3 NAG Y . -13.12 7.17 27.60
C4 NAG Y . -14.30 8.15 27.52
C5 NAG Y . -15.58 7.47 27.02
C6 NAG Y . -16.65 8.50 26.69
C7 NAG Y . -11.59 4.73 27.50
C8 NAG Y . -10.22 5.00 28.04
N2 NAG Y . -11.93 5.37 26.38
O3 NAG Y . -11.92 7.89 27.82
O4 NAG Y . -14.52 8.69 28.80
O5 NAG Y . -15.33 6.71 25.85
O6 NAG Y . -17.85 7.86 26.34
O7 NAG Y . -12.34 3.94 28.06
C1 NAG Z . -26.41 -11.24 15.22
C2 NAG Z . -27.08 -10.90 16.54
C3 NAG Z . -27.27 -12.18 17.35
C4 NAG Z . -28.01 -13.26 16.54
C5 NAG Z . -27.54 -13.33 15.07
C6 NAG Z . -28.60 -14.06 14.24
C7 NAG Z . -26.93 -8.85 17.84
C8 NAG Z . -26.98 -8.79 19.34
N2 NAG Z . -26.33 -9.90 17.30
O3 NAG Z . -27.98 -11.92 18.55
O4 NAG Z . -27.83 -14.52 17.16
O5 NAG Z . -27.32 -12.06 14.49
O6 NAG Z . -28.00 -15.13 13.54
O7 NAG Z . -27.44 -7.93 17.18
C1 NAG AA . -22.12 4.31 26.85
C2 NAG AA . -23.25 3.29 26.79
C3 NAG AA . -22.77 1.99 27.44
C4 NAG AA . -21.48 1.54 26.77
C5 NAG AA . -20.45 2.68 26.65
C6 NAG AA . -19.28 2.26 25.77
C7 NAG AA . -24.92 3.53 28.60
C8 NAG AA . -26.22 2.80 28.67
N2 NAG AA . -24.47 3.83 27.37
O3 NAG AA . -23.74 0.98 27.32
O4 NAG AA . -20.91 0.49 27.52
O5 NAG AA . -21.05 3.83 26.09
O6 NAG AA . -18.46 3.38 25.50
O7 NAG AA . -24.31 3.83 29.62
C1 NAG BA . -27.35 43.37 14.85
C2 NAG BA . -27.09 44.51 15.83
C3 NAG BA . -27.52 45.87 15.27
C4 NAG BA . -27.23 46.04 13.78
C5 NAG BA . -27.52 44.77 12.99
C6 NAG BA . -27.08 44.92 11.53
C7 NAG BA . -27.24 44.59 18.30
C8 NAG BA . -25.77 44.92 18.36
N2 NAG BA . -27.76 44.27 17.10
O3 NAG BA . -26.84 46.88 15.99
O4 NAG BA . -27.99 47.10 13.26
O5 NAG BA . -26.83 43.70 13.58
O6 NAG BA . -28.08 44.41 10.69
O7 NAG BA . -27.91 44.61 19.34
C1 NAG CA . -33.51 8.96 13.93
C2 NAG CA . -33.81 9.83 15.14
C3 NAG CA . -35.16 10.50 14.85
C4 NAG CA . -35.10 11.25 13.52
C5 NAG CA . -34.63 10.31 12.41
C6 NAG CA . -34.56 11.01 11.05
C7 NAG CA . -33.19 8.96 17.33
C8 NAG CA . -33.52 7.98 18.43
N2 NAG CA . -34.01 8.94 16.28
O3 NAG CA . -35.55 11.37 15.90
O4 NAG CA . -36.40 11.76 13.19
O5 NAG CA . -33.36 9.80 12.78
O6 NAG CA . -33.47 10.48 10.27
O7 NAG CA . -32.23 9.71 17.40
C1 NAG DA . -34.30 25.23 21.22
C2 NAG DA . -35.63 26.00 21.27
C3 NAG DA . -36.21 26.03 22.69
C4 NAG DA . -36.11 24.67 23.39
C5 NAG DA . -34.74 24.03 23.18
C6 NAG DA . -34.64 22.66 23.86
C7 NAG DA . -36.01 27.83 19.68
C8 NAG DA . -35.87 27.03 18.42
N2 NAG DA . -35.42 27.36 20.78
O3 NAG DA . -37.55 26.44 22.63
O4 NAG DA . -36.35 24.84 24.77
O5 NAG DA . -34.45 23.94 21.80
O6 NAG DA . -34.85 21.63 22.92
O7 NAG DA . -36.63 28.88 19.69
C1 NAG EA . -21.40 7.22 29.96
C2 NAG EA . -20.68 6.22 30.88
C3 NAG EA . -19.43 5.64 30.20
C4 NAG EA . -18.70 6.69 29.37
C5 NAG EA . -19.19 8.08 29.80
C6 NAG EA . -18.35 9.24 29.24
C7 NAG EA . -21.21 7.39 32.99
C8 NAG EA . -21.00 8.86 33.27
N2 NAG EA . -20.33 6.80 32.17
O3 NAG EA . -19.77 4.52 29.41
O4 NAG EA . -17.30 6.58 29.52
O5 NAG EA . -20.55 8.23 29.43
O6 NAG EA . -18.38 10.35 30.10
O7 NAG EA . -22.15 6.79 33.50
C1 NAG FA . -7.08 10.88 20.73
C2 NAG FA . -6.54 9.46 20.95
C3 NAG FA . -5.40 9.46 21.94
C4 NAG FA . -4.33 10.47 21.51
C5 NAG FA . -4.97 11.84 21.29
C6 NAG FA . -3.92 12.84 20.81
C7 NAG FA . -7.90 7.42 20.73
C8 NAG FA . -7.20 6.18 21.20
N2 NAG FA . -7.61 8.55 21.38
O3 NAG FA . -4.83 8.17 22.03
O4 NAG FA . -3.33 10.58 22.50
O5 NAG FA . -6.02 11.74 20.34
O6 NAG FA . -4.44 13.60 19.73
O7 NAG FA . -8.70 7.37 19.79
C1 NAG GA . -36.13 40.21 10.31
C2 NAG GA . -35.89 41.59 10.96
C3 NAG GA . -35.14 42.54 10.01
C4 NAG GA . -33.90 41.86 9.41
C5 NAG GA . -34.32 40.56 8.74
C6 NAG GA . -33.11 39.84 8.14
C7 NAG GA . -37.21 43.21 12.26
C8 NAG GA . -37.93 44.46 11.82
N2 NAG GA . -37.14 42.20 11.39
O3 NAG GA . -34.74 43.71 10.71
O4 NAG GA . -33.28 42.72 8.47
O5 NAG GA . -34.95 39.72 9.69
O6 NAG GA . -33.45 39.28 6.87
O7 NAG GA . -36.71 43.17 13.39
#